data_8QJS
#
_entry.id   8QJS
#
_cell.length_a   93.235
_cell.length_b   93.235
_cell.length_c   361.904
_cell.angle_alpha   90
_cell.angle_beta   90
_cell.angle_gamma   90
#
_symmetry.space_group_name_H-M   'P 41 2 2'
#
loop_
_entity.id
_entity.type
_entity.pdbx_description
1 polymer Elongin-B
2 polymer Elongin-C
3 polymer 'von Hippel-Lindau disease tumor suppressor'
4 non-polymer (2S,4R)-1-[(2R)-2-[3-[2-(2-methoxyethoxy)ethoxy]-1,2-oxazol-5-yl]-3-methyl-butanoyl]-N-[(1S)-1-[4-(4-methyl-1,3-thiazol-5-yl)phenyl]ethyl]-4-oxidanyl-pyrrolidine-2-carboxamide
5 water water
#
loop_
_entity_poly.entity_id
_entity_poly.type
_entity_poly.pdbx_seq_one_letter_code
_entity_poly.pdbx_strand_id
1 'polypeptide(L)'
;MDVFLMIRRHKTTIFTDAKESSTVFELKRIVEGILKRPPDEQRLYKDDQLLDDGKTLGECGFTSQTARPQAPATVGLAFR
ADDTFEALCIEPFSSPPELPDVMK
;
A,D,G,J
2 'polypeptide(L)'
;MMYVKLISSDGHEFIVKREHALTSGTIKAMLSGPGQFAENETNEVNFREIPSHVLSKVCMYFTYKVRYTNSSTEIPEFPI
APEIALELLMAANFLDC
;
B,E,H,K
3 'polypeptide(L)'
;GSMEAGRPRPVLRSVNSREPSQVIFCNRSPRVVLPVWLNFDGEPQPYPTLPPGTGRRIHSYRGHLWLFRDAGTHDGLLVN
QTELFVPSLNVDGQPIFANITLPVYTLKERCLQVVRSLVKPENYRRLDIVRSLYEDLEDHPNVQKDLERLTQERIAHQRM
GD
;
C,F,I,L
#
# COMPACT_ATOMS: atom_id res chain seq x y z
N MET A 1 13.44 -5.55 13.22
CA MET A 1 14.81 -5.80 13.64
C MET A 1 15.16 -7.26 13.41
N ASP A 2 16.27 -7.54 12.69
CA ASP A 2 16.67 -8.93 12.44
C ASP A 2 17.38 -9.59 13.62
N VAL A 3 17.11 -10.86 13.77
CA VAL A 3 17.65 -11.70 14.82
C VAL A 3 18.29 -12.91 14.10
N PHE A 4 19.53 -13.28 14.50
CA PHE A 4 20.28 -14.33 13.82
C PHE A 4 20.33 -15.58 14.66
N LEU A 5 19.85 -16.70 14.09
CA LEU A 5 19.62 -17.93 14.82
C LEU A 5 20.30 -19.19 14.30
N MET A 6 20.43 -20.18 15.20
CA MET A 6 20.88 -21.54 14.92
C MET A 6 19.77 -22.43 15.46
N ILE A 7 18.93 -22.99 14.59
CA ILE A 7 17.86 -23.89 15.01
C ILE A 7 18.45 -25.29 15.03
N ARG A 8 18.56 -25.89 16.22
CA ARG A 8 19.27 -27.15 16.39
C ARG A 8 18.47 -28.36 16.90
N ARG A 9 18.71 -29.52 16.28
CA ARG A 9 18.10 -30.78 16.67
C ARG A 9 19.05 -31.93 16.35
N HIS A 10 19.47 -32.69 17.37
CA HIS A 10 20.37 -33.83 17.21
C HIS A 10 21.69 -33.36 16.51
N LYS A 11 21.95 -33.77 15.26
CA LYS A 11 23.13 -33.31 14.54
C LYS A 11 22.74 -32.36 13.39
N THR A 12 21.62 -31.65 13.51
CA THR A 12 21.15 -30.72 12.51
C THR A 12 21.19 -29.31 13.08
N THR A 13 21.66 -28.34 12.28
CA THR A 13 21.73 -26.94 12.67
C THR A 13 21.35 -26.08 11.49
N ILE A 14 20.27 -25.32 11.61
CA ILE A 14 19.84 -24.42 10.54
C ILE A 14 20.28 -23.01 10.88
N PHE A 15 20.98 -22.35 9.98
CA PHE A 15 21.39 -20.97 10.16
C PHE A 15 20.41 -20.10 9.40
N THR A 16 19.59 -19.35 10.11
CA THR A 16 18.62 -18.46 9.49
C THR A 16 18.40 -17.20 10.32
N ASP A 17 17.79 -16.18 9.73
CA ASP A 17 17.45 -14.96 10.42
C ASP A 17 15.93 -14.80 10.41
N ALA A 18 15.43 -14.01 11.34
CA ALA A 18 13.99 -13.73 11.45
C ALA A 18 13.77 -12.35 12.10
N LYS A 19 12.54 -11.80 12.00
CA LYS A 19 12.28 -10.52 12.65
C LYS A 19 12.08 -10.75 14.15
N GLU A 20 12.43 -9.75 14.95
CA GLU A 20 12.23 -9.81 16.40
C GLU A 20 10.71 -9.90 16.71
N SER A 21 9.88 -9.24 15.88
CA SER A 21 8.43 -9.21 15.96
C SER A 21 7.76 -10.48 15.42
N SER A 22 8.50 -11.34 14.69
CA SER A 22 7.95 -12.57 14.15
C SER A 22 7.68 -13.57 15.30
N THR A 23 6.74 -14.48 15.11
CA THR A 23 6.33 -15.41 16.17
C THR A 23 7.05 -16.76 16.13
N VAL A 24 6.97 -17.52 17.22
CA VAL A 24 7.49 -18.88 17.32
C VAL A 24 6.79 -19.75 16.27
N PHE A 25 5.47 -19.53 16.03
CA PHE A 25 4.75 -20.29 15.03
C PHE A 25 5.30 -19.98 13.64
N GLU A 26 5.54 -18.70 13.35
CA GLU A 26 6.10 -18.30 12.07
C GLU A 26 7.50 -18.91 11.85
N LEU A 27 8.27 -19.09 12.95
CA LEU A 27 9.57 -19.73 12.87
C LEU A 27 9.39 -21.23 12.55
N LYS A 28 8.33 -21.87 13.09
CA LYS A 28 8.03 -23.27 12.79
C LYS A 28 7.68 -23.46 11.30
N ARG A 29 7.06 -22.44 10.66
CA ARG A 29 6.76 -22.45 9.23
C ARG A 29 8.05 -22.39 8.40
N ILE A 30 9.08 -21.69 8.92
CA ILE A 30 10.40 -21.59 8.28
C ILE A 30 11.06 -22.96 8.36
N VAL A 31 11.00 -23.62 9.54
CA VAL A 31 11.54 -24.94 9.73
C VAL A 31 10.82 -25.93 8.83
N GLU A 32 9.50 -25.77 8.64
CA GLU A 32 8.70 -26.61 7.76
C GLU A 32 9.19 -26.52 6.32
N GLY A 33 9.47 -25.32 5.85
CA GLY A 33 9.98 -25.09 4.51
C GLY A 33 11.35 -25.70 4.26
N ILE A 34 12.11 -25.94 5.34
CA ILE A 34 13.45 -26.52 5.22
C ILE A 34 13.44 -28.04 5.47
N LEU A 35 12.98 -28.47 6.65
CA LEU A 35 13.02 -29.86 7.05
C LEU A 35 11.78 -30.69 6.72
N LYS A 36 10.76 -30.05 6.09
CA LYS A 36 9.51 -30.66 5.61
C LYS A 36 8.70 -31.37 6.72
N ARG A 37 8.57 -30.71 7.87
CA ARG A 37 7.79 -31.22 9.00
C ARG A 37 6.84 -30.11 9.42
N PRO A 38 5.55 -30.42 9.55
CA PRO A 38 4.59 -29.35 9.87
C PRO A 38 4.69 -28.83 11.31
N PRO A 39 4.25 -27.58 11.54
CA PRO A 39 4.37 -26.99 12.88
C PRO A 39 3.79 -27.81 14.03
N ASP A 40 2.72 -28.61 13.76
CA ASP A 40 2.11 -29.46 14.78
C ASP A 40 3.04 -30.59 15.22
N GLU A 41 4.01 -30.97 14.38
CA GLU A 41 5.00 -31.99 14.70
C GLU A 41 6.34 -31.35 15.18
N GLN A 42 6.32 -30.09 15.65
CA GLN A 42 7.53 -29.38 16.08
C GLN A 42 7.35 -28.75 17.44
N ARG A 43 8.45 -28.70 18.22
CA ARG A 43 8.51 -28.01 19.52
C ARG A 43 9.78 -27.17 19.49
N LEU A 44 9.67 -25.87 19.79
CA LEU A 44 10.85 -24.99 19.80
C LEU A 44 11.19 -24.60 21.21
N TYR A 45 12.48 -24.57 21.53
CA TYR A 45 12.95 -24.28 22.88
C TYR A 45 13.97 -23.17 22.95
N LYS A 46 14.05 -22.49 24.08
CA LYS A 46 15.13 -21.57 24.36
C LYS A 46 15.72 -22.19 25.61
N ASP A 47 16.88 -22.87 25.46
CA ASP A 47 17.49 -23.64 26.55
C ASP A 47 16.50 -24.82 26.84
N ASP A 48 16.06 -25.02 28.09
CA ASP A 48 15.09 -26.08 28.40
C ASP A 48 13.63 -25.62 28.34
N GLN A 49 13.41 -24.31 28.16
CA GLN A 49 12.08 -23.71 28.14
C GLN A 49 11.34 -23.87 26.82
N LEU A 50 10.17 -24.50 26.86
CA LEU A 50 9.33 -24.67 25.68
C LEU A 50 8.73 -23.32 25.31
N LEU A 51 8.81 -22.97 24.03
CA LEU A 51 8.31 -21.69 23.54
C LEU A 51 6.86 -21.77 23.02
N ASP A 52 6.03 -20.81 23.44
CA ASP A 52 4.63 -20.75 23.02
C ASP A 52 4.53 -20.18 21.61
N ASP A 53 3.71 -20.80 20.75
CA ASP A 53 3.53 -20.41 19.36
C ASP A 53 3.19 -18.95 19.12
N GLY A 54 2.35 -18.36 19.96
CA GLY A 54 1.93 -16.98 19.80
C GLY A 54 2.91 -15.92 20.26
N LYS A 55 3.96 -16.32 20.96
CA LYS A 55 4.97 -15.39 21.47
C LYS A 55 5.95 -14.94 20.38
N THR A 56 6.35 -13.66 20.41
CA THR A 56 7.32 -13.16 19.44
C THR A 56 8.71 -13.65 19.81
N LEU A 57 9.65 -13.64 18.85
CA LEU A 57 11.01 -14.04 19.13
C LEU A 57 11.66 -13.09 20.16
N GLY A 58 11.29 -11.81 20.13
CA GLY A 58 11.75 -10.82 21.10
C GLY A 58 11.26 -11.16 22.49
N GLU A 59 9.99 -11.59 22.61
CA GLU A 59 9.40 -12.01 23.87
C GLU A 59 10.06 -13.29 24.40
N CYS A 60 10.56 -14.14 23.50
CA CYS A 60 11.28 -15.34 23.87
C CYS A 60 12.76 -15.08 24.18
N GLY A 61 13.21 -13.83 24.22
CA GLY A 61 14.59 -13.52 24.54
C GLY A 61 15.55 -13.44 23.38
N PHE A 62 15.05 -13.54 22.15
CA PHE A 62 15.89 -13.44 20.96
C PHE A 62 15.83 -12.02 20.47
N THR A 63 16.83 -11.23 20.82
CA THR A 63 16.87 -9.81 20.46
C THR A 63 18.11 -9.52 19.60
N SER A 64 18.18 -8.34 18.97
CA SER A 64 19.34 -7.99 18.14
C SER A 64 20.66 -8.04 18.95
N GLN A 65 20.58 -7.68 20.24
CA GLN A 65 21.68 -7.66 21.18
C GLN A 65 22.19 -9.09 21.56
N THR A 66 21.35 -10.11 21.42
CA THR A 66 21.72 -11.48 21.80
C THR A 66 21.81 -12.48 20.66
N ALA A 67 21.22 -12.15 19.52
CA ALA A 67 21.23 -13.02 18.37
C ALA A 67 21.93 -12.28 17.23
N ARG A 68 23.27 -12.26 17.28
CA ARG A 68 24.12 -11.56 16.33
C ARG A 68 24.54 -12.43 15.16
N PRO A 69 24.87 -11.85 14.00
CA PRO A 69 25.28 -12.67 12.86
C PRO A 69 26.49 -13.55 13.17
N GLN A 70 27.47 -12.99 13.88
CA GLN A 70 28.70 -13.68 14.26
C GLN A 70 28.59 -14.55 15.52
N ALA A 71 27.48 -14.42 16.25
CA ALA A 71 27.22 -15.20 17.45
C ALA A 71 25.71 -15.40 17.53
N PRO A 72 25.15 -16.26 16.65
CA PRO A 72 23.70 -16.46 16.65
C PRO A 72 23.16 -17.16 17.88
N ALA A 73 21.90 -16.89 18.20
CA ALA A 73 21.26 -17.50 19.35
C ALA A 73 20.74 -18.88 18.98
N THR A 74 20.82 -19.83 19.92
CA THR A 74 20.35 -21.20 19.67
C THR A 74 18.89 -21.42 20.02
N VAL A 75 18.14 -22.01 19.09
CA VAL A 75 16.74 -22.39 19.29
C VAL A 75 16.72 -23.92 19.19
N GLY A 76 16.28 -24.60 20.26
CA GLY A 76 16.19 -26.05 20.26
C GLY A 76 14.98 -26.53 19.48
N LEU A 77 15.06 -27.71 18.87
CA LEU A 77 13.96 -28.25 18.08
C LEU A 77 13.79 -29.72 18.39
N ALA A 78 12.53 -30.16 18.56
CA ALA A 78 12.16 -31.55 18.82
C ALA A 78 10.97 -31.89 17.94
N PHE A 79 10.99 -33.07 17.34
CA PHE A 79 9.91 -33.51 16.47
C PHE A 79 8.97 -34.49 17.18
N ARG A 80 7.74 -34.65 16.63
CA ARG A 80 6.77 -35.61 17.16
C ARG A 80 6.95 -36.94 16.43
N ALA A 81 7.44 -37.92 17.18
CA ALA A 81 7.71 -39.25 16.68
C ALA A 81 6.49 -40.15 16.98
N ASP A 82 5.53 -40.23 16.03
CA ASP A 82 4.32 -41.05 16.12
C ASP A 82 3.45 -40.70 17.34
N ASP A 83 2.86 -39.49 17.32
CA ASP A 83 1.94 -38.93 18.31
C ASP A 83 2.58 -38.54 19.66
N THR A 84 3.81 -38.98 19.94
CA THR A 84 4.50 -38.61 21.18
C THR A 84 5.79 -37.85 20.84
N PHE A 85 5.99 -36.67 21.45
CA PHE A 85 7.18 -35.86 21.19
C PHE A 85 8.43 -36.45 21.80
N GLU A 86 9.53 -36.41 21.04
CA GLU A 86 10.81 -36.87 21.52
C GLU A 86 11.38 -35.84 22.52
N ALA A 87 12.37 -36.25 23.31
CA ALA A 87 13.02 -35.34 24.24
C ALA A 87 13.92 -34.39 23.45
N LEU A 88 14.11 -33.16 23.95
CA LEU A 88 14.99 -32.20 23.28
C LEU A 88 16.42 -32.69 23.43
N CYS A 89 17.04 -32.99 22.31
CA CYS A 89 18.41 -33.48 22.33
C CYS A 89 19.20 -32.72 21.28
N ILE A 90 20.29 -32.08 21.70
CA ILE A 90 21.14 -31.35 20.78
C ILE A 90 22.55 -31.90 20.95
N GLU A 91 23.10 -32.52 19.91
CA GLU A 91 24.44 -33.07 19.95
C GLU A 91 25.44 -31.94 19.99
N PRO A 92 26.36 -31.95 20.97
CA PRO A 92 27.35 -30.86 21.04
C PRO A 92 28.33 -30.92 19.88
N PHE A 93 28.93 -29.77 19.55
CA PHE A 93 29.94 -29.74 18.51
C PHE A 93 31.23 -30.40 19.04
N SER A 94 32.13 -30.78 18.12
CA SER A 94 33.39 -31.42 18.48
C SER A 94 34.24 -30.53 19.40
N SER A 95 35.13 -31.15 20.16
CA SER A 95 35.99 -30.39 21.06
C SER A 95 37.25 -29.97 20.34
N PRO A 96 37.66 -28.71 20.52
CA PRO A 96 38.93 -28.26 19.92
C PRO A 96 40.10 -28.96 20.61
N PRO A 97 41.18 -29.24 19.86
CA PRO A 97 42.35 -29.86 20.48
C PRO A 97 43.00 -28.94 21.49
N GLU A 98 43.88 -29.49 22.33
CA GLU A 98 44.59 -28.71 23.33
C GLU A 98 45.40 -27.58 22.70
N LEU A 99 45.33 -26.39 23.31
CA LEU A 99 46.03 -25.19 22.84
C LEU A 99 47.54 -25.47 22.79
N PRO A 100 48.19 -25.26 21.63
CA PRO A 100 49.63 -25.52 21.54
C PRO A 100 50.44 -24.67 22.53
N ASP A 101 51.65 -25.11 22.85
CA ASP A 101 52.51 -24.39 23.79
C ASP A 101 52.79 -22.95 23.32
N VAL A 102 52.92 -22.77 21.99
CA VAL A 102 53.14 -21.47 21.34
C VAL A 102 51.96 -20.47 21.54
N MET A 103 50.84 -20.91 22.13
CA MET A 103 49.68 -20.05 22.36
C MET A 103 49.35 -19.91 23.85
N MET B 1 18.88 -25.09 -4.90
CA MET B 1 17.78 -24.72 -4.02
C MET B 1 18.14 -23.54 -3.06
N MET B 2 17.13 -22.93 -2.40
CA MET B 2 17.21 -21.81 -1.45
C MET B 2 18.25 -22.05 -0.32
N TYR B 3 18.30 -23.27 0.22
CA TYR B 3 19.26 -23.65 1.25
C TYR B 3 20.17 -24.79 0.77
N VAL B 4 21.35 -24.92 1.36
CA VAL B 4 22.29 -25.99 1.05
C VAL B 4 22.74 -26.63 2.37
N LYS B 5 23.23 -27.87 2.29
CA LYS B 5 23.68 -28.58 3.48
C LYS B 5 25.19 -28.78 3.47
N LEU B 6 25.85 -28.39 4.54
CA LEU B 6 27.29 -28.53 4.67
C LEU B 6 27.51 -29.50 5.80
N ILE B 7 28.15 -30.65 5.52
CA ILE B 7 28.32 -31.67 6.53
C ILE B 7 29.75 -31.72 7.01
N SER B 8 29.93 -31.65 8.33
CA SER B 8 31.27 -31.69 8.91
C SER B 8 31.87 -33.12 8.90
N SER B 9 33.16 -33.23 9.25
CA SER B 9 33.86 -34.50 9.33
C SER B 9 33.22 -35.43 10.36
N ASP B 10 32.67 -34.86 11.44
CA ASP B 10 32.00 -35.61 12.50
C ASP B 10 30.48 -35.75 12.33
N GLY B 11 29.97 -35.55 11.12
CA GLY B 11 28.56 -35.76 10.83
C GLY B 11 27.53 -34.67 11.10
N HIS B 12 27.93 -33.50 11.66
CA HIS B 12 26.96 -32.43 11.90
C HIS B 12 26.54 -31.82 10.58
N GLU B 13 25.25 -31.64 10.39
CA GLU B 13 24.69 -31.10 9.17
C GLU B 13 24.29 -29.65 9.41
N PHE B 14 24.90 -28.74 8.65
CA PHE B 14 24.62 -27.31 8.77
C PHE B 14 23.86 -26.85 7.56
N ILE B 15 22.64 -26.37 7.75
CA ILE B 15 21.81 -25.91 6.65
C ILE B 15 21.88 -24.39 6.58
N VAL B 16 22.49 -23.88 5.52
CA VAL B 16 22.69 -22.44 5.36
C VAL B 16 22.07 -21.96 4.05
N LYS B 17 21.75 -20.65 3.93
CA LYS B 17 21.22 -20.11 2.68
C LYS B 17 22.24 -20.30 1.56
N ARG B 18 21.80 -20.67 0.35
CA ARG B 18 22.70 -20.91 -0.77
C ARG B 18 23.63 -19.72 -1.04
N GLU B 19 23.07 -18.50 -1.02
CA GLU B 19 23.78 -17.26 -1.21
C GLU B 19 24.91 -17.10 -0.19
N HIS B 20 24.67 -17.47 1.06
CA HIS B 20 25.67 -17.38 2.12
C HIS B 20 26.81 -18.35 1.89
N ALA B 21 26.50 -19.60 1.47
CA ALA B 21 27.53 -20.61 1.21
C ALA B 21 28.40 -20.24 0.00
N LEU B 22 27.81 -19.53 -0.99
CA LEU B 22 28.52 -19.09 -2.19
C LEU B 22 29.65 -18.08 -1.90
N THR B 23 29.75 -17.58 -0.65
CA THR B 23 30.84 -16.72 -0.15
C THR B 23 32.16 -17.47 -0.34
N SER B 24 32.14 -18.78 -0.09
CA SER B 24 33.29 -19.65 -0.26
C SER B 24 33.40 -20.04 -1.74
N GLY B 25 34.52 -19.72 -2.35
CA GLY B 25 34.75 -20.06 -3.76
C GLY B 25 34.79 -21.56 -3.98
N THR B 26 35.36 -22.30 -3.01
CA THR B 26 35.46 -23.75 -3.00
C THR B 26 34.07 -24.40 -2.97
N ILE B 27 33.18 -23.94 -2.06
CA ILE B 27 31.80 -24.44 -1.97
C ILE B 27 31.04 -24.09 -3.26
N LYS B 28 31.24 -22.88 -3.78
CA LYS B 28 30.59 -22.44 -5.02
C LYS B 28 30.90 -23.39 -6.19
N ALA B 29 32.13 -23.91 -6.22
CA ALA B 29 32.56 -24.84 -7.26
C ALA B 29 31.99 -26.24 -6.99
N MET B 30 31.99 -26.66 -5.73
CA MET B 30 31.45 -27.97 -5.31
C MET B 30 29.96 -28.10 -5.56
N LEU B 31 29.23 -26.98 -5.54
CA LEU B 31 27.80 -27.00 -5.78
C LEU B 31 27.50 -27.00 -7.28
N SER B 32 28.14 -26.12 -8.04
CA SER B 32 27.93 -26.05 -9.48
C SER B 32 28.78 -27.09 -10.22
N THR B 42 23.35 -30.79 -7.16
CA THR B 42 24.14 -30.71 -5.93
C THR B 42 23.56 -29.70 -4.95
N ASN B 43 23.18 -30.18 -3.78
CA ASN B 43 22.60 -29.41 -2.68
C ASN B 43 23.26 -29.74 -1.31
N GLU B 44 24.23 -30.68 -1.31
CA GLU B 44 24.93 -31.12 -0.11
C GLU B 44 26.42 -31.20 -0.41
N VAL B 45 27.23 -30.83 0.58
CA VAL B 45 28.68 -30.89 0.44
C VAL B 45 29.24 -31.55 1.69
N ASN B 46 30.13 -32.55 1.54
CA ASN B 46 30.75 -33.20 2.69
C ASN B 46 32.18 -32.71 2.87
N PHE B 47 32.55 -32.36 4.09
CA PHE B 47 33.90 -31.89 4.41
C PHE B 47 34.55 -32.87 5.35
N ARG B 48 35.31 -33.81 4.79
CA ARG B 48 35.96 -34.86 5.59
C ARG B 48 37.10 -34.36 6.46
N GLU B 49 37.52 -33.10 6.31
CA GLU B 49 38.61 -32.53 7.11
C GLU B 49 38.17 -31.40 8.04
N ILE B 50 36.93 -30.92 7.93
CA ILE B 50 36.46 -29.81 8.77
C ILE B 50 35.52 -30.31 9.87
N PRO B 51 35.96 -30.30 11.14
CA PRO B 51 35.06 -30.70 12.23
C PRO B 51 33.93 -29.70 12.50
N SER B 52 32.92 -30.08 13.30
CA SER B 52 31.78 -29.23 13.61
C SER B 52 32.12 -27.95 14.31
N HIS B 53 33.08 -27.97 15.26
CA HIS B 53 33.48 -26.74 15.96
C HIS B 53 34.12 -25.70 15.05
N VAL B 54 34.56 -26.11 13.85
CA VAL B 54 35.15 -25.24 12.87
C VAL B 54 34.07 -24.86 11.87
N LEU B 55 33.33 -25.84 11.34
CA LEU B 55 32.31 -25.59 10.32
C LEU B 55 31.15 -24.71 10.83
N SER B 56 30.83 -24.79 12.12
CA SER B 56 29.80 -23.93 12.69
C SER B 56 30.27 -22.48 12.64
N LYS B 57 31.56 -22.23 12.97
CA LYS B 57 32.17 -20.91 12.93
C LYS B 57 32.26 -20.39 11.50
N VAL B 58 32.53 -21.28 10.53
CA VAL B 58 32.56 -20.90 9.12
C VAL B 58 31.20 -20.39 8.67
N CYS B 59 30.12 -21.07 9.11
CA CYS B 59 28.75 -20.66 8.79
C CYS B 59 28.40 -19.34 9.44
N MET B 60 28.88 -19.11 10.67
CA MET B 60 28.68 -17.83 11.35
C MET B 60 29.42 -16.72 10.58
N TYR B 61 30.61 -17.03 10.01
CA TYR B 61 31.33 -16.07 9.20
C TYR B 61 30.53 -15.71 7.96
N PHE B 62 29.88 -16.70 7.30
CA PHE B 62 29.07 -16.42 6.10
C PHE B 62 27.97 -15.42 6.41
N THR B 63 27.30 -15.60 7.57
CA THR B 63 26.21 -14.75 8.00
C THR B 63 26.75 -13.34 8.24
N TYR B 64 27.89 -13.24 8.96
CA TYR B 64 28.59 -12.01 9.29
C TYR B 64 28.97 -11.26 8.02
N LYS B 65 29.59 -11.96 7.06
CA LYS B 65 30.02 -11.38 5.81
C LYS B 65 28.86 -10.83 5.02
N VAL B 66 27.78 -11.60 4.85
CA VAL B 66 26.63 -11.16 4.08
C VAL B 66 25.90 -9.98 4.75
N ARG B 67 25.86 -9.98 6.08
CA ARG B 67 25.21 -8.91 6.83
C ARG B 67 25.97 -7.61 6.78
N TYR B 68 27.29 -7.66 6.95
CA TYR B 68 28.09 -6.44 7.05
C TYR B 68 28.80 -5.97 5.77
N THR B 69 28.85 -6.75 4.68
CA THR B 69 29.45 -6.25 3.43
C THR B 69 28.47 -5.28 2.79
N ASN B 70 28.97 -4.14 2.28
CA ASN B 70 28.15 -3.09 1.66
C ASN B 70 27.19 -2.48 2.70
N SER B 71 27.71 -2.17 3.89
CA SER B 71 26.88 -1.58 4.94
C SER B 71 27.64 -0.50 5.67
N SER B 72 26.97 0.66 5.90
CA SER B 72 27.58 1.78 6.62
C SER B 72 27.45 1.68 8.15
N THR B 73 26.60 0.75 8.64
CA THR B 73 26.42 0.50 10.08
C THR B 73 27.77 -0.01 10.64
N GLU B 74 28.19 0.47 11.83
CA GLU B 74 29.46 0.07 12.45
C GLU B 74 29.64 -1.46 12.50
N ILE B 75 30.72 -1.92 11.86
CA ILE B 75 31.05 -3.33 11.78
C ILE B 75 31.77 -3.82 13.04
N PRO B 76 31.23 -4.86 13.68
CA PRO B 76 31.90 -5.41 14.85
C PRO B 76 33.01 -6.39 14.48
N GLU B 77 33.88 -6.70 15.43
CA GLU B 77 34.96 -7.64 15.20
C GLU B 77 34.39 -9.06 15.05
N PHE B 78 34.94 -9.87 14.13
CA PHE B 78 34.52 -11.26 14.02
C PHE B 78 35.32 -12.01 15.07
N PRO B 79 34.66 -12.61 16.07
CA PRO B 79 35.42 -13.26 17.15
C PRO B 79 35.92 -14.64 16.81
N ILE B 80 37.17 -14.93 17.19
CA ILE B 80 37.74 -16.25 16.98
C ILE B 80 38.42 -16.67 18.27
N ALA B 81 37.94 -17.75 18.88
CA ALA B 81 38.54 -18.27 20.11
C ALA B 81 39.92 -18.81 19.78
N PRO B 82 40.91 -18.58 20.65
CA PRO B 82 42.28 -19.08 20.37
C PRO B 82 42.36 -20.58 20.07
N GLU B 83 41.53 -21.38 20.73
CA GLU B 83 41.48 -22.84 20.60
C GLU B 83 41.06 -23.33 19.19
N ILE B 84 40.29 -22.50 18.48
CA ILE B 84 39.79 -22.82 17.14
C ILE B 84 40.58 -22.13 16.02
N ALA B 85 41.39 -21.10 16.34
CA ALA B 85 42.15 -20.31 15.38
C ALA B 85 42.93 -21.10 14.33
N LEU B 86 43.75 -22.09 14.74
CA LEU B 86 44.55 -22.85 13.77
C LEU B 86 43.72 -23.65 12.78
N GLU B 87 42.74 -24.42 13.26
CA GLU B 87 41.88 -25.20 12.37
C GLU B 87 41.02 -24.31 11.48
N LEU B 88 40.51 -23.21 12.05
CA LEU B 88 39.70 -22.27 11.30
C LEU B 88 40.52 -21.61 10.19
N LEU B 89 41.81 -21.36 10.44
CA LEU B 89 42.71 -20.78 9.44
C LEU B 89 42.85 -21.74 8.27
N MET B 90 43.08 -23.03 8.58
CA MET B 90 43.25 -24.06 7.57
C MET B 90 41.98 -24.23 6.76
N ALA B 91 40.82 -24.21 7.43
CA ALA B 91 39.52 -24.32 6.78
C ALA B 91 39.27 -23.12 5.88
N ALA B 92 39.55 -21.91 6.37
CA ALA B 92 39.37 -20.68 5.59
C ALA B 92 40.25 -20.67 4.35
N ASN B 93 41.47 -21.18 4.49
CA ASN B 93 42.41 -21.27 3.39
C ASN B 93 41.87 -22.25 2.33
N PHE B 94 41.33 -23.41 2.73
CA PHE B 94 40.78 -24.37 1.78
C PHE B 94 39.53 -23.83 1.12
N LEU B 95 38.68 -23.16 1.89
CA LEU B 95 37.43 -22.64 1.40
C LEU B 95 37.53 -21.35 0.61
N ASP B 96 38.69 -20.66 0.64
CA ASP B 96 38.88 -19.40 -0.10
C ASP B 96 37.83 -18.37 0.33
N CYS B 97 37.82 -18.06 1.61
CA CYS B 97 36.85 -17.11 2.14
C CYS B 97 37.45 -16.28 3.30
N PRO C 10 55.46 8.86 -5.22
CA PRO C 10 55.45 9.69 -6.43
C PRO C 10 54.05 9.87 -7.00
N VAL C 11 53.24 8.79 -7.09
CA VAL C 11 51.88 8.94 -7.59
C VAL C 11 50.90 9.23 -6.43
N LEU C 12 50.85 8.34 -5.44
CA LEU C 12 49.99 8.51 -4.27
C LEU C 12 50.63 9.51 -3.30
N ARG C 13 50.28 10.78 -3.44
CA ARG C 13 50.85 11.82 -2.59
C ARG C 13 49.84 12.96 -2.35
N SER C 14 50.06 13.74 -1.27
CA SER C 14 49.21 14.86 -0.98
C SER C 14 49.50 16.01 -1.94
N VAL C 15 48.47 16.76 -2.26
CA VAL C 15 48.59 17.95 -3.09
C VAL C 15 48.83 19.10 -2.12
N ASN C 16 49.85 19.95 -2.36
CA ASN C 16 50.10 21.08 -1.47
C ASN C 16 49.17 22.25 -1.81
N SER C 17 47.89 22.11 -1.46
CA SER C 17 46.86 23.12 -1.76
C SER C 17 46.96 24.37 -0.92
N ARG C 18 47.46 24.20 0.33
CA ARG C 18 47.55 25.28 1.32
C ARG C 18 46.15 25.83 1.70
N GLU C 19 45.07 25.04 1.46
CA GLU C 19 43.69 25.37 1.77
C GLU C 19 43.25 24.52 2.93
N PRO C 20 43.15 25.10 4.13
CA PRO C 20 42.77 24.30 5.29
C PRO C 20 41.43 23.59 5.15
N SER C 21 41.33 22.45 5.82
CA SER C 21 40.15 21.62 5.85
C SER C 21 40.12 20.94 7.20
N GLN C 22 39.11 21.24 8.01
CA GLN C 22 38.98 20.66 9.33
C GLN C 22 38.26 19.33 9.20
N VAL C 23 38.78 18.31 9.86
CA VAL C 23 38.27 16.95 9.76
C VAL C 23 38.04 16.36 11.14
N ILE C 24 37.08 15.45 11.28
CA ILE C 24 36.90 14.73 12.55
C ILE C 24 37.25 13.29 12.23
N PHE C 25 38.25 12.75 12.91
CA PHE C 25 38.62 11.36 12.74
C PHE C 25 37.79 10.59 13.77
N CYS C 26 36.81 9.75 13.34
CA CYS C 26 35.99 8.95 14.26
C CYS C 26 36.43 7.50 14.25
N ASN C 27 36.98 7.00 15.35
CA ASN C 27 37.38 5.61 15.40
C ASN C 27 36.18 4.76 15.81
N ARG C 28 35.42 4.30 14.81
CA ARG C 28 34.27 3.41 15.01
C ARG C 28 34.72 1.96 14.85
N SER C 29 35.82 1.63 15.50
CA SER C 29 36.44 0.32 15.47
C SER C 29 36.96 -0.04 16.86
N PRO C 30 37.17 -1.33 17.14
CA PRO C 30 37.74 -1.72 18.45
C PRO C 30 39.28 -1.68 18.50
N ARG C 31 39.92 -1.19 17.44
CA ARG C 31 41.37 -1.13 17.35
C ARG C 31 41.90 0.24 17.69
N VAL C 32 43.16 0.30 18.15
CA VAL C 32 43.85 1.56 18.35
C VAL C 32 44.23 1.99 16.93
N VAL C 33 43.75 3.15 16.47
CA VAL C 33 44.00 3.60 15.10
C VAL C 33 45.26 4.45 14.95
N LEU C 34 46.00 4.20 13.86
CA LEU C 34 47.18 4.96 13.48
C LEU C 34 46.84 5.71 12.21
N PRO C 35 46.59 7.02 12.33
CA PRO C 35 46.35 7.81 11.12
C PRO C 35 47.67 8.01 10.38
N VAL C 36 47.63 7.88 9.06
CA VAL C 36 48.84 8.00 8.25
C VAL C 36 48.61 9.02 7.16
N TRP C 37 49.43 10.08 7.14
CA TRP C 37 49.33 11.10 6.13
C TRP C 37 50.37 10.83 5.06
N LEU C 38 49.98 10.83 3.77
CA LEU C 38 50.93 10.64 2.69
C LEU C 38 51.47 11.99 2.31
N ASN C 39 52.74 12.27 2.69
CA ASN C 39 53.33 13.58 2.49
C ASN C 39 53.47 13.96 1.00
N PHE C 40 54.04 15.14 0.72
CA PHE C 40 54.14 15.64 -0.65
C PHE C 40 55.05 14.80 -1.54
N ASP C 41 55.90 13.97 -0.95
CA ASP C 41 56.76 13.03 -1.68
C ASP C 41 56.19 11.59 -1.73
N GLY C 42 54.99 11.37 -1.20
CA GLY C 42 54.37 10.05 -1.17
C GLY C 42 54.77 9.21 0.03
N GLU C 43 55.59 9.76 0.94
CA GLU C 43 56.02 9.01 2.12
C GLU C 43 54.95 8.97 3.20
N PRO C 44 54.70 7.79 3.79
CA PRO C 44 53.72 7.73 4.88
C PRO C 44 54.25 8.37 6.17
N GLN C 45 53.50 9.32 6.72
CA GLN C 45 53.87 9.95 7.97
C GLN C 45 52.86 9.57 9.05
N PRO C 46 53.33 8.91 10.11
CA PRO C 46 52.41 8.50 11.17
C PRO C 46 52.03 9.65 12.08
N TYR C 47 50.76 9.65 12.51
CA TYR C 47 50.22 10.68 13.39
C TYR C 47 49.82 10.07 14.75
N PRO C 48 49.54 10.87 15.80
CA PRO C 48 49.20 10.27 17.11
C PRO C 48 48.04 9.29 17.04
N THR C 49 48.10 8.21 17.81
CA THR C 49 47.07 7.18 17.77
C THR C 49 45.75 7.58 18.43
N LEU C 50 44.66 6.95 17.96
CA LEU C 50 43.31 7.14 18.48
C LEU C 50 42.86 5.89 19.18
N PRO C 51 42.49 5.97 20.46
CA PRO C 51 41.92 4.79 21.15
C PRO C 51 40.58 4.34 20.53
N PRO C 52 40.15 3.09 20.79
CA PRO C 52 38.99 2.51 20.10
C PRO C 52 37.70 3.35 19.87
N GLY C 53 37.02 3.84 20.89
CA GLY C 53 35.76 4.56 20.64
C GLY C 53 35.87 6.07 20.48
N THR C 54 37.10 6.56 20.41
CA THR C 54 37.38 7.97 20.40
C THR C 54 37.37 8.69 19.04
N GLY C 55 37.15 9.99 19.11
CA GLY C 55 37.18 10.93 18.00
C GLY C 55 38.23 12.00 18.23
N ARG C 56 38.69 12.67 17.16
CA ARG C 56 39.67 13.75 17.28
C ARG C 56 39.40 14.80 16.22
N ARG C 57 39.40 16.10 16.60
CA ARG C 57 39.27 17.16 15.60
C ARG C 57 40.70 17.41 15.09
N ILE C 58 40.85 17.37 13.76
CA ILE C 58 42.12 17.45 13.05
C ILE C 58 42.16 18.64 12.11
N HIS C 59 43.32 19.33 12.05
CA HIS C 59 43.49 20.40 11.10
C HIS C 59 44.31 19.82 9.95
N SER C 60 43.72 19.72 8.78
CA SER C 60 44.39 19.18 7.60
C SER C 60 44.16 20.14 6.42
N TYR C 61 44.35 19.70 5.17
CA TYR C 61 44.19 20.55 4.00
C TYR C 61 43.47 19.83 2.88
N ARG C 62 42.87 20.59 1.96
CA ARG C 62 42.17 20.03 0.82
C ARG C 62 43.18 19.29 -0.07
N GLY C 63 42.80 18.11 -0.56
CA GLY C 63 43.68 17.35 -1.44
C GLY C 63 44.74 16.52 -0.75
N HIS C 64 44.78 16.54 0.58
CA HIS C 64 45.73 15.73 1.33
C HIS C 64 45.23 14.28 1.40
N LEU C 65 46.15 13.32 1.49
CA LEU C 65 45.78 11.91 1.47
C LEU C 65 46.02 11.25 2.81
N TRP C 66 45.02 10.50 3.30
CA TRP C 66 45.13 9.79 4.57
C TRP C 66 44.71 8.35 4.42
N LEU C 67 45.33 7.50 5.20
CA LEU C 67 44.94 6.10 5.31
C LEU C 67 45.04 5.72 6.79
N PHE C 68 44.31 4.70 7.22
CA PHE C 68 44.26 4.34 8.63
C PHE C 68 44.51 2.88 8.83
N ARG C 69 45.29 2.55 9.86
CA ARG C 69 45.70 1.18 10.14
C ARG C 69 45.60 0.88 11.64
N ASP C 70 45.65 -0.40 12.04
CA ASP C 70 45.71 -0.78 13.44
C ASP C 70 47.15 -0.39 13.90
N ALA C 71 47.26 0.40 14.97
CA ALA C 71 48.55 0.90 15.45
C ALA C 71 49.52 -0.20 15.86
N GLY C 72 49.02 -1.31 16.37
CA GLY C 72 49.87 -2.39 16.84
C GLY C 72 50.22 -3.44 15.81
N THR C 73 49.29 -3.78 14.93
CA THR C 73 49.52 -4.84 13.95
C THR C 73 49.62 -4.37 12.50
N HIS C 74 49.21 -3.14 12.22
CA HIS C 74 49.18 -2.53 10.88
C HIS C 74 48.09 -3.11 9.99
N ASP C 75 47.07 -3.79 10.57
CA ASP C 75 45.92 -4.32 9.83
C ASP C 75 45.20 -3.16 9.17
N GLY C 76 44.76 -3.37 7.93
CA GLY C 76 44.09 -2.33 7.17
C GLY C 76 42.73 -1.98 7.73
N LEU C 77 42.38 -0.69 7.65
CA LEU C 77 41.08 -0.22 8.11
C LEU C 77 40.46 0.62 6.99
N LEU C 78 39.14 0.78 7.04
CA LEU C 78 38.43 1.59 6.05
C LEU C 78 38.13 2.96 6.62
N VAL C 79 38.05 3.95 5.75
CA VAL C 79 37.69 5.31 6.14
C VAL C 79 36.63 5.74 5.17
N ASN C 80 35.40 5.93 5.65
CA ASN C 80 34.24 6.25 4.81
C ASN C 80 34.04 5.17 3.75
N GLN C 81 34.19 3.90 4.16
CA GLN C 81 34.03 2.69 3.36
C GLN C 81 35.06 2.51 2.22
N THR C 82 36.17 3.26 2.25
CA THR C 82 37.20 3.15 1.22
C THR C 82 38.60 3.14 1.86
N GLU C 83 39.67 2.97 1.06
CA GLU C 83 41.01 2.90 1.60
C GLU C 83 41.62 4.26 1.91
N LEU C 84 41.38 5.24 1.05
CA LEU C 84 41.96 6.57 1.22
C LEU C 84 40.94 7.63 1.57
N PHE C 85 41.37 8.61 2.37
CA PHE C 85 40.54 9.74 2.77
C PHE C 85 41.19 11.04 2.31
N VAL C 86 40.44 11.82 1.56
CA VAL C 86 40.92 13.09 1.05
C VAL C 86 40.04 14.18 1.58
N PRO C 87 40.55 15.03 2.50
CA PRO C 87 39.74 16.14 3.01
C PRO C 87 39.27 17.06 1.89
N SER C 88 37.99 17.36 1.92
CA SER C 88 37.37 18.21 0.92
C SER C 88 37.02 19.60 1.51
N LEU C 89 36.39 20.47 0.71
CA LEU C 89 35.97 21.82 1.07
C LEU C 89 34.97 21.80 2.23
N ASN C 90 35.23 22.61 3.27
CA ASN C 90 34.30 22.70 4.40
C ASN C 90 33.17 23.64 4.04
N VAL C 91 31.93 23.11 3.94
CA VAL C 91 30.77 23.95 3.65
C VAL C 91 30.23 24.47 4.98
N ASP C 92 30.17 25.80 5.16
CA ASP C 92 29.73 26.46 6.40
C ASP C 92 30.71 26.22 7.57
N GLY C 93 31.99 26.02 7.26
CA GLY C 93 32.99 25.70 8.27
C GLY C 93 32.76 24.35 8.96
N GLN C 94 31.69 23.62 8.55
CA GLN C 94 31.34 22.32 9.10
C GLN C 94 32.40 21.30 8.68
N PRO C 95 32.98 20.60 9.67
CA PRO C 95 34.08 19.66 9.40
C PRO C 95 33.70 18.40 8.62
N ILE C 96 34.67 17.83 7.89
CA ILE C 96 34.43 16.61 7.13
C ILE C 96 34.58 15.43 8.06
N PHE C 97 33.68 14.45 7.98
CA PHE C 97 33.76 13.26 8.82
C PHE C 97 34.59 12.17 8.20
N ALA C 98 35.53 11.61 8.97
CA ALA C 98 36.37 10.51 8.54
C ALA C 98 36.02 9.33 9.45
N ASN C 99 35.03 8.54 9.03
CA ASN C 99 34.57 7.40 9.81
C ASN C 99 35.46 6.19 9.56
N ILE C 100 36.24 5.85 10.58
CA ILE C 100 37.22 4.77 10.55
C ILE C 100 36.64 3.48 11.11
N THR C 101 36.42 2.51 10.22
CA THR C 101 35.78 1.25 10.60
C THR C 101 36.62 0.05 10.22
N LEU C 102 36.34 -1.09 10.86
CA LEU C 102 36.96 -2.35 10.50
C LEU C 102 36.39 -2.74 9.14
N PRO C 103 37.20 -3.22 8.20
CA PRO C 103 36.62 -3.79 6.98
C PRO C 103 36.05 -5.18 7.32
N VAL C 104 35.32 -5.78 6.37
CA VAL C 104 34.87 -7.16 6.58
C VAL C 104 36.07 -7.95 6.09
N TYR C 105 36.98 -8.30 7.01
CA TYR C 105 38.16 -9.08 6.64
C TYR C 105 37.74 -10.44 6.13
N THR C 106 38.56 -11.07 5.27
CA THR C 106 38.31 -12.45 4.86
C THR C 106 38.51 -13.30 6.12
N LEU C 107 37.80 -14.43 6.26
CA LEU C 107 37.96 -15.31 7.41
C LEU C 107 39.41 -15.77 7.56
N LYS C 108 40.12 -15.92 6.40
CA LYS C 108 41.53 -16.29 6.34
C LYS C 108 42.38 -15.20 6.95
N GLU C 109 42.20 -13.94 6.51
CA GLU C 109 42.94 -12.81 7.05
C GLU C 109 42.67 -12.62 8.54
N ARG C 110 41.40 -12.77 8.95
CA ARG C 110 41.03 -12.64 10.34
C ARG C 110 41.70 -13.72 11.18
N CYS C 111 41.79 -14.95 10.65
CA CYS C 111 42.47 -16.06 11.34
C CYS C 111 43.95 -15.78 11.44
N LEU C 112 44.56 -15.24 10.37
CA LEU C 112 45.97 -14.89 10.37
C LEU C 112 46.24 -13.85 11.46
N GLN C 113 45.33 -12.85 11.60
CA GLN C 113 45.44 -11.82 12.63
C GLN C 113 45.45 -12.42 14.03
N VAL C 114 44.51 -13.32 14.31
CA VAL C 114 44.40 -13.94 15.62
C VAL C 114 45.63 -14.78 15.93
N VAL C 115 46.10 -15.58 14.95
CA VAL C 115 47.28 -16.41 15.14
C VAL C 115 48.53 -15.55 15.38
N ARG C 116 48.73 -14.48 14.58
CA ARG C 116 49.83 -13.52 14.75
C ARG C 116 49.82 -12.89 16.16
N SER C 117 48.62 -12.63 16.70
CA SER C 117 48.46 -12.04 18.03
C SER C 117 48.76 -13.02 19.18
N LEU C 118 48.74 -14.32 18.91
CA LEU C 118 48.98 -15.33 19.93
C LEU C 118 50.37 -15.93 19.90
N VAL C 119 50.96 -16.09 18.70
CA VAL C 119 52.29 -16.71 18.59
C VAL C 119 53.39 -15.68 18.17
N LYS C 120 54.54 -15.75 18.84
CA LYS C 120 55.70 -14.89 18.55
C LYS C 120 56.21 -15.22 17.15
N PRO C 121 56.67 -14.21 16.39
CA PRO C 121 57.12 -14.47 15.00
C PRO C 121 58.22 -15.52 14.85
N GLU C 122 59.03 -15.74 15.89
CA GLU C 122 60.07 -16.75 15.84
C GLU C 122 59.50 -18.18 15.91
N ASN C 123 58.31 -18.35 16.51
CA ASN C 123 57.66 -19.65 16.64
C ASN C 123 56.61 -19.95 15.57
N TYR C 124 56.52 -19.12 14.50
CA TYR C 124 55.56 -19.38 13.42
C TYR C 124 55.92 -20.72 12.74
N ARG C 125 57.22 -21.00 12.55
CA ARG C 125 57.65 -22.24 11.92
C ARG C 125 57.35 -23.49 12.73
N ARG C 126 57.17 -23.35 14.06
CA ARG C 126 56.83 -24.48 14.91
C ARG C 126 55.34 -24.87 14.86
N LEU C 127 54.49 -24.11 14.13
CA LEU C 127 53.07 -24.42 14.02
C LEU C 127 52.86 -25.56 13.02
N ASP C 128 51.96 -26.49 13.34
CA ASP C 128 51.68 -27.62 12.46
C ASP C 128 50.70 -27.22 11.35
N ILE C 129 51.17 -26.48 10.35
CA ILE C 129 50.37 -26.00 9.23
C ILE C 129 51.17 -26.14 7.92
N VAL C 130 50.49 -26.04 6.77
CA VAL C 130 51.12 -26.08 5.46
C VAL C 130 52.13 -24.91 5.28
N ARG C 131 53.21 -25.12 4.53
CA ARG C 131 54.25 -24.13 4.28
C ARG C 131 53.71 -22.79 3.73
N SER C 132 52.66 -22.84 2.87
CA SER C 132 52.08 -21.61 2.31
C SER C 132 51.43 -20.75 3.41
N LEU C 133 50.89 -21.38 4.46
CA LEU C 133 50.28 -20.66 5.59
C LEU C 133 51.32 -20.03 6.50
N TYR C 134 52.51 -20.63 6.61
CA TYR C 134 53.63 -20.07 7.37
C TYR C 134 54.04 -18.75 6.71
N GLU C 135 54.13 -18.74 5.38
CA GLU C 135 54.49 -17.57 4.58
C GLU C 135 53.41 -16.50 4.68
N ASP C 136 52.13 -16.90 4.75
CA ASP C 136 50.99 -16.00 4.88
C ASP C 136 51.04 -15.29 6.24
N LEU C 137 51.44 -16.01 7.32
CA LEU C 137 51.59 -15.44 8.66
C LEU C 137 52.75 -14.42 8.69
N GLU C 138 53.85 -14.76 8.02
CA GLU C 138 55.02 -13.89 7.97
C GLU C 138 54.82 -12.66 7.10
N ASP C 139 53.93 -12.75 6.10
CA ASP C 139 53.61 -11.62 5.21
C ASP C 139 52.61 -10.70 5.94
N HIS C 140 53.04 -10.17 7.07
CA HIS C 140 52.21 -9.32 7.88
C HIS C 140 51.86 -8.02 7.15
N PRO C 141 50.73 -7.40 7.52
CA PRO C 141 50.29 -6.17 6.86
C PRO C 141 51.32 -5.06 6.97
N ASN C 142 51.50 -4.29 5.91
CA ASN C 142 52.54 -3.27 5.83
C ASN C 142 52.03 -2.11 4.97
N VAL C 143 52.16 -0.85 5.45
CA VAL C 143 51.72 0.33 4.71
C VAL C 143 52.42 0.49 3.36
N GLN C 144 53.74 0.32 3.32
CA GLN C 144 54.50 0.46 2.08
C GLN C 144 54.02 -0.51 1.01
N LYS C 145 53.75 -1.77 1.39
CA LYS C 145 53.24 -2.78 0.47
C LYS C 145 51.87 -2.40 -0.08
N ASP C 146 50.99 -1.86 0.78
CA ASP C 146 49.65 -1.42 0.39
C ASP C 146 49.72 -0.21 -0.53
N LEU C 147 50.67 0.69 -0.29
CA LEU C 147 50.84 1.86 -1.14
C LEU C 147 51.27 1.43 -2.53
N GLU C 148 52.17 0.42 -2.62
CA GLU C 148 52.63 -0.14 -3.88
C GLU C 148 51.45 -0.78 -4.61
N ARG C 149 50.61 -1.51 -3.87
CA ARG C 149 49.43 -2.15 -4.43
C ARG C 149 48.43 -1.13 -4.98
N LEU C 150 48.11 -0.09 -4.19
CA LEU C 150 47.17 0.97 -4.58
C LEU C 150 47.69 1.77 -5.78
N THR C 151 49.01 1.92 -5.89
CA THR C 151 49.66 2.62 -7.00
C THR C 151 49.51 1.79 -8.27
N GLN C 152 49.71 0.46 -8.17
CA GLN C 152 49.58 -0.48 -9.29
C GLN C 152 48.15 -0.52 -9.81
N GLU C 153 47.17 -0.49 -8.90
CA GLU C 153 45.76 -0.54 -9.27
C GLU C 153 45.27 0.73 -9.98
N ARG C 154 45.95 1.88 -9.77
CA ARG C 154 45.59 3.13 -10.43
C ARG C 154 46.04 3.17 -11.90
N ILE C 155 47.14 2.45 -12.24
CA ILE C 155 47.69 2.35 -13.59
C ILE C 155 46.74 1.56 -14.49
N ALA C 156 46.11 0.49 -13.94
CA ALA C 156 45.15 -0.35 -14.66
C ALA C 156 43.96 0.47 -15.20
N HIS C 157 43.58 1.54 -14.47
CA HIS C 157 42.48 2.44 -14.86
C HIS C 157 42.90 3.34 -16.02
N MET D 1 -19.89 0.07 -17.15
CA MET D 1 -18.48 -0.27 -17.14
C MET D 1 -18.29 -1.78 -17.38
N ASP D 2 -17.27 -2.15 -18.17
CA ASP D 2 -16.98 -3.56 -18.45
C ASP D 2 -16.29 -4.29 -17.29
N VAL D 3 -16.67 -5.55 -17.10
CA VAL D 3 -16.06 -6.49 -16.16
C VAL D 3 -15.52 -7.67 -16.99
N PHE D 4 -14.37 -8.21 -16.61
CA PHE D 4 -13.72 -9.28 -17.36
C PHE D 4 -13.72 -10.55 -16.54
N LEU D 5 -14.24 -11.62 -17.11
CA LEU D 5 -14.48 -12.85 -16.38
C LEU D 5 -13.86 -14.11 -16.95
N MET D 6 -13.71 -15.11 -16.08
CA MET D 6 -13.31 -16.47 -16.39
C MET D 6 -14.43 -17.33 -15.85
N ILE D 7 -15.32 -17.83 -16.73
CA ILE D 7 -16.42 -18.69 -16.30
C ILE D 7 -15.88 -20.10 -16.31
N ARG D 8 -15.74 -20.71 -15.13
CA ARG D 8 -15.08 -22.00 -14.99
C ARG D 8 -15.91 -23.17 -14.46
N ARG D 9 -15.75 -24.32 -15.12
CA ARG D 9 -16.40 -25.58 -14.75
C ARG D 9 -15.48 -26.72 -15.13
N HIS D 10 -15.07 -27.55 -14.15
CA HIS D 10 -14.22 -28.72 -14.37
C HIS D 10 -12.91 -28.28 -15.10
N LYS D 11 -12.68 -28.70 -16.36
CA LYS D 11 -11.51 -28.27 -17.12
C LYS D 11 -11.88 -27.29 -18.24
N THR D 12 -12.98 -26.55 -18.07
CA THR D 12 -13.41 -25.57 -19.06
C THR D 12 -13.32 -24.17 -18.45
N THR D 13 -12.82 -23.21 -19.23
CA THR D 13 -12.71 -21.83 -18.80
C THR D 13 -13.09 -20.92 -19.96
N ILE D 14 -14.15 -20.13 -19.80
CA ILE D 14 -14.58 -19.20 -20.83
C ILE D 14 -14.09 -17.81 -20.46
N PHE D 15 -13.37 -17.15 -21.36
CA PHE D 15 -12.90 -15.78 -21.15
C PHE D 15 -13.87 -14.86 -21.86
N THR D 16 -14.66 -14.11 -21.11
CA THR D 16 -15.61 -13.16 -21.70
C THR D 16 -15.76 -11.90 -20.84
N ASP D 17 -16.32 -10.85 -21.41
CA ASP D 17 -16.58 -9.63 -20.70
C ASP D 17 -18.09 -9.38 -20.66
N ALA D 18 -18.52 -8.55 -19.73
CA ALA D 18 -19.93 -8.19 -19.57
C ALA D 18 -20.04 -6.81 -18.88
N LYS D 19 -21.22 -6.19 -18.89
CA LYS D 19 -21.40 -4.92 -18.18
C LYS D 19 -21.57 -5.20 -16.68
N GLU D 20 -21.16 -4.25 -15.85
CA GLU D 20 -21.35 -4.37 -14.40
C GLU D 20 -22.86 -4.40 -14.05
N SER D 21 -23.68 -3.68 -14.86
CA SER D 21 -25.12 -3.59 -14.74
C SER D 21 -25.86 -4.80 -15.33
N SER D 22 -25.16 -5.66 -16.11
CA SER D 22 -25.78 -6.85 -16.68
C SER D 22 -26.08 -7.88 -15.59
N THR D 23 -27.08 -8.76 -15.80
CA THR D 23 -27.51 -9.70 -14.77
C THR D 23 -26.86 -11.08 -14.87
N VAL D 24 -26.97 -11.87 -13.79
CA VAL D 24 -26.51 -13.25 -13.74
C VAL D 24 -27.26 -14.06 -14.81
N PHE D 25 -28.56 -13.77 -15.03
CA PHE D 25 -29.34 -14.46 -16.05
C PHE D 25 -28.78 -14.15 -17.42
N GLU D 26 -28.47 -12.88 -17.69
CA GLU D 26 -27.90 -12.48 -18.98
C GLU D 26 -26.54 -13.17 -19.24
N LEU D 27 -25.78 -13.46 -18.18
CA LEU D 27 -24.52 -14.17 -18.27
C LEU D 27 -24.77 -15.65 -18.59
N LYS D 28 -25.88 -16.24 -18.08
CA LYS D 28 -26.28 -17.62 -18.38
C LYS D 28 -26.63 -17.75 -19.86
N ARG D 29 -27.20 -16.69 -20.47
CA ARG D 29 -27.52 -16.66 -21.90
C ARG D 29 -26.24 -16.69 -22.74
N ILE D 30 -25.15 -16.07 -22.25
CA ILE D 30 -23.85 -16.08 -22.91
C ILE D 30 -23.24 -17.47 -22.83
N VAL D 31 -23.34 -18.12 -21.66
CA VAL D 31 -22.86 -19.48 -21.46
C VAL D 31 -23.64 -20.46 -22.36
N GLU D 32 -24.96 -20.20 -22.55
CA GLU D 32 -25.82 -21.02 -23.40
C GLU D 32 -25.35 -20.95 -24.85
N GLY D 33 -25.03 -19.75 -25.31
CA GLY D 33 -24.55 -19.54 -26.67
C GLY D 33 -23.22 -20.21 -26.95
N ILE D 34 -22.44 -20.48 -25.90
CA ILE D 34 -21.14 -21.13 -26.06
C ILE D 34 -21.20 -22.66 -25.81
N LEU D 35 -21.65 -23.07 -24.62
CA LEU D 35 -21.66 -24.47 -24.22
C LEU D 35 -22.96 -25.22 -24.53
N LYS D 36 -23.95 -24.54 -25.14
CA LYS D 36 -25.24 -25.09 -25.60
C LYS D 36 -26.05 -25.77 -24.48
N ARG D 37 -26.14 -25.12 -23.32
CA ARG D 37 -26.93 -25.60 -22.18
C ARG D 37 -27.80 -24.43 -21.74
N PRO D 38 -29.14 -24.60 -21.68
CA PRO D 38 -30.00 -23.46 -21.31
C PRO D 38 -29.85 -22.95 -19.87
N PRO D 39 -30.24 -21.68 -19.60
CA PRO D 39 -30.08 -21.12 -18.25
C PRO D 39 -30.64 -21.96 -17.10
N ASP D 40 -31.76 -22.68 -17.32
CA ASP D 40 -32.36 -23.52 -16.27
C ASP D 40 -31.46 -24.70 -15.87
N GLU D 41 -30.52 -25.12 -16.74
CA GLU D 41 -29.58 -26.19 -16.46
C GLU D 41 -28.21 -25.69 -15.96
N GLN D 42 -28.11 -24.38 -15.61
CA GLN D 42 -26.87 -23.74 -15.17
C GLN D 42 -27.00 -23.13 -13.78
N ARG D 43 -25.93 -23.20 -13.02
CA ARG D 43 -25.85 -22.56 -11.71
C ARG D 43 -24.55 -21.78 -11.70
N LEU D 44 -24.60 -20.45 -11.47
CA LEU D 44 -23.39 -19.63 -11.45
C LEU D 44 -23.02 -19.28 -10.03
N TYR D 45 -21.73 -19.29 -9.72
CA TYR D 45 -21.24 -19.05 -8.38
C TYR D 45 -20.18 -17.99 -8.30
N LYS D 46 -20.06 -17.36 -7.13
CA LYS D 46 -18.94 -16.49 -6.83
C LYS D 46 -18.36 -17.17 -5.63
N ASP D 47 -17.25 -17.89 -5.80
CA ASP D 47 -16.64 -18.71 -4.75
C ASP D 47 -17.66 -19.86 -4.46
N ASP D 48 -18.11 -20.06 -3.20
CA ASP D 48 -19.12 -21.08 -2.90
C ASP D 48 -20.56 -20.56 -2.95
N GLN D 49 -20.73 -19.24 -3.09
CA GLN D 49 -22.04 -18.59 -3.09
C GLN D 49 -22.81 -18.70 -4.41
N LEU D 50 -24.01 -19.28 -4.37
CA LEU D 50 -24.85 -19.39 -5.55
C LEU D 50 -25.42 -18.00 -5.89
N LEU D 51 -25.32 -17.61 -7.16
CA LEU D 51 -25.78 -16.32 -7.63
C LEU D 51 -27.22 -16.32 -8.14
N ASP D 52 -28.02 -15.34 -7.68
CA ASP D 52 -29.42 -15.19 -8.09
C ASP D 52 -29.49 -14.56 -9.47
N ASP D 53 -30.35 -15.11 -10.35
CA ASP D 53 -30.54 -14.67 -11.72
C ASP D 53 -30.81 -13.17 -11.91
N GLY D 54 -31.61 -12.59 -11.04
CA GLY D 54 -31.97 -11.18 -11.16
C GLY D 54 -30.94 -10.18 -10.67
N LYS D 55 -29.89 -10.66 -9.99
CA LYS D 55 -28.85 -9.79 -9.46
C LYS D 55 -27.85 -9.35 -10.54
N THR D 56 -27.40 -8.08 -10.47
CA THR D 56 -26.41 -7.60 -11.43
C THR D 56 -25.04 -8.17 -11.07
N LEU D 57 -24.10 -8.16 -12.03
CA LEU D 57 -22.75 -8.60 -11.77
C LEU D 57 -22.07 -7.74 -10.72
N GLY D 58 -22.38 -6.43 -10.71
CA GLY D 58 -21.86 -5.51 -9.71
C GLY D 58 -22.34 -5.87 -8.33
N GLU D 59 -23.64 -6.24 -8.21
CA GLU D 59 -24.24 -6.70 -6.95
C GLU D 59 -23.64 -8.01 -6.47
N CYS D 60 -23.20 -8.86 -7.40
CA CYS D 60 -22.53 -10.10 -7.07
C CYS D 60 -21.03 -9.94 -6.77
N GLY D 61 -20.51 -8.71 -6.71
CA GLY D 61 -19.11 -8.48 -6.39
C GLY D 61 -18.16 -8.41 -7.56
N PHE D 62 -18.69 -8.43 -8.79
CA PHE D 62 -17.85 -8.34 -9.98
C PHE D 62 -17.84 -6.91 -10.43
N THR D 63 -16.80 -6.19 -10.08
CA THR D 63 -16.67 -4.77 -10.41
C THR D 63 -15.45 -4.52 -11.32
N SER D 64 -15.34 -3.34 -11.94
CA SER D 64 -14.19 -3.03 -12.81
C SER D 64 -12.85 -3.19 -12.06
N GLN D 65 -12.88 -2.88 -10.77
CA GLN D 65 -11.73 -2.93 -9.90
C GLN D 65 -11.30 -4.37 -9.63
N THR D 66 -12.23 -5.33 -9.60
CA THR D 66 -11.90 -6.72 -9.28
C THR D 66 -11.91 -7.66 -10.46
N ALA D 67 -12.59 -7.31 -11.54
CA ALA D 67 -12.68 -8.14 -12.72
C ALA D 67 -11.99 -7.36 -13.83
N ARG D 68 -10.66 -7.44 -13.85
CA ARG D 68 -9.83 -6.69 -14.80
C ARG D 68 -9.45 -7.54 -16.04
N PRO D 69 -9.10 -6.92 -17.18
CA PRO D 69 -8.73 -7.73 -18.36
C PRO D 69 -7.53 -8.63 -18.12
N GLN D 70 -6.51 -8.13 -17.42
CA GLN D 70 -5.28 -8.84 -17.10
C GLN D 70 -5.37 -9.75 -15.86
N ALA D 71 -6.45 -9.63 -15.09
CA ALA D 71 -6.69 -10.43 -13.91
C ALA D 71 -8.20 -10.59 -13.77
N PRO D 72 -8.80 -11.41 -14.66
CA PRO D 72 -10.27 -11.55 -14.63
C PRO D 72 -10.81 -12.26 -13.40
N ALA D 73 -12.05 -11.95 -13.03
CA ALA D 73 -12.69 -12.56 -11.88
C ALA D 73 -13.27 -13.91 -12.26
N THR D 74 -13.21 -14.88 -11.35
CA THR D 74 -13.73 -16.21 -11.63
C THR D 74 -15.19 -16.40 -11.24
N VAL D 75 -15.99 -16.92 -12.19
CA VAL D 75 -17.39 -17.24 -11.97
C VAL D 75 -17.48 -18.76 -12.09
N GLY D 76 -17.94 -19.44 -11.04
CA GLY D 76 -18.09 -20.88 -11.07
C GLY D 76 -19.32 -21.29 -11.85
N LEU D 77 -19.28 -22.46 -12.49
CA LEU D 77 -20.41 -22.95 -13.25
C LEU D 77 -20.63 -24.43 -12.97
N ALA D 78 -21.89 -24.83 -12.78
CA ALA D 78 -22.29 -26.21 -12.54
C ALA D 78 -23.49 -26.52 -13.42
N PHE D 79 -23.53 -27.72 -14.01
CA PHE D 79 -24.60 -28.15 -14.90
C PHE D 79 -25.60 -29.11 -14.24
N ASP D 83 -31.04 -33.93 -14.89
CA ASP D 83 -32.11 -33.39 -14.05
C ASP D 83 -31.71 -33.10 -12.58
N THR D 84 -30.49 -33.49 -12.17
CA THR D 84 -29.99 -33.19 -10.84
C THR D 84 -28.68 -32.37 -10.96
N PHE D 85 -28.55 -31.26 -10.19
CA PHE D 85 -27.35 -30.44 -10.29
C PHE D 85 -26.12 -31.07 -9.68
N GLU D 86 -25.01 -31.00 -10.41
CA GLU D 86 -23.74 -31.52 -9.94
C GLU D 86 -23.15 -30.53 -8.93
N ALA D 87 -22.18 -30.99 -8.15
CA ALA D 87 -21.49 -30.11 -7.21
C ALA D 87 -20.56 -29.18 -8.00
N LEU D 88 -20.32 -27.97 -7.49
CA LEU D 88 -19.42 -27.03 -8.15
C LEU D 88 -18.00 -27.58 -8.02
N CYS D 89 -17.40 -27.88 -9.16
CA CYS D 89 -16.04 -28.40 -9.18
C CYS D 89 -15.25 -27.65 -10.23
N ILE D 90 -14.12 -27.08 -9.83
CA ILE D 90 -13.26 -26.36 -10.74
C ILE D 90 -11.87 -26.96 -10.63
N GLU D 91 -11.38 -27.57 -11.71
CA GLU D 91 -10.07 -28.19 -11.73
C GLU D 91 -9.03 -27.10 -11.68
N PRO D 92 -8.08 -27.18 -10.73
CA PRO D 92 -7.05 -26.13 -10.65
C PRO D 92 -6.08 -26.20 -11.83
N PHE D 93 -5.46 -25.07 -12.15
CA PHE D 93 -4.45 -25.05 -13.21
C PHE D 93 -3.18 -25.73 -12.67
N SER D 94 -2.29 -26.15 -13.57
CA SER D 94 -1.04 -26.80 -13.19
C SER D 94 -0.17 -25.89 -12.31
N SER D 95 0.72 -26.50 -11.52
CA SER D 95 1.59 -25.74 -10.64
C SER D 95 2.86 -25.36 -11.38
N PRO D 96 3.29 -24.10 -11.24
CA PRO D 96 4.56 -23.71 -11.87
C PRO D 96 5.72 -24.40 -11.17
N PRO D 97 6.78 -24.74 -11.92
CA PRO D 97 7.94 -25.38 -11.30
C PRO D 97 8.64 -24.47 -10.31
N GLU D 98 9.53 -25.05 -9.51
CA GLU D 98 10.30 -24.32 -8.53
C GLU D 98 11.12 -23.21 -9.18
N LEU D 99 11.10 -22.02 -8.57
CA LEU D 99 11.81 -20.84 -9.06
C LEU D 99 13.30 -21.12 -9.19
N PRO D 100 13.88 -20.93 -10.40
CA PRO D 100 15.32 -21.19 -10.57
C PRO D 100 16.18 -20.38 -9.61
N ASP D 101 17.34 -20.93 -9.23
CA ASP D 101 18.27 -20.36 -8.26
C ASP D 101 18.39 -18.83 -8.28
N VAL D 102 18.67 -18.25 -9.45
CA VAL D 102 18.87 -16.82 -9.57
C VAL D 102 17.57 -15.98 -9.46
N MET D 103 16.41 -16.59 -9.72
CA MET D 103 15.12 -15.89 -9.63
C MET D 103 14.70 -15.65 -8.17
N MET E 2 -17.18 -17.22 -33.85
CA MET E 2 -17.23 -16.26 -32.75
C MET E 2 -16.21 -16.59 -31.66
N TYR E 3 -16.18 -17.83 -31.15
CA TYR E 3 -15.22 -18.26 -30.14
C TYR E 3 -14.36 -19.42 -30.65
N VAL E 4 -13.18 -19.59 -30.06
CA VAL E 4 -12.28 -20.69 -30.40
C VAL E 4 -11.82 -21.37 -29.11
N LYS E 5 -11.36 -22.62 -29.21
CA LYS E 5 -10.90 -23.36 -28.05
C LYS E 5 -9.41 -23.60 -28.10
N LEU E 6 -8.71 -23.27 -27.03
CA LEU E 6 -7.26 -23.46 -26.93
C LEU E 6 -7.07 -24.45 -25.81
N ILE E 7 -6.47 -25.60 -26.13
CA ILE E 7 -6.31 -26.66 -25.15
C ILE E 7 -4.87 -26.78 -24.68
N SER E 8 -4.69 -26.77 -23.36
CA SER E 8 -3.35 -26.87 -22.77
C SER E 8 -2.78 -28.30 -22.83
N SER E 9 -1.48 -28.45 -22.52
CA SER E 9 -0.80 -29.74 -22.48
C SER E 9 -1.46 -30.67 -21.44
N ASP E 10 -1.98 -30.09 -20.34
CA ASP E 10 -2.64 -30.83 -19.28
C ASP E 10 -4.17 -30.91 -19.43
N GLY E 11 -4.69 -30.68 -20.63
CA GLY E 11 -6.12 -30.84 -20.90
C GLY E 11 -7.11 -29.73 -20.62
N HIS E 12 -6.68 -28.59 -20.04
CA HIS E 12 -7.60 -27.48 -19.79
C HIS E 12 -8.03 -26.84 -21.08
N GLU E 13 -9.32 -26.62 -21.23
CA GLU E 13 -9.88 -26.02 -22.43
C GLU E 13 -10.23 -24.57 -22.16
N PHE E 14 -9.62 -23.66 -22.90
CA PHE E 14 -9.85 -22.22 -22.76
C PHE E 14 -10.62 -21.73 -23.96
N ILE E 15 -11.81 -21.19 -23.73
CA ILE E 15 -12.64 -20.68 -24.81
C ILE E 15 -12.53 -19.17 -24.85
N VAL E 16 -11.93 -18.63 -25.91
CA VAL E 16 -11.72 -17.20 -26.05
C VAL E 16 -12.34 -16.69 -27.34
N LYS E 17 -12.62 -15.38 -27.44
CA LYS E 17 -13.16 -14.80 -28.68
C LYS E 17 -12.15 -15.00 -29.81
N ARG E 18 -12.62 -15.33 -31.01
CA ARG E 18 -11.75 -15.59 -32.17
C ARG E 18 -10.79 -14.42 -32.44
N GLU E 19 -11.31 -13.19 -32.38
CA GLU E 19 -10.53 -11.97 -32.56
C GLU E 19 -9.38 -11.88 -31.55
N HIS E 20 -9.62 -12.31 -30.32
CA HIS E 20 -8.62 -12.29 -29.25
C HIS E 20 -7.52 -13.27 -29.52
N ALA E 21 -7.87 -14.48 -29.97
CA ALA E 21 -6.87 -15.50 -30.26
C ALA E 21 -6.02 -15.12 -31.48
N LEU E 22 -6.59 -14.38 -32.44
CA LEU E 22 -5.87 -13.94 -33.64
C LEU E 22 -4.71 -12.98 -33.36
N THR E 23 -4.60 -12.47 -32.09
CA THR E 23 -3.49 -11.64 -31.58
C THR E 23 -2.17 -12.41 -31.81
N SER E 24 -2.21 -13.74 -31.65
CA SER E 24 -1.09 -14.64 -31.91
C SER E 24 -1.04 -14.97 -33.41
N GLY E 25 0.11 -14.74 -34.03
CA GLY E 25 0.32 -15.09 -35.42
C GLY E 25 0.33 -16.60 -35.63
N THR E 26 0.85 -17.34 -34.64
CA THR E 26 0.91 -18.79 -34.65
C THR E 26 -0.50 -19.39 -34.61
N ILE E 27 -1.36 -18.91 -33.68
CA ILE E 27 -2.74 -19.39 -33.57
C ILE E 27 -3.52 -19.02 -34.82
N LYS E 28 -3.31 -17.80 -35.35
CA LYS E 28 -3.97 -17.33 -36.58
C LYS E 28 -3.72 -18.27 -37.76
N ALA E 29 -2.50 -18.83 -37.82
CA ALA E 29 -2.13 -19.77 -38.88
C ALA E 29 -2.72 -21.15 -38.62
N MET E 30 -2.70 -21.59 -37.35
CA MET E 30 -3.26 -22.88 -36.93
C MET E 30 -4.77 -22.96 -37.13
N LEU E 31 -5.47 -21.82 -37.10
CA LEU E 31 -6.91 -21.82 -37.29
C LEU E 31 -7.25 -21.80 -38.78
N SER E 32 -6.58 -20.94 -39.56
CA SER E 32 -6.85 -20.83 -41.00
C SER E 32 -6.07 -21.88 -41.79
N GLY E 33 -6.76 -22.92 -42.23
CA GLY E 33 -6.15 -24.00 -43.00
C GLY E 33 -5.30 -24.94 -42.17
N THR E 42 -12.11 -25.84 -38.26
CA THR E 42 -10.97 -25.77 -37.35
C THR E 42 -11.14 -24.64 -36.34
N ASN E 43 -11.85 -24.91 -35.24
CA ASN E 43 -11.98 -23.91 -34.18
C ASN E 43 -11.42 -24.40 -32.86
N GLU E 44 -10.47 -25.37 -32.90
CA GLU E 44 -9.78 -25.88 -31.72
C GLU E 44 -8.29 -25.99 -32.02
N VAL E 45 -7.45 -25.66 -31.05
CA VAL E 45 -6.01 -25.76 -31.20
C VAL E 45 -5.44 -26.46 -29.98
N ASN E 46 -4.57 -27.47 -30.17
CA ASN E 46 -3.95 -28.17 -29.06
C ASN E 46 -2.51 -27.73 -28.88
N PHE E 47 -2.12 -27.43 -27.64
CA PHE E 47 -0.75 -27.00 -27.34
C PHE E 47 -0.11 -28.04 -26.43
N ARG E 48 0.61 -28.98 -27.03
CA ARG E 48 1.24 -30.07 -26.29
C ARG E 48 2.41 -29.63 -25.40
N GLU E 49 2.87 -28.38 -25.52
CA GLU E 49 3.97 -27.86 -24.72
C GLU E 49 3.57 -26.77 -23.73
N ILE E 50 2.34 -26.21 -23.85
CA ILE E 50 1.92 -25.12 -22.98
C ILE E 50 0.98 -25.58 -21.88
N PRO E 51 1.44 -25.60 -20.62
CA PRO E 51 0.55 -26.00 -19.52
C PRO E 51 -0.55 -24.97 -19.22
N SER E 52 -1.55 -25.35 -18.43
CA SER E 52 -2.68 -24.47 -18.11
C SER E 52 -2.30 -23.20 -17.36
N HIS E 53 -1.32 -23.28 -16.43
CA HIS E 53 -0.89 -22.07 -15.71
C HIS E 53 -0.23 -21.02 -16.61
N VAL E 54 0.20 -21.42 -17.81
CA VAL E 54 0.81 -20.55 -18.79
C VAL E 54 -0.25 -20.14 -19.81
N LEU E 55 -1.05 -21.08 -20.31
CA LEU E 55 -2.08 -20.78 -21.31
C LEU E 55 -3.20 -19.87 -20.79
N SER E 56 -3.50 -19.97 -19.49
CA SER E 56 -4.51 -19.09 -18.89
C SER E 56 -3.99 -17.66 -18.93
N LYS E 57 -2.69 -17.46 -18.61
CA LYS E 57 -2.05 -16.15 -18.65
C LYS E 57 -1.97 -15.61 -20.05
N VAL E 58 -1.74 -16.46 -21.05
CA VAL E 58 -1.72 -16.06 -22.45
C VAL E 58 -3.10 -15.51 -22.86
N CYS E 59 -4.17 -16.16 -22.42
CA CYS E 59 -5.53 -15.72 -22.71
C CYS E 59 -5.83 -14.41 -22.01
N MET E 60 -5.33 -14.23 -20.79
CA MET E 60 -5.48 -12.95 -20.08
C MET E 60 -4.74 -11.85 -20.83
N TYR E 61 -3.58 -12.17 -21.42
CA TYR E 61 -2.84 -11.21 -22.21
C TYR E 61 -3.65 -10.81 -23.44
N PHE E 62 -4.33 -11.75 -24.12
CA PHE E 62 -5.14 -11.42 -25.29
C PHE E 62 -6.23 -10.42 -24.92
N THR E 63 -6.88 -10.61 -23.76
CA THR E 63 -7.94 -9.73 -23.28
C THR E 63 -7.35 -8.35 -23.03
N TYR E 64 -6.21 -8.30 -22.33
CA TYR E 64 -5.47 -7.10 -21.99
C TYR E 64 -5.09 -6.32 -23.24
N LYS E 65 -4.50 -7.01 -24.22
CA LYS E 65 -4.07 -6.42 -25.47
C LYS E 65 -5.24 -5.82 -26.24
N VAL E 66 -6.34 -6.57 -26.42
CA VAL E 66 -7.50 -6.07 -27.16
C VAL E 66 -8.17 -4.89 -26.45
N ARG E 67 -8.18 -4.91 -25.12
CA ARG E 67 -8.82 -3.85 -24.34
C ARG E 67 -8.01 -2.56 -24.37
N TYR E 68 -6.69 -2.67 -24.20
CA TYR E 68 -5.85 -1.47 -24.08
C TYR E 68 -5.13 -0.98 -25.34
N THR E 69 -5.11 -1.75 -26.45
CA THR E 69 -4.48 -1.23 -27.68
C THR E 69 -5.41 -0.18 -28.29
N ASN E 70 -4.84 0.93 -28.77
CA ASN E 70 -5.57 2.06 -29.36
C ASN E 70 -6.51 2.69 -28.33
N SER E 71 -6.01 2.91 -27.10
CA SER E 71 -6.82 3.51 -26.05
C SER E 71 -6.07 4.58 -25.30
N SER E 72 -6.73 5.72 -25.04
CA SER E 72 -6.17 6.84 -24.28
C SER E 72 -6.29 6.67 -22.76
N THR E 73 -7.17 5.74 -22.30
CA THR E 73 -7.36 5.43 -20.89
C THR E 73 -6.04 4.88 -20.32
N GLU E 74 -5.63 5.31 -19.11
CA GLU E 74 -4.40 4.87 -18.46
C GLU E 74 -4.22 3.33 -18.48
N ILE E 75 -3.16 2.87 -19.14
CA ILE E 75 -2.87 1.46 -19.26
C ILE E 75 -2.15 0.92 -18.02
N PRO E 76 -2.70 -0.13 -17.40
CA PRO E 76 -2.01 -0.73 -16.25
C PRO E 76 -0.91 -1.71 -16.67
N GLU E 77 -0.03 -2.07 -15.74
CA GLU E 77 1.03 -3.03 -16.03
C GLU E 77 0.45 -4.42 -16.21
N PHE E 78 0.97 -5.21 -17.16
CA PHE E 78 0.53 -6.59 -17.29
C PHE E 78 1.35 -7.38 -16.28
N PRO E 79 0.69 -8.00 -15.29
CA PRO E 79 1.44 -8.70 -14.25
C PRO E 79 1.91 -10.09 -14.63
N ILE E 80 3.14 -10.41 -14.28
CA ILE E 80 3.68 -11.74 -14.53
C ILE E 80 4.35 -12.24 -13.25
N ALA E 81 3.85 -13.33 -12.67
CA ALA E 81 4.44 -13.89 -11.46
C ALA E 81 5.82 -14.43 -11.81
N PRO E 82 6.83 -14.24 -10.95
CA PRO E 82 8.18 -14.74 -11.27
C PRO E 82 8.23 -16.23 -11.63
N GLU E 83 7.42 -17.06 -10.97
CA GLU E 83 7.32 -18.50 -11.16
C GLU E 83 6.85 -18.92 -12.57
N ILE E 84 6.09 -18.06 -13.24
CA ILE E 84 5.58 -18.33 -14.57
C ILE E 84 6.36 -17.62 -15.69
N ALA E 85 7.20 -16.62 -15.34
CA ALA E 85 7.95 -15.81 -16.30
C ALA E 85 8.70 -16.59 -17.37
N LEU E 86 9.52 -17.60 -17.01
CA LEU E 86 10.28 -18.35 -18.01
C LEU E 86 9.42 -19.10 -18.99
N GLU E 87 8.44 -19.88 -18.52
CA GLU E 87 7.57 -20.63 -19.42
C GLU E 87 6.71 -19.70 -20.27
N LEU E 88 6.22 -18.59 -19.66
CA LEU E 88 5.41 -17.63 -20.38
C LEU E 88 6.22 -16.96 -21.50
N LEU E 89 7.53 -16.73 -21.27
CA LEU E 89 8.42 -16.15 -22.26
C LEU E 89 8.53 -17.09 -23.45
N MET E 90 8.74 -18.39 -23.18
CA MET E 90 8.86 -19.41 -24.21
C MET E 90 7.57 -19.55 -24.99
N ALA E 91 6.43 -19.53 -24.30
CA ALA E 91 5.13 -19.61 -24.94
C ALA E 91 4.87 -18.39 -25.82
N ALA E 92 5.19 -17.17 -25.32
CA ALA E 92 5.00 -15.93 -26.07
C ALA E 92 5.87 -15.92 -27.32
N ASN E 93 7.09 -16.47 -27.21
CA ASN E 93 8.02 -16.57 -28.33
C ASN E 93 7.44 -17.51 -29.39
N PHE E 94 6.89 -18.66 -28.99
CA PHE E 94 6.30 -19.60 -29.95
C PHE E 94 5.04 -19.01 -30.59
N LEU E 95 4.23 -18.32 -29.79
CA LEU E 95 2.96 -17.77 -30.25
C LEU E 95 3.08 -16.47 -31.03
N ASP E 96 4.26 -15.81 -31.01
CA ASP E 96 4.49 -14.55 -31.73
C ASP E 96 3.48 -13.50 -31.29
N CYS E 97 3.48 -13.20 -29.99
CA CYS E 97 2.54 -12.23 -29.43
C CYS E 97 3.15 -11.43 -28.27
N PRO F 10 21.86 14.86 -39.18
CA PRO F 10 20.92 14.06 -38.38
C PRO F 10 19.47 14.33 -38.77
N VAL F 11 18.65 13.29 -38.94
CA VAL F 11 17.25 13.50 -39.32
C VAL F 11 16.39 13.79 -38.09
N LEU F 12 16.37 12.86 -37.12
CA LEU F 12 15.60 13.03 -35.90
C LEU F 12 16.34 13.99 -34.98
N ARG F 13 15.95 15.27 -35.02
CA ARG F 13 16.54 16.32 -34.19
C ARG F 13 15.53 17.44 -33.94
N SER F 14 15.75 18.23 -32.88
CA SER F 14 14.88 19.36 -32.59
C SER F 14 15.15 20.49 -33.55
N VAL F 15 14.11 21.21 -33.91
CA VAL F 15 14.22 22.39 -34.76
C VAL F 15 14.44 23.57 -33.82
N ASN F 16 15.45 24.42 -34.08
CA ASN F 16 15.69 25.58 -33.22
C ASN F 16 14.71 26.71 -33.52
N SER F 17 13.44 26.51 -33.19
CA SER F 17 12.43 27.54 -33.30
C SER F 17 12.53 28.22 -31.95
N ARG F 18 12.64 29.53 -31.96
CA ARG F 18 12.72 30.27 -30.72
C ARG F 18 11.30 30.60 -30.26
N GLU F 19 10.36 29.61 -30.35
CA GLU F 19 8.97 29.78 -29.97
C GLU F 19 8.69 28.95 -28.75
N PRO F 20 8.62 29.57 -27.56
CA PRO F 20 8.31 28.78 -26.36
C PRO F 20 6.98 28.04 -26.45
N SER F 21 6.92 26.89 -25.78
CA SER F 21 5.75 26.04 -25.72
C SER F 21 5.80 25.40 -24.34
N GLN F 22 4.81 25.72 -23.49
CA GLN F 22 4.74 25.15 -22.16
C GLN F 22 4.03 23.82 -22.25
N VAL F 23 4.60 22.81 -21.60
CA VAL F 23 4.10 21.45 -21.67
C VAL F 23 3.91 20.87 -20.26
N ILE F 24 2.94 19.95 -20.10
CA ILE F 24 2.77 19.23 -18.85
C ILE F 24 3.14 17.79 -19.12
N PHE F 25 4.19 17.28 -18.49
CA PHE F 25 4.58 15.89 -18.64
C PHE F 25 3.79 15.11 -17.60
N CYS F 26 2.88 14.24 -18.02
CA CYS F 26 2.09 13.44 -17.08
C CYS F 26 2.50 12.00 -17.10
N ASN F 27 3.11 11.54 -16.02
CA ASN F 27 3.52 10.14 -15.95
C ASN F 27 2.36 9.26 -15.50
N ARG F 28 1.50 8.88 -16.46
CA ARG F 28 0.36 7.98 -16.24
C ARG F 28 0.79 6.52 -16.41
N SER F 29 1.93 6.19 -15.83
CA SER F 29 2.53 4.87 -15.89
C SER F 29 3.06 4.52 -14.50
N PRO F 30 3.24 3.23 -14.22
CA PRO F 30 3.83 2.84 -12.93
C PRO F 30 5.37 2.87 -12.90
N ARG F 31 5.99 3.38 -13.97
CA ARG F 31 7.44 3.43 -14.09
C ARG F 31 7.99 4.81 -13.76
N VAL F 32 9.25 4.87 -13.32
CA VAL F 32 9.93 6.14 -13.12
C VAL F 32 10.29 6.57 -14.55
N VAL F 33 9.81 7.74 -14.99
CA VAL F 33 10.03 8.19 -16.35
C VAL F 33 11.28 9.04 -16.53
N LEU F 34 12.01 8.78 -17.60
CA LEU F 34 13.16 9.54 -18.00
C LEU F 34 12.79 10.29 -19.28
N PRO F 35 12.57 11.60 -19.18
CA PRO F 35 12.29 12.39 -20.39
C PRO F 35 13.60 12.59 -21.14
N VAL F 36 13.55 12.45 -22.46
CA VAL F 36 14.74 12.57 -23.30
C VAL F 36 14.48 13.58 -24.40
N TRP F 37 15.29 14.64 -24.43
CA TRP F 37 15.15 15.66 -25.45
C TRP F 37 16.18 15.40 -26.54
N LEU F 38 15.74 15.38 -27.81
CA LEU F 38 16.68 15.21 -28.90
C LEU F 38 17.21 16.59 -29.22
N ASN F 39 18.50 16.85 -28.92
CA ASN F 39 19.08 18.17 -29.13
C ASN F 39 19.20 18.55 -30.63
N PHE F 40 19.73 19.73 -30.92
CA PHE F 40 19.82 20.23 -32.28
C PHE F 40 20.74 19.40 -33.18
N ASP F 41 21.61 18.58 -32.59
CA ASP F 41 22.48 17.66 -33.31
C ASP F 41 21.92 16.21 -33.39
N GLY F 42 20.72 15.98 -32.84
CA GLY F 42 20.09 14.66 -32.82
C GLY F 42 20.51 13.81 -31.64
N GLU F 43 21.35 14.33 -30.74
CA GLU F 43 21.78 13.59 -29.56
C GLU F 43 20.73 13.58 -28.47
N PRO F 44 20.47 12.39 -27.89
CA PRO F 44 19.51 12.34 -26.78
C PRO F 44 20.09 12.97 -25.50
N GLN F 45 19.36 13.91 -24.93
CA GLN F 45 19.74 14.55 -23.69
C GLN F 45 18.77 14.16 -22.60
N PRO F 46 19.25 13.51 -21.55
CA PRO F 46 18.35 13.09 -20.46
C PRO F 46 17.97 14.26 -19.55
N TYR F 47 16.73 14.25 -19.10
CA TYR F 47 16.20 15.27 -18.21
C TYR F 47 15.83 14.66 -16.84
N PRO F 48 15.59 15.47 -15.77
CA PRO F 48 15.27 14.87 -14.46
C PRO F 48 14.09 13.91 -14.50
N THR F 49 14.17 12.81 -13.72
CA THR F 49 13.14 11.79 -13.75
C THR F 49 11.84 12.18 -13.07
N LEU F 50 10.75 11.55 -13.49
CA LEU F 50 9.42 11.74 -12.95
C LEU F 50 9.00 10.46 -12.25
N PRO F 51 8.72 10.51 -10.93
CA PRO F 51 8.21 9.31 -10.26
C PRO F 51 6.83 8.93 -10.82
N PRO F 52 6.42 7.67 -10.65
CA PRO F 52 5.12 7.24 -11.20
C PRO F 52 3.92 8.03 -10.67
N GLY F 53 2.99 8.34 -11.57
CA GLY F 53 1.77 9.07 -11.23
C GLY F 53 1.90 10.57 -11.06
N THR F 54 3.10 11.10 -11.22
CA THR F 54 3.36 12.51 -11.03
C THR F 54 3.36 13.30 -12.34
N GLY F 55 3.10 14.60 -12.22
CA GLY F 55 3.11 15.52 -13.34
C GLY F 55 4.16 16.58 -13.16
N ARG F 56 4.50 17.30 -14.25
CA ARG F 56 5.47 18.37 -14.17
C ARG F 56 5.29 19.39 -15.26
N ARG F 57 5.34 20.67 -14.91
CA ARG F 57 5.22 21.73 -15.90
C ARG F 57 6.65 21.96 -16.42
N ILE F 58 6.78 21.92 -17.75
CA ILE F 58 8.03 22.01 -18.51
C ILE F 58 8.04 23.19 -19.46
N HIS F 59 9.18 23.90 -19.55
CA HIS F 59 9.32 24.97 -20.52
C HIS F 59 10.11 24.40 -21.70
N SER F 60 9.46 24.27 -22.85
CA SER F 60 10.11 23.73 -24.05
C SER F 60 9.82 24.67 -25.23
N TYR F 61 9.98 24.21 -26.49
CA TYR F 61 9.77 25.04 -27.66
C TYR F 61 9.04 24.26 -28.74
N ARG F 62 8.38 24.96 -29.67
CA ARG F 62 7.67 24.31 -30.78
C ARG F 62 8.72 23.67 -31.70
N GLY F 63 8.42 22.47 -32.21
CA GLY F 63 9.35 21.76 -33.09
C GLY F 63 10.40 20.93 -32.36
N HIS F 64 10.45 21.00 -31.03
CA HIS F 64 11.41 20.20 -30.27
C HIS F 64 10.94 18.74 -30.16
N LEU F 65 11.87 17.79 -30.09
CA LEU F 65 11.52 16.37 -30.07
C LEU F 65 11.79 15.74 -28.72
N TRP F 66 10.81 15.00 -28.20
CA TRP F 66 10.93 14.32 -26.93
C TRP F 66 10.53 12.86 -27.04
N LEU F 67 11.18 12.02 -26.26
CA LEU F 67 10.83 10.62 -26.12
C LEU F 67 10.96 10.26 -24.65
N PHE F 68 10.24 9.24 -24.20
CA PHE F 68 10.20 8.91 -22.79
C PHE F 68 10.47 7.46 -22.58
N ARG F 69 11.31 7.15 -21.61
CA ARG F 69 11.73 5.79 -21.31
C ARG F 69 11.58 5.49 -19.82
N ASP F 70 11.68 4.20 -19.45
CA ASP F 70 11.73 3.81 -18.04
C ASP F 70 13.18 4.21 -17.61
N ALA F 71 13.30 5.01 -16.55
CA ALA F 71 14.59 5.51 -16.09
C ALA F 71 15.58 4.41 -15.70
N GLY F 72 15.08 3.30 -15.15
CA GLY F 72 15.93 2.21 -14.71
C GLY F 72 16.29 1.18 -15.75
N THR F 73 15.33 0.83 -16.61
CA THR F 73 15.55 -0.22 -17.61
C THR F 73 15.63 0.24 -19.05
N HIS F 74 15.20 1.47 -19.32
CA HIS F 74 15.15 2.06 -20.66
C HIS F 74 14.06 1.49 -21.54
N ASP F 75 13.04 0.81 -20.94
CA ASP F 75 11.88 0.27 -21.66
C ASP F 75 11.15 1.44 -22.31
N GLY F 76 10.69 1.25 -23.53
CA GLY F 76 10.00 2.30 -24.25
C GLY F 76 8.66 2.66 -23.66
N LEU F 77 8.29 3.94 -23.76
CA LEU F 77 6.99 4.40 -23.27
C LEU F 77 6.32 5.21 -24.36
N LEU F 78 5.00 5.29 -24.30
CA LEU F 78 4.24 6.08 -25.27
C LEU F 78 3.95 7.46 -24.70
N VAL F 79 3.87 8.45 -25.58
CA VAL F 79 3.53 9.79 -25.19
C VAL F 79 2.45 10.24 -26.16
N ASN F 80 1.21 10.41 -25.65
CA ASN F 80 0.04 10.72 -26.46
C ASN F 80 -0.16 9.66 -27.54
N GLN F 81 -0.02 8.38 -27.12
CA GLN F 81 -0.20 7.18 -27.93
C GLN F 81 0.83 6.99 -29.07
N THR F 82 1.94 7.73 -29.05
CA THR F 82 2.97 7.58 -30.08
C THR F 82 4.39 7.58 -29.45
N GLU F 83 5.45 7.38 -30.24
CA GLU F 83 6.80 7.33 -29.71
C GLU F 83 7.42 8.70 -29.44
N LEU F 84 7.15 9.68 -30.31
CA LEU F 84 7.73 11.01 -30.16
C LEU F 84 6.70 12.07 -29.80
N PHE F 85 7.14 13.07 -29.02
CA PHE F 85 6.31 14.20 -28.63
C PHE F 85 6.94 15.49 -29.12
N VAL F 86 6.17 16.24 -29.89
CA VAL F 86 6.62 17.52 -30.41
C VAL F 86 5.71 18.60 -29.87
N PRO F 87 6.20 19.48 -28.96
CA PRO F 87 5.34 20.55 -28.44
C PRO F 87 4.78 21.40 -29.58
N SER F 88 3.49 21.67 -29.50
CA SER F 88 2.77 22.46 -30.48
C SER F 88 2.39 23.86 -29.92
N LEU F 89 1.63 24.64 -30.72
CA LEU F 89 1.14 25.97 -30.41
C LEU F 89 0.23 25.94 -29.16
N ASN F 90 0.52 26.79 -28.16
CA ASN F 90 -0.29 26.88 -26.95
C ASN F 90 -1.49 27.81 -27.21
N VAL F 91 -2.70 27.27 -27.31
CA VAL F 91 -3.89 28.09 -27.57
C VAL F 91 -4.38 28.71 -26.27
N ASP F 92 -4.42 30.05 -26.21
CA ASP F 92 -4.82 30.83 -25.04
C ASP F 92 -3.87 30.54 -23.86
N GLY F 93 -2.58 30.39 -24.15
CA GLY F 93 -1.56 30.10 -23.16
C GLY F 93 -1.67 28.75 -22.46
N GLN F 94 -2.67 27.95 -22.85
CA GLN F 94 -2.93 26.64 -22.28
C GLN F 94 -1.82 25.65 -22.63
N PRO F 95 -1.22 25.02 -21.61
CA PRO F 95 -0.12 24.10 -21.89
C PRO F 95 -0.52 22.83 -22.64
N ILE F 96 0.41 22.27 -23.41
CA ILE F 96 0.17 21.03 -24.16
C ILE F 96 0.37 19.87 -23.21
N PHE F 97 -0.52 18.88 -23.25
CA PHE F 97 -0.37 17.72 -22.40
C PHE F 97 0.44 16.64 -23.06
N ALA F 98 1.41 16.09 -22.34
CA ALA F 98 2.23 14.99 -22.80
C ALA F 98 1.93 13.82 -21.88
N ASN F 99 0.92 13.03 -22.25
CA ASN F 99 0.49 11.90 -21.46
C ASN F 99 1.37 10.70 -21.73
N ILE F 100 2.22 10.40 -20.75
CA ILE F 100 3.17 9.30 -20.80
C ILE F 100 2.55 8.06 -20.24
N THR F 101 2.32 7.06 -21.08
CA THR F 101 1.70 5.81 -20.66
C THR F 101 2.54 4.62 -21.07
N LEU F 102 2.27 3.47 -20.43
CA LEU F 102 2.90 2.23 -20.81
C LEU F 102 2.29 1.83 -22.15
N PRO F 103 3.11 1.43 -23.12
CA PRO F 103 2.51 0.86 -24.33
C PRO F 103 1.97 -0.54 -23.98
N VAL F 104 1.20 -1.11 -24.93
CA VAL F 104 0.78 -2.47 -24.76
C VAL F 104 1.96 -3.25 -25.31
N TYR F 105 2.90 -3.60 -24.43
CA TYR F 105 4.07 -4.36 -24.84
C TYR F 105 3.64 -5.71 -25.39
N THR F 106 4.46 -6.33 -26.25
CA THR F 106 4.19 -7.70 -26.68
C THR F 106 4.38 -8.59 -25.43
N LEU F 107 3.64 -9.69 -25.31
CA LEU F 107 3.80 -10.59 -24.17
C LEU F 107 5.26 -11.08 -24.02
N LYS F 108 5.95 -11.22 -25.18
CA LYS F 108 7.35 -11.61 -25.24
C LYS F 108 8.22 -10.52 -24.62
N GLU F 109 8.04 -9.26 -25.03
CA GLU F 109 8.81 -8.15 -24.48
C GLU F 109 8.53 -7.98 -23.00
N ARG F 110 7.28 -8.12 -22.59
CA ARG F 110 6.92 -8.01 -21.19
C ARG F 110 7.57 -9.11 -20.36
N CYS F 111 7.65 -10.33 -20.90
CA CYS F 111 8.32 -11.46 -20.25
C CYS F 111 9.80 -11.20 -20.14
N LEU F 112 10.41 -10.65 -21.20
CA LEU F 112 11.84 -10.30 -21.21
C LEU F 112 12.11 -9.28 -20.12
N GLN F 113 11.23 -8.28 -19.95
CA GLN F 113 11.34 -7.26 -18.91
C GLN F 113 11.33 -7.89 -17.51
N VAL F 114 10.38 -8.80 -17.25
CA VAL F 114 10.28 -9.45 -15.94
C VAL F 114 11.51 -10.30 -15.65
N VAL F 115 11.96 -11.07 -16.64
CA VAL F 115 13.13 -11.93 -16.47
C VAL F 115 14.37 -11.08 -16.21
N ARG F 116 14.58 -9.99 -16.99
CA ARG F 116 15.72 -9.06 -16.80
C ARG F 116 15.71 -8.46 -15.38
N SER F 117 14.51 -8.16 -14.84
CA SER F 117 14.36 -7.60 -13.50
C SER F 117 14.67 -8.59 -12.38
N LEU F 118 14.63 -9.90 -12.67
CA LEU F 118 14.87 -10.93 -11.66
C LEU F 118 16.27 -11.52 -11.72
N VAL F 119 16.85 -11.67 -12.92
CA VAL F 119 18.17 -12.29 -13.06
C VAL F 119 19.25 -11.28 -13.49
N LYS F 120 20.41 -11.35 -12.84
CA LYS F 120 21.56 -10.49 -13.15
C LYS F 120 22.06 -10.83 -14.56
N PRO F 121 22.53 -9.82 -15.32
CA PRO F 121 22.97 -10.08 -16.70
C PRO F 121 24.06 -11.16 -16.87
N GLU F 122 24.86 -11.40 -15.83
CA GLU F 122 25.89 -12.42 -15.89
C GLU F 122 25.29 -13.84 -15.82
N ASN F 123 24.09 -13.99 -15.22
CA ASN F 123 23.44 -15.28 -15.10
C ASN F 123 22.38 -15.56 -16.16
N TYR F 124 22.29 -14.73 -17.23
CA TYR F 124 21.31 -14.98 -18.31
C TYR F 124 21.62 -16.34 -18.99
N ARG F 125 22.92 -16.63 -19.18
CA ARG F 125 23.44 -17.86 -19.79
C ARG F 125 23.04 -19.12 -18.99
N ARG F 126 22.87 -18.98 -17.67
CA ARG F 126 22.50 -20.09 -16.81
C ARG F 126 21.00 -20.44 -16.84
N LEU F 127 20.18 -19.68 -17.59
CA LEU F 127 18.75 -19.97 -17.72
C LEU F 127 18.55 -21.09 -18.74
N ASP F 128 17.66 -22.04 -18.45
CA ASP F 128 17.41 -23.15 -19.37
C ASP F 128 16.41 -22.75 -20.48
N ILE F 129 16.88 -21.96 -21.45
CA ILE F 129 16.07 -21.46 -22.56
C ILE F 129 16.86 -21.57 -23.88
N VAL F 130 16.16 -21.45 -25.02
CA VAL F 130 16.77 -21.48 -26.35
C VAL F 130 17.78 -20.33 -26.51
N ARG F 131 18.86 -20.55 -27.28
CA ARG F 131 19.91 -19.55 -27.54
C ARG F 131 19.38 -18.21 -28.06
N SER F 132 18.33 -18.22 -28.90
CA SER F 132 17.74 -16.98 -29.43
C SER F 132 17.13 -16.13 -28.32
N LEU F 133 16.60 -16.77 -27.26
CA LEU F 133 16.01 -16.06 -26.13
C LEU F 133 17.07 -15.44 -25.21
N TYR F 134 18.25 -16.05 -25.12
CA TYR F 134 19.37 -15.50 -24.36
C TYR F 134 19.81 -14.19 -25.04
N GLU F 135 19.88 -14.18 -26.38
CA GLU F 135 20.23 -13.01 -27.16
C GLU F 135 19.16 -11.91 -27.03
N ASP F 136 17.89 -12.30 -26.94
CA ASP F 136 16.77 -11.38 -26.78
C ASP F 136 16.85 -10.70 -25.41
N LEU F 137 17.24 -11.44 -24.36
CA LEU F 137 17.40 -10.89 -23.01
C LEU F 137 18.58 -9.92 -22.99
N GLU F 138 19.70 -10.29 -23.65
CA GLU F 138 20.89 -9.45 -23.71
C GLU F 138 20.69 -8.19 -24.54
N ASP F 139 19.77 -8.22 -25.51
CA ASP F 139 19.47 -7.05 -26.34
C ASP F 139 18.53 -6.11 -25.56
N HIS F 140 19.06 -5.49 -24.49
CA HIS F 140 18.33 -4.57 -23.63
C HIS F 140 17.83 -3.38 -24.41
N PRO F 141 16.69 -2.80 -24.01
CA PRO F 141 16.21 -1.60 -24.69
C PRO F 141 17.23 -0.46 -24.58
N ASN F 142 17.42 0.33 -25.65
CA ASN F 142 18.31 1.48 -25.60
C ASN F 142 17.90 2.50 -26.63
N VAL F 143 17.99 3.76 -26.23
CA VAL F 143 17.55 4.92 -26.98
C VAL F 143 18.23 5.07 -28.34
N GLN F 144 19.55 4.88 -28.41
CA GLN F 144 20.27 5.01 -29.66
C GLN F 144 19.76 4.04 -30.74
N LYS F 145 19.50 2.78 -30.35
CA LYS F 145 18.97 1.77 -31.24
C LYS F 145 17.59 2.15 -31.74
N ASP F 146 16.73 2.69 -30.86
CA ASP F 146 15.38 3.12 -31.21
C ASP F 146 15.41 4.33 -32.13
N LEU F 147 16.36 5.23 -31.94
CA LEU F 147 16.49 6.40 -32.81
C LEU F 147 16.87 5.95 -34.22
N GLU F 148 17.78 4.94 -34.32
CA GLU F 148 18.19 4.36 -35.59
C GLU F 148 17.00 3.71 -36.26
N ARG F 149 16.17 2.98 -35.49
CA ARG F 149 14.96 2.31 -36.01
C ARG F 149 13.95 3.33 -36.50
N LEU F 150 13.70 4.39 -35.72
CA LEU F 150 12.76 5.44 -36.10
C LEU F 150 13.22 6.21 -37.34
N THR F 151 14.53 6.32 -37.54
CA THR F 151 15.12 6.98 -38.70
C THR F 151 14.85 6.17 -39.98
N GLN F 152 14.88 4.82 -39.89
CA GLN F 152 14.62 3.97 -41.06
C GLN F 152 13.17 4.11 -41.53
N GLU F 153 12.23 4.17 -40.57
CA GLU F 153 10.80 4.32 -40.85
C GLU F 153 10.49 5.67 -41.47
N ARG F 154 11.25 6.72 -41.09
CA ARG F 154 11.10 8.08 -41.63
C ARG F 154 11.29 8.10 -43.18
N ILE F 155 12.13 7.17 -43.68
CA ILE F 155 12.45 6.98 -45.09
C ILE F 155 11.25 6.35 -45.82
N MET G 1 -25.72 0.54 3.40
CA MET G 1 -25.84 -0.91 3.39
C MET G 1 -24.65 -1.54 4.10
N ASP G 2 -24.88 -2.35 5.14
CA ASP G 2 -23.79 -3.00 5.87
C ASP G 2 -23.18 -4.20 5.15
N VAL G 3 -21.86 -4.25 5.15
CA VAL G 3 -21.07 -5.34 4.63
C VAL G 3 -20.26 -5.93 5.77
N PHE G 4 -20.19 -7.26 5.84
CA PHE G 4 -19.58 -7.95 6.96
C PHE G 4 -18.32 -8.64 6.52
N LEU G 5 -17.23 -8.37 7.23
CA LEU G 5 -15.90 -8.79 6.82
C LEU G 5 -15.09 -9.52 7.86
N MET G 6 -14.08 -10.25 7.36
CA MET G 6 -13.05 -10.94 8.12
C MET G 6 -11.74 -10.36 7.59
N ILE G 7 -11.09 -9.47 8.35
CA ILE G 7 -9.81 -8.89 7.96
C ILE G 7 -8.75 -9.83 8.49
N ARG G 8 -8.05 -10.50 7.59
CA ARG G 8 -7.13 -11.56 7.98
C ARG G 8 -5.63 -11.34 7.62
N ARG G 9 -4.75 -11.57 8.60
CA ARG G 9 -3.30 -11.50 8.47
C ARG G 9 -2.69 -12.57 9.36
N HIS G 10 -1.90 -13.48 8.76
CA HIS G 10 -1.21 -14.55 9.48
C HIS G 10 -2.23 -15.39 10.31
N LYS G 11 -2.19 -15.35 11.65
CA LYS G 11 -3.16 -16.06 12.49
C LYS G 11 -4.13 -15.09 13.17
N THR G 12 -4.35 -13.92 12.57
CA THR G 12 -5.25 -12.92 13.14
C THR G 12 -6.42 -12.74 12.19
N THR G 13 -7.64 -12.67 12.76
CA THR G 13 -8.85 -12.46 11.99
C THR G 13 -9.73 -11.47 12.73
N ILE G 14 -10.00 -10.31 12.13
CA ILE G 14 -10.84 -9.31 12.74
C ILE G 14 -12.23 -9.42 12.13
N PHE G 15 -13.25 -9.59 12.95
CA PHE G 15 -14.63 -9.63 12.49
C PHE G 15 -15.20 -8.26 12.69
N THR G 16 -15.47 -7.54 11.59
CA THR G 16 -16.07 -6.22 11.68
C THR G 16 -17.04 -5.97 10.52
N ASP G 17 -17.91 -4.99 10.69
CA ASP G 17 -18.82 -4.57 9.65
C ASP G 17 -18.50 -3.14 9.25
N ALA G 18 -18.90 -2.77 8.06
CA ALA G 18 -18.67 -1.44 7.53
C ALA G 18 -19.76 -1.12 6.48
N LYS G 19 -19.89 0.15 6.07
CA LYS G 19 -20.84 0.50 5.05
C LYS G 19 -20.27 0.14 3.68
N GLU G 20 -21.13 -0.18 2.73
CA GLU G 20 -20.73 -0.47 1.36
C GLU G 20 -20.07 0.79 0.73
N SER G 21 -20.56 1.99 1.12
CA SER G 21 -20.07 3.28 0.67
C SER G 21 -18.79 3.73 1.39
N SER G 22 -18.41 3.06 2.50
CA SER G 22 -17.19 3.41 3.23
C SER G 22 -15.95 3.02 2.39
N THR G 23 -14.81 3.68 2.63
CA THR G 23 -13.61 3.45 1.83
C THR G 23 -12.63 2.44 2.43
N VAL G 24 -11.68 1.96 1.60
CA VAL G 24 -10.58 1.10 2.01
C VAL G 24 -9.74 1.82 3.07
N PHE G 25 -9.54 3.14 2.92
CA PHE G 25 -8.79 3.91 3.90
C PHE G 25 -9.52 3.91 5.24
N GLU G 26 -10.85 4.12 5.23
CA GLU G 26 -11.64 4.09 6.45
C GLU G 26 -11.56 2.75 7.16
N LEU G 27 -11.41 1.66 6.40
CA LEU G 27 -11.24 0.29 6.92
C LEU G 27 -9.85 0.13 7.56
N LYS G 28 -8.82 0.80 6.99
CA LYS G 28 -7.46 0.82 7.54
C LYS G 28 -7.44 1.53 8.89
N ARG G 29 -8.30 2.57 9.08
CA ARG G 29 -8.45 3.27 10.35
C ARG G 29 -9.02 2.35 11.43
N ILE G 30 -9.91 1.42 11.04
CA ILE G 30 -10.49 0.43 11.94
C ILE G 30 -9.42 -0.57 12.36
N VAL G 31 -8.60 -1.03 11.41
CA VAL G 31 -7.49 -1.94 11.69
C VAL G 31 -6.47 -1.26 12.60
N GLU G 32 -6.24 0.05 12.42
CA GLU G 32 -5.31 0.84 13.24
C GLU G 32 -5.79 0.87 14.69
N GLY G 33 -7.09 1.09 14.89
CA GLY G 33 -7.69 1.13 16.21
C GLY G 33 -7.60 -0.18 16.95
N ILE G 34 -7.45 -1.30 16.22
CA ILE G 34 -7.36 -2.63 16.82
C ILE G 34 -5.91 -3.10 16.97
N LEU G 35 -5.18 -3.18 15.86
CA LEU G 35 -3.82 -3.71 15.83
C LEU G 35 -2.70 -2.69 16.03
N LYS G 36 -3.07 -1.40 16.21
CA LYS G 36 -2.16 -0.29 16.51
C LYS G 36 -1.05 -0.06 15.45
N ARG G 37 -1.42 -0.14 14.17
CA ARG G 37 -0.51 0.09 13.06
C ARG G 37 -1.19 1.10 12.14
N PRO G 38 -0.55 2.23 11.81
CA PRO G 38 -1.23 3.25 10.98
C PRO G 38 -1.55 2.82 9.55
N PRO G 39 -2.55 3.47 8.93
CA PRO G 39 -2.93 3.09 7.55
C PRO G 39 -1.79 2.98 6.55
N ASP G 40 -0.78 3.87 6.63
CA ASP G 40 0.35 3.85 5.70
C ASP G 40 1.22 2.59 5.85
N GLU G 41 1.16 1.93 7.00
CA GLU G 41 1.90 0.67 7.21
C GLU G 41 1.06 -0.59 6.91
N GLN G 42 -0.14 -0.41 6.33
CA GLN G 42 -1.05 -1.51 6.01
C GLN G 42 -1.32 -1.57 4.53
N ARG G 43 -1.52 -2.80 4.04
CA ARG G 43 -1.95 -3.06 2.68
C ARG G 43 -3.18 -3.95 2.79
N LEU G 44 -4.28 -3.59 2.12
CA LEU G 44 -5.49 -4.40 2.15
C LEU G 44 -5.70 -5.07 0.81
N TYR G 45 -6.12 -6.34 0.81
CA TYR G 45 -6.27 -7.10 -0.40
C TYR G 45 -7.63 -7.75 -0.54
N LYS G 46 -8.02 -8.03 -1.78
CA LYS G 46 -9.18 -8.85 -2.07
C LYS G 46 -8.58 -9.91 -2.92
N ASP G 47 -8.39 -11.10 -2.32
CA ASP G 47 -7.68 -12.23 -2.92
C ASP G 47 -6.20 -11.76 -3.09
N ASP G 48 -5.60 -11.82 -4.30
CA ASP G 48 -4.24 -11.33 -4.49
C ASP G 48 -4.18 -9.85 -4.93
N GLN G 49 -5.34 -9.24 -5.20
CA GLN G 49 -5.43 -7.87 -5.66
C GLN G 49 -5.31 -6.81 -4.57
N LEU G 50 -4.33 -5.92 -4.71
CA LEU G 50 -4.13 -4.82 -3.76
C LEU G 50 -5.25 -3.79 -3.93
N LEU G 51 -5.83 -3.35 -2.82
CA LEU G 51 -6.93 -2.39 -2.84
C LEU G 51 -6.50 -0.94 -2.67
N ASP G 52 -7.06 -0.03 -3.48
CA ASP G 52 -6.77 1.40 -3.43
C ASP G 52 -7.56 2.10 -2.31
N ASP G 53 -6.88 2.96 -1.53
CA ASP G 53 -7.44 3.68 -0.39
C ASP G 53 -8.74 4.44 -0.66
N GLY G 54 -8.82 5.09 -1.81
CA GLY G 54 -9.98 5.90 -2.14
C GLY G 54 -11.20 5.15 -2.63
N LYS G 55 -11.04 3.86 -2.93
CA LYS G 55 -12.13 3.05 -3.44
C LYS G 55 -13.08 2.61 -2.32
N THR G 56 -14.40 2.61 -2.63
CA THR G 56 -15.38 2.16 -1.64
C THR G 56 -15.33 0.63 -1.53
N LEU G 57 -15.86 0.08 -0.43
CA LEU G 57 -15.90 -1.36 -0.26
C LEU G 57 -16.78 -2.01 -1.34
N GLY G 58 -17.85 -1.31 -1.76
CA GLY G 58 -18.71 -1.77 -2.84
C GLY G 58 -17.96 -1.86 -4.15
N GLU G 59 -17.11 -0.85 -4.43
CA GLU G 59 -16.26 -0.82 -5.63
C GLU G 59 -15.21 -1.95 -5.60
N CYS G 60 -14.79 -2.36 -4.40
CA CYS G 60 -13.86 -3.47 -4.21
C CYS G 60 -14.56 -4.85 -4.24
N GLY G 61 -15.85 -4.90 -4.54
CA GLY G 61 -16.58 -6.16 -4.62
C GLY G 61 -17.17 -6.65 -3.32
N PHE G 62 -17.13 -5.83 -2.27
CA PHE G 62 -17.73 -6.21 -0.99
C PHE G 62 -19.13 -5.62 -0.94
N THR G 63 -20.16 -6.44 -1.18
CA THR G 63 -21.57 -5.99 -1.20
C THR G 63 -22.44 -6.78 -0.19
N SER G 64 -23.73 -6.43 -0.02
CA SER G 64 -24.63 -7.16 0.87
C SER G 64 -24.83 -8.62 0.41
N GLN G 65 -24.75 -8.87 -0.89
CA GLN G 65 -24.93 -10.20 -1.46
C GLN G 65 -23.69 -11.12 -1.27
N THR G 66 -22.50 -10.52 -1.06
CA THR G 66 -21.27 -11.30 -0.93
C THR G 66 -20.59 -11.21 0.43
N ALA G 67 -20.92 -10.21 1.21
CA ALA G 67 -20.34 -10.02 2.53
C ALA G 67 -21.48 -10.04 3.54
N ARG G 68 -21.95 -11.25 3.83
CA ARG G 68 -23.07 -11.47 4.74
C ARG G 68 -22.63 -11.68 6.18
N PRO G 69 -23.48 -11.36 7.16
CA PRO G 69 -23.09 -11.57 8.56
C PRO G 69 -22.69 -13.00 8.88
N GLN G 70 -23.43 -13.96 8.34
CA GLN G 70 -23.20 -15.39 8.53
C GLN G 70 -22.14 -16.00 7.60
N ALA G 71 -21.70 -15.25 6.58
CA ALA G 71 -20.69 -15.68 5.63
C ALA G 71 -19.92 -14.42 5.20
N PRO G 72 -19.09 -13.86 6.10
CA PRO G 72 -18.39 -12.62 5.78
C PRO G 72 -17.32 -12.75 4.71
N ALA G 73 -17.06 -11.67 4.01
CA ALA G 73 -16.05 -11.65 2.96
C ALA G 73 -14.67 -11.43 3.56
N THR G 74 -13.65 -12.06 2.98
CA THR G 74 -12.29 -11.93 3.48
C THR G 74 -11.52 -10.78 2.84
N VAL G 75 -10.89 -9.96 3.69
CA VAL G 75 -10.01 -8.87 3.29
C VAL G 75 -8.63 -9.25 3.80
N GLY G 76 -7.65 -9.38 2.92
CA GLY G 76 -6.29 -9.69 3.32
C GLY G 76 -5.58 -8.46 3.88
N LEU G 77 -4.65 -8.67 4.81
CA LEU G 77 -3.91 -7.57 5.42
C LEU G 77 -2.43 -7.94 5.51
N ALA G 78 -1.55 -6.99 5.15
CA ALA G 78 -0.11 -7.13 5.21
C ALA G 78 0.45 -5.87 5.84
N PHE G 79 1.45 -6.03 6.71
CA PHE G 79 2.09 -4.91 7.39
C PHE G 79 3.48 -4.60 6.84
N ARG G 80 3.96 -3.37 7.10
CA ARG G 80 5.31 -2.99 6.71
C ARG G 80 6.27 -3.55 7.77
N ALA G 81 7.33 -4.22 7.34
CA ALA G 81 8.37 -4.77 8.20
C ALA G 81 9.72 -4.09 7.86
N ASP G 82 10.04 -3.00 8.61
CA ASP G 82 11.27 -2.19 8.43
C ASP G 82 11.37 -1.56 7.03
N ASP G 83 10.42 -0.65 6.72
CA ASP G 83 10.31 0.13 5.48
C ASP G 83 9.92 -0.67 4.20
N THR G 84 9.95 -2.01 4.26
CA THR G 84 9.54 -2.86 3.13
C THR G 84 8.36 -3.76 3.54
N PHE G 85 7.28 -3.79 2.73
CA PHE G 85 6.10 -4.57 3.08
C PHE G 85 6.32 -6.06 3.01
N GLU G 86 5.70 -6.78 3.92
CA GLU G 86 5.75 -8.22 3.92
C GLU G 86 4.80 -8.77 2.84
N ALA G 87 4.98 -10.03 2.45
CA ALA G 87 4.09 -10.65 1.49
C ALA G 87 2.76 -10.96 2.19
N LEU G 88 1.66 -10.96 1.42
CA LEU G 88 0.35 -11.28 1.98
C LEU G 88 0.34 -12.76 2.37
N CYS G 89 0.19 -13.01 3.67
CA CYS G 89 0.14 -14.38 4.16
C CYS G 89 -1.04 -14.53 5.09
N ILE G 90 -1.93 -15.49 4.80
CA ILE G 90 -3.08 -15.76 5.64
C ILE G 90 -3.05 -17.23 6.00
N GLU G 91 -2.90 -17.53 7.30
CA GLU G 91 -2.87 -18.91 7.76
C GLU G 91 -4.24 -19.50 7.65
N PRO G 92 -4.37 -20.67 6.99
CA PRO G 92 -5.70 -21.29 6.88
C PRO G 92 -6.18 -21.82 8.22
N PHE G 93 -7.51 -21.93 8.35
CA PHE G 93 -8.10 -22.48 9.55
C PHE G 93 -7.84 -24.00 9.59
N SER G 94 -7.97 -24.60 10.77
CA SER G 94 -7.79 -26.03 10.96
C SER G 94 -8.74 -26.84 10.10
N SER G 95 -8.36 -28.09 9.79
CA SER G 95 -9.20 -28.94 8.97
C SER G 95 -10.19 -29.70 9.83
N PRO G 96 -11.46 -29.74 9.42
CA PRO G 96 -12.44 -30.53 10.18
C PRO G 96 -12.13 -32.01 10.01
N PRO G 97 -12.38 -32.82 11.05
CA PRO G 97 -12.12 -34.26 10.92
C PRO G 97 -13.01 -34.90 9.87
N GLU G 98 -12.65 -36.11 9.45
CA GLU G 98 -13.43 -36.83 8.46
C GLU G 98 -14.86 -37.05 8.94
N LEU G 99 -15.84 -36.84 8.04
CA LEU G 99 -17.25 -37.00 8.37
C LEU G 99 -17.52 -38.43 8.81
N PRO G 100 -18.10 -38.65 10.01
CA PRO G 100 -18.36 -40.02 10.46
C PRO G 100 -19.26 -40.79 9.48
N ASP G 101 -19.21 -42.12 9.55
CA ASP G 101 -20.03 -42.96 8.66
C ASP G 101 -21.53 -42.67 8.84
N VAL G 102 -21.95 -42.37 10.10
CA VAL G 102 -23.32 -42.02 10.47
C VAL G 102 -23.83 -40.70 9.81
N MET G 103 -22.96 -39.95 9.12
CA MET G 103 -23.34 -38.69 8.46
C MET G 103 -23.16 -38.74 6.94
N MET H 1 -14.92 2.10 19.76
CA MET H 1 -15.44 0.75 19.61
C MET H 1 -14.56 -0.26 20.33
N MET H 2 -15.12 -0.95 21.34
CA MET H 2 -14.36 -1.93 22.12
C MET H 2 -14.44 -3.35 21.48
N TYR H 3 -13.28 -3.98 21.39
CA TYR H 3 -13.11 -5.32 20.83
C TYR H 3 -12.51 -6.29 21.87
N VAL H 4 -12.72 -7.57 21.67
CA VAL H 4 -12.17 -8.61 22.53
C VAL H 4 -11.46 -9.67 21.64
N LYS H 5 -10.53 -10.42 22.22
CA LYS H 5 -9.81 -11.43 21.46
C LYS H 5 -10.17 -12.83 21.93
N LEU H 6 -10.55 -13.70 21.00
CA LEU H 6 -10.93 -15.07 21.30
C LEU H 6 -9.90 -15.92 20.61
N ILE H 7 -9.15 -16.71 21.36
CA ILE H 7 -8.07 -17.51 20.79
C ILE H 7 -8.44 -18.96 20.69
N SER H 8 -8.28 -19.52 19.51
CA SER H 8 -8.59 -20.92 19.28
C SER H 8 -7.50 -21.87 19.80
N SER H 9 -7.84 -23.17 19.91
CA SER H 9 -6.92 -24.21 20.38
C SER H 9 -5.66 -24.27 19.54
N ASP H 10 -5.79 -23.99 18.23
CA ASP H 10 -4.67 -24.00 17.29
C ASP H 10 -4.02 -22.61 17.09
N GLY H 11 -4.23 -21.69 18.03
CA GLY H 11 -3.59 -20.38 18.01
C GLY H 11 -4.18 -19.23 17.21
N HIS H 12 -5.27 -19.45 16.46
CA HIS H 12 -5.87 -18.36 15.69
C HIS H 12 -6.52 -17.36 16.64
N GLU H 13 -6.25 -16.09 16.42
CA GLU H 13 -6.78 -15.03 17.24
C GLU H 13 -7.91 -14.34 16.49
N PHE H 14 -9.10 -14.36 17.07
CA PHE H 14 -10.28 -13.76 16.47
C PHE H 14 -10.65 -12.54 17.25
N ILE H 15 -10.62 -11.38 16.60
CA ILE H 15 -10.96 -10.13 17.25
C ILE H 15 -12.38 -9.75 16.87
N VAL H 16 -13.28 -9.76 17.84
CA VAL H 16 -14.68 -9.46 17.60
C VAL H 16 -15.13 -8.30 18.48
N LYS H 17 -16.20 -7.58 18.09
CA LYS H 17 -16.76 -6.50 18.92
C LYS H 17 -17.20 -7.08 20.26
N ARG H 18 -16.93 -6.36 21.36
CA ARG H 18 -17.27 -6.82 22.71
C ARG H 18 -18.76 -7.18 22.83
N GLU H 19 -19.62 -6.30 22.30
CA GLU H 19 -21.07 -6.44 22.25
C GLU H 19 -21.50 -7.76 21.58
N HIS H 20 -20.76 -8.20 20.57
CA HIS H 20 -21.06 -9.44 19.85
C HIS H 20 -20.62 -10.66 20.65
N ALA H 21 -19.45 -10.61 21.28
CA ALA H 21 -18.97 -11.73 22.11
C ALA H 21 -19.86 -11.95 23.33
N LEU H 22 -20.50 -10.88 23.83
CA LEU H 22 -21.41 -10.95 24.98
C LEU H 22 -22.67 -11.78 24.71
N THR H 23 -22.90 -12.21 23.46
CA THR H 23 -23.97 -13.11 23.05
C THR H 23 -23.80 -14.44 23.82
N SER H 24 -22.55 -14.91 23.95
CA SER H 24 -22.20 -16.09 24.71
C SER H 24 -22.20 -15.72 26.20
N GLY H 25 -23.02 -16.43 26.98
CA GLY H 25 -23.08 -16.23 28.42
C GLY H 25 -21.76 -16.57 29.07
N THR H 26 -21.10 -17.63 28.57
CA THR H 26 -19.80 -18.10 29.03
C THR H 26 -18.72 -17.04 28.84
N ILE H 27 -18.63 -16.46 27.64
CA ILE H 27 -17.66 -15.42 27.34
C ILE H 27 -17.96 -14.17 28.17
N LYS H 28 -19.26 -13.82 28.32
CA LYS H 28 -19.68 -12.67 29.13
C LYS H 28 -19.17 -12.77 30.57
N ALA H 29 -19.16 -13.97 31.12
CA ALA H 29 -18.69 -14.22 32.47
C ALA H 29 -17.16 -14.20 32.51
N MET H 30 -16.51 -14.79 31.51
CA MET H 30 -15.05 -14.83 31.39
C MET H 30 -14.43 -13.45 31.25
N LEU H 31 -15.16 -12.49 30.68
CA LEU H 31 -14.66 -11.13 30.51
C LEU H 31 -14.87 -10.32 31.80
N SER H 32 -16.08 -10.40 32.39
CA SER H 32 -16.36 -9.66 33.62
C SER H 32 -16.04 -10.47 34.90
N THR H 42 -9.99 -8.33 32.16
CA THR H 42 -9.58 -9.18 31.04
C THR H 42 -10.27 -8.81 29.71
N ASN H 43 -9.54 -8.92 28.58
CA ASN H 43 -10.06 -8.66 27.22
C ASN H 43 -9.80 -9.78 26.24
N GLU H 44 -9.05 -10.82 26.65
CA GLU H 44 -8.68 -11.99 25.87
C GLU H 44 -9.23 -13.23 26.53
N VAL H 45 -9.64 -14.21 25.73
CA VAL H 45 -10.13 -15.48 26.24
C VAL H 45 -9.48 -16.60 25.44
N ASN H 46 -8.93 -17.61 26.10
CA ASN H 46 -8.33 -18.75 25.41
C ASN H 46 -9.25 -19.96 25.45
N PHE H 47 -9.45 -20.61 24.30
CA PHE H 47 -10.28 -21.80 24.20
C PHE H 47 -9.42 -22.95 23.77
N ARG H 48 -8.89 -23.70 24.74
CA ARG H 48 -8.01 -24.84 24.47
C ARG H 48 -8.70 -26.04 23.85
N GLU H 49 -10.03 -26.02 23.74
CA GLU H 49 -10.83 -27.10 23.17
C GLU H 49 -11.51 -26.75 21.84
N ILE H 50 -11.55 -25.44 21.48
CA ILE H 50 -12.24 -25.03 20.26
C ILE H 50 -11.27 -24.70 19.13
N PRO H 51 -11.20 -25.53 18.07
CA PRO H 51 -10.32 -25.22 16.95
C PRO H 51 -10.79 -24.03 16.11
N SER H 52 -9.91 -23.50 15.23
CA SER H 52 -10.22 -22.33 14.42
C SER H 52 -11.37 -22.51 13.45
N HIS H 53 -11.49 -23.68 12.82
CA HIS H 53 -12.60 -23.93 11.90
C HIS H 53 -13.99 -23.90 12.58
N VAL H 54 -14.03 -24.05 13.90
CA VAL H 54 -15.24 -23.98 14.70
C VAL H 54 -15.39 -22.58 15.29
N LEU H 55 -14.34 -22.03 15.92
CA LEU H 55 -14.42 -20.71 16.53
C LEU H 55 -14.66 -19.56 15.52
N SER H 56 -14.23 -19.74 14.25
CA SER H 56 -14.52 -18.75 13.22
C SER H 56 -16.03 -18.73 12.96
N LYS H 57 -16.65 -19.93 12.91
CA LYS H 57 -18.09 -20.09 12.73
C LYS H 57 -18.88 -19.52 13.90
N VAL H 58 -18.35 -19.67 15.11
CA VAL H 58 -18.97 -19.11 16.32
C VAL H 58 -19.03 -17.59 16.21
N CYS H 59 -17.95 -16.97 15.72
CA CYS H 59 -17.87 -15.52 15.55
C CYS H 59 -18.83 -15.07 14.47
N MET H 60 -18.99 -15.86 13.39
CA MET H 60 -19.95 -15.55 12.33
C MET H 60 -21.37 -15.61 12.92
N TYR H 61 -21.64 -16.57 13.83
CA TYR H 61 -22.92 -16.66 14.50
C TYR H 61 -23.20 -15.42 15.32
N PHE H 62 -22.20 -14.89 16.04
CA PHE H 62 -22.38 -13.68 16.84
C PHE H 62 -22.83 -12.52 15.98
N THR H 63 -22.20 -12.37 14.80
CA THR H 63 -22.51 -11.30 13.87
C THR H 63 -23.95 -11.47 13.38
N TYR H 64 -24.31 -12.70 12.99
CA TYR H 64 -25.64 -13.08 12.52
C TYR H 64 -26.71 -12.77 13.58
N LYS H 65 -26.47 -13.20 14.82
CA LYS H 65 -27.39 -12.98 15.91
C LYS H 65 -27.61 -11.49 16.19
N VAL H 66 -26.53 -10.70 16.28
CA VAL H 66 -26.66 -9.27 16.56
C VAL H 66 -27.35 -8.53 15.42
N ARG H 67 -27.10 -8.95 14.18
CA ARG H 67 -27.69 -8.31 13.01
C ARG H 67 -29.18 -8.60 12.89
N TYR H 68 -29.58 -9.85 13.10
CA TYR H 68 -30.96 -10.25 12.86
C TYR H 68 -31.89 -10.31 14.08
N THR H 69 -31.39 -10.19 15.33
CA THR H 69 -32.29 -10.17 16.49
C THR H 69 -32.96 -8.81 16.54
N ASN H 70 -34.28 -8.79 16.84
CA ASN H 70 -35.08 -7.57 16.90
C ASN H 70 -35.13 -6.89 15.53
N SER H 71 -35.34 -7.67 14.46
CA SER H 71 -35.38 -7.10 13.11
C SER H 71 -36.49 -7.74 12.32
N SER H 72 -37.28 -6.91 11.61
CA SER H 72 -38.36 -7.42 10.78
C SER H 72 -37.93 -7.75 9.33
N THR H 73 -36.67 -7.41 8.96
CA THR H 73 -36.09 -7.77 7.66
C THR H 73 -35.99 -9.31 7.62
N GLU H 74 -36.33 -9.92 6.47
CA GLU H 74 -36.34 -11.38 6.32
C GLU H 74 -35.02 -12.03 6.77
N ILE H 75 -35.11 -12.90 7.77
CA ILE H 75 -33.96 -13.58 8.34
C ILE H 75 -33.55 -14.79 7.50
N PRO H 76 -32.28 -14.84 7.09
CA PRO H 76 -31.80 -16.00 6.32
C PRO H 76 -31.37 -17.16 7.23
N GLU H 77 -31.19 -18.33 6.64
CA GLU H 77 -30.75 -19.50 7.39
C GLU H 77 -29.30 -19.34 7.81
N PHE H 78 -28.93 -19.78 9.04
CA PHE H 78 -27.53 -19.77 9.44
C PHE H 78 -26.95 -21.07 8.91
N PRO H 79 -25.97 -21.01 8.02
CA PRO H 79 -25.45 -22.25 7.42
C PRO H 79 -24.41 -22.97 8.26
N ILE H 80 -24.53 -24.30 8.30
CA ILE H 80 -23.57 -25.11 9.04
C ILE H 80 -23.16 -26.28 8.16
N ALA H 81 -21.87 -26.35 7.79
CA ALA H 81 -21.38 -27.46 6.96
C ALA H 81 -21.45 -28.74 7.77
N PRO H 82 -21.85 -29.86 7.16
CA PRO H 82 -21.93 -31.12 7.91
C PRO H 82 -20.67 -31.51 8.69
N GLU H 83 -19.49 -31.22 8.10
CA GLU H 83 -18.17 -31.52 8.64
C GLU H 83 -17.85 -30.79 9.96
N ILE H 84 -18.49 -29.63 10.17
CA ILE H 84 -18.27 -28.83 11.36
C ILE H 84 -19.39 -28.94 12.40
N ALA H 85 -20.56 -29.49 12.00
CA ALA H 85 -21.73 -29.60 12.86
C ALA H 85 -21.49 -30.15 14.28
N LEU H 86 -20.81 -31.30 14.41
CA LEU H 86 -20.59 -31.89 15.73
C LEU H 86 -19.76 -31.02 16.65
N GLU H 87 -18.60 -30.53 16.18
CA GLU H 87 -17.75 -29.68 16.99
C GLU H 87 -18.41 -28.34 17.33
N LEU H 88 -19.15 -27.79 16.36
CA LEU H 88 -19.85 -26.54 16.57
C LEU H 88 -20.95 -26.70 17.62
N LEU H 89 -21.60 -27.88 17.66
CA LEU H 89 -22.63 -28.18 18.65
C LEU H 89 -22.01 -28.18 20.05
N MET H 90 -20.85 -28.84 20.20
CA MET H 90 -20.14 -28.92 21.47
C MET H 90 -19.71 -27.53 21.93
N ALA H 91 -19.19 -26.73 20.99
CA ALA H 91 -18.76 -25.38 21.30
C ALA H 91 -19.94 -24.49 21.70
N ALA H 92 -21.06 -24.58 20.98
CA ALA H 92 -22.26 -23.80 21.28
C ALA H 92 -22.82 -24.16 22.65
N ASN H 93 -22.75 -25.46 23.01
CA ASN H 93 -23.21 -25.95 24.29
C ASN H 93 -22.36 -25.35 25.40
N PHE H 94 -21.02 -25.32 25.23
CA PHE H 94 -20.13 -24.75 26.24
C PHE H 94 -20.32 -23.24 26.34
N LEU H 95 -20.48 -22.57 25.21
CA LEU H 95 -20.61 -21.13 25.18
C LEU H 95 -21.99 -20.60 25.55
N ASP H 96 -23.02 -21.46 25.64
CA ASP H 96 -24.38 -21.03 26.00
C ASP H 96 -24.88 -19.97 25.04
N CYS H 97 -24.92 -20.32 23.75
CA CYS H 97 -25.36 -19.40 22.73
C CYS H 97 -26.11 -20.08 21.59
N VAL I 11 -56.60 -24.68 27.79
CA VAL I 11 -56.47 -23.22 27.87
C VAL I 11 -56.17 -22.62 26.48
N LEU I 12 -55.09 -23.10 25.84
CA LEU I 12 -54.72 -22.63 24.50
C LEU I 12 -55.60 -23.27 23.44
N ARG I 13 -56.70 -22.60 23.10
CA ARG I 13 -57.63 -23.13 22.12
C ARG I 13 -58.31 -22.00 21.36
N SER I 14 -58.87 -22.34 20.17
CA SER I 14 -59.58 -21.34 19.39
C SER I 14 -60.93 -21.05 20.01
N VAL I 15 -61.36 -19.81 19.89
CA VAL I 15 -62.67 -19.38 20.35
C VAL I 15 -63.62 -19.61 19.17
N ASN I 16 -64.77 -20.27 19.38
CA ASN I 16 -65.71 -20.49 18.28
C ASN I 16 -66.56 -19.26 18.04
N SER I 17 -65.96 -18.21 17.45
CA SER I 17 -66.63 -16.94 17.21
C SER I 17 -67.64 -17.00 16.08
N ARG I 18 -67.39 -17.86 15.09
CA ARG I 18 -68.21 -17.97 13.89
C ARG I 18 -68.19 -16.67 13.04
N GLU I 19 -67.18 -15.79 13.27
CA GLU I 19 -66.99 -14.53 12.57
C GLU I 19 -65.82 -14.67 11.64
N PRO I 20 -66.07 -14.80 10.33
CA PRO I 20 -64.95 -14.98 9.40
C PRO I 20 -63.92 -13.86 9.44
N SER I 21 -62.69 -14.23 9.13
CA SER I 21 -61.53 -13.34 9.08
C SER I 21 -60.60 -13.87 8.03
N GLN I 22 -60.35 -13.08 7.01
CA GLN I 22 -59.47 -13.47 5.92
C GLN I 22 -58.03 -13.10 6.26
N VAL I 23 -57.12 -14.03 6.01
CA VAL I 23 -55.71 -13.88 6.37
C VAL I 23 -54.82 -14.21 5.19
N ILE I 24 -53.64 -13.60 5.13
CA ILE I 24 -52.65 -13.95 4.12
C ILE I 24 -51.53 -14.62 4.87
N PHE I 25 -51.31 -15.91 4.61
CA PHE I 25 -50.21 -16.62 5.23
C PHE I 25 -49.01 -16.37 4.35
N CYS I 26 -48.06 -15.53 4.81
CA CYS I 26 -46.89 -15.23 3.99
C CYS I 26 -45.61 -15.93 4.50
N ASN I 27 -45.09 -16.92 3.75
CA ASN I 27 -43.89 -17.63 4.15
C ASN I 27 -42.60 -16.89 3.75
N ARG I 28 -42.11 -16.06 4.66
CA ARG I 28 -40.88 -15.32 4.48
C ARG I 28 -39.74 -16.03 5.19
N SER I 29 -39.67 -17.35 5.01
CA SER I 29 -38.65 -18.18 5.60
C SER I 29 -38.20 -19.17 4.50
N PRO I 30 -37.00 -19.77 4.63
CA PRO I 30 -36.57 -20.77 3.63
C PRO I 30 -37.06 -22.19 3.90
N ARG I 31 -38.00 -22.36 4.84
CA ARG I 31 -38.52 -23.67 5.19
C ARG I 31 -39.88 -23.94 4.56
N VAL I 32 -40.24 -25.23 4.39
CA VAL I 32 -41.60 -25.58 3.99
C VAL I 32 -42.41 -25.41 5.27
N VAL I 33 -43.41 -24.53 5.26
CA VAL I 33 -44.19 -24.22 6.45
C VAL I 33 -45.43 -25.08 6.61
N LEU I 34 -45.67 -25.52 7.85
CA LEU I 34 -46.82 -26.28 8.22
C LEU I 34 -47.66 -25.39 9.13
N PRO I 35 -48.78 -24.86 8.61
CA PRO I 35 -49.67 -24.08 9.46
C PRO I 35 -50.43 -25.04 10.37
N VAL I 36 -50.57 -24.66 11.63
CA VAL I 36 -51.23 -25.50 12.61
C VAL I 36 -52.32 -24.70 13.30
N TRP I 37 -53.56 -25.17 13.19
CA TRP I 37 -54.67 -24.51 13.83
C TRP I 37 -54.98 -25.22 15.15
N LEU I 38 -55.10 -24.47 16.25
CA LEU I 38 -55.47 -25.07 17.52
C LEU I 38 -56.98 -25.15 17.54
N ASN I 39 -57.55 -26.38 17.47
CA ASN I 39 -59.00 -26.54 17.41
C ASN I 39 -59.70 -26.13 18.73
N PHE I 40 -61.03 -26.25 18.78
CA PHE I 40 -61.79 -25.82 19.93
C PHE I 40 -61.50 -26.61 21.21
N ASP I 41 -60.85 -27.77 21.09
CA ASP I 41 -60.41 -28.59 22.21
C ASP I 41 -58.91 -28.37 22.57
N GLY I 42 -58.23 -27.48 21.86
CA GLY I 42 -56.81 -27.22 22.07
C GLY I 42 -55.90 -28.16 21.29
N GLU I 43 -56.46 -29.08 20.48
CA GLU I 43 -55.65 -30.00 19.67
C GLU I 43 -55.11 -29.36 18.42
N PRO I 44 -53.82 -29.57 18.13
CA PRO I 44 -53.24 -29.01 16.91
C PRO I 44 -53.73 -29.73 15.66
N GLN I 45 -54.26 -28.98 14.70
CA GLN I 45 -54.72 -29.53 13.44
C GLN I 45 -53.82 -29.02 12.33
N PRO I 46 -53.15 -29.93 11.62
CA PRO I 46 -52.27 -29.51 10.53
C PRO I 46 -53.04 -29.12 9.27
N TYR I 47 -52.54 -28.08 8.60
CA TYR I 47 -53.13 -27.57 7.37
C TYR I 47 -52.14 -27.76 6.19
N PRO I 48 -52.59 -27.60 4.92
CA PRO I 48 -51.66 -27.81 3.80
C PRO I 48 -50.39 -26.95 3.88
N THR I 49 -49.26 -27.51 3.48
CA THR I 49 -47.99 -26.81 3.59
C THR I 49 -47.79 -25.69 2.58
N LEU I 50 -46.96 -24.73 2.96
CA LEU I 50 -46.55 -23.61 2.14
C LEU I 50 -45.10 -23.78 1.76
N PRO I 51 -44.76 -23.85 0.46
CA PRO I 51 -43.33 -23.89 0.08
C PRO I 51 -42.63 -22.57 0.42
N PRO I 52 -41.29 -22.58 0.54
CA PRO I 52 -40.59 -21.33 0.90
C PRO I 52 -40.81 -20.20 -0.09
N GLY I 53 -40.96 -18.99 0.44
CA GLY I 53 -41.17 -17.78 -0.36
C GLY I 53 -42.52 -17.67 -1.05
N THR I 54 -43.52 -18.38 -0.51
CA THR I 54 -44.87 -18.34 -1.07
C THR I 54 -45.88 -17.79 -0.07
N GLY I 55 -46.96 -17.23 -0.59
CA GLY I 55 -48.06 -16.68 0.17
C GLY I 55 -49.38 -17.32 -0.23
N ARG I 56 -50.39 -17.20 0.65
CA ARG I 56 -51.69 -17.80 0.38
C ARG I 56 -52.80 -17.09 1.09
N ARG I 57 -53.93 -16.85 0.39
CA ARG I 57 -55.08 -16.24 1.01
C ARG I 57 -55.90 -17.37 1.64
N ILE I 58 -56.16 -17.28 2.94
CA ILE I 58 -56.84 -18.31 3.68
C ILE I 58 -58.05 -17.76 4.43
N HIS I 59 -59.04 -18.63 4.62
CA HIS I 59 -60.27 -18.27 5.30
C HIS I 59 -60.23 -18.82 6.71
N SER I 60 -60.21 -17.94 7.70
CA SER I 60 -60.19 -18.34 9.10
C SER I 60 -61.29 -17.56 9.86
N TYR I 61 -61.20 -17.47 11.20
CA TYR I 61 -62.20 -16.79 12.01
C TYR I 61 -61.55 -15.97 13.10
N ARG I 62 -62.26 -14.97 13.61
CA ARG I 62 -61.77 -14.13 14.69
C ARG I 62 -61.57 -14.97 15.96
N GLY I 63 -60.47 -14.76 16.67
CA GLY I 63 -60.21 -15.49 17.90
C GLY I 63 -59.63 -16.88 17.73
N HIS I 64 -59.38 -17.30 16.49
CA HIS I 64 -58.78 -18.61 16.24
C HIS I 64 -57.27 -18.54 16.48
N LEU I 65 -56.66 -19.66 16.88
CA LEU I 65 -55.23 -19.67 17.20
C LEU I 65 -54.43 -20.46 16.19
N TRP I 66 -53.31 -19.89 15.73
CA TRP I 66 -52.44 -20.54 14.77
C TRP I 66 -50.99 -20.50 15.22
N LEU I 67 -50.25 -21.53 14.84
CA LEU I 67 -48.82 -21.61 15.07
C LEU I 67 -48.19 -22.25 13.84
N PHE I 68 -46.92 -21.90 13.56
CA PHE I 68 -46.29 -22.36 12.32
C PHE I 68 -45.02 -23.05 12.62
N ARG I 69 -44.77 -24.17 11.92
CA ARG I 69 -43.63 -25.03 12.14
C ARG I 69 -43.00 -25.45 10.82
N ASP I 70 -41.75 -25.96 10.86
CA ASP I 70 -41.13 -26.52 9.66
C ASP I 70 -41.89 -27.85 9.41
N ALA I 71 -42.43 -28.04 8.22
CA ALA I 71 -43.21 -29.21 7.89
C ALA I 71 -42.48 -30.54 8.06
N GLY I 72 -41.19 -30.56 7.79
CA GLY I 72 -40.42 -31.78 7.86
C GLY I 72 -39.81 -32.09 9.22
N THR I 73 -39.34 -31.06 9.92
CA THR I 73 -38.64 -31.25 11.20
C THR I 73 -39.40 -30.79 12.44
N HIS I 74 -40.44 -29.99 12.25
CA HIS I 74 -41.25 -29.41 13.32
C HIS I 74 -40.54 -28.31 14.09
N ASP I 75 -39.45 -27.74 13.52
CA ASP I 75 -38.71 -26.61 14.12
C ASP I 75 -39.66 -25.44 14.26
N GLY I 76 -39.59 -24.74 15.37
CA GLY I 76 -40.46 -23.61 15.62
C GLY I 76 -40.21 -22.43 14.72
N LEU I 77 -41.28 -21.75 14.32
CA LEU I 77 -41.18 -20.56 13.47
C LEU I 77 -41.95 -19.44 14.13
N LEU I 78 -41.68 -18.21 13.72
CA LEU I 78 -42.37 -17.05 14.25
C LEU I 78 -43.41 -16.56 13.25
N VAL I 79 -44.47 -15.96 13.75
CA VAL I 79 -45.52 -15.38 12.93
C VAL I 79 -45.78 -13.99 13.49
N ASN I 80 -45.43 -12.97 12.70
CA ASN I 80 -45.51 -11.58 13.14
C ASN I 80 -44.65 -11.37 14.40
N GLN I 81 -43.45 -12.00 14.39
CA GLN I 81 -42.42 -11.94 15.43
C GLN I 81 -42.83 -12.57 16.79
N THR I 82 -43.89 -13.38 16.80
CA THR I 82 -44.34 -14.03 18.02
C THR I 82 -44.70 -15.51 17.73
N GLU I 83 -45.05 -16.29 18.77
CA GLU I 83 -45.34 -17.70 18.59
C GLU I 83 -46.72 -17.99 18.05
N LEU I 84 -47.72 -17.24 18.51
CA LEU I 84 -49.09 -17.47 18.10
C LEU I 84 -49.67 -16.36 17.23
N PHE I 85 -50.58 -16.73 16.31
CA PHE I 85 -51.27 -15.80 15.44
C PHE I 85 -52.77 -15.92 15.64
N VAL I 86 -53.41 -14.80 15.95
CA VAL I 86 -54.85 -14.77 16.16
C VAL I 86 -55.49 -13.85 15.13
N PRO I 87 -56.26 -14.40 14.16
CA PRO I 87 -56.92 -13.53 13.18
C PRO I 87 -57.85 -12.53 13.86
N SER I 88 -57.75 -11.27 13.46
CA SER I 88 -58.55 -10.18 14.02
C SER I 88 -59.67 -9.69 13.03
N LEU I 89 -60.45 -8.69 13.40
CA LEU I 89 -61.50 -8.09 12.58
C LEU I 89 -60.91 -7.44 11.31
N ASN I 90 -61.47 -7.76 10.12
CA ASN I 90 -60.99 -7.18 8.87
C ASN I 90 -61.52 -5.76 8.73
N VAL I 91 -60.64 -4.84 8.36
CA VAL I 91 -61.02 -3.43 8.24
C VAL I 91 -61.19 -3.04 6.77
N ASP I 92 -62.43 -2.71 6.39
CA ASP I 92 -62.76 -2.35 5.00
C ASP I 92 -62.43 -3.50 4.02
N GLY I 93 -62.56 -4.74 4.50
CA GLY I 93 -62.29 -5.93 3.70
C GLY I 93 -60.82 -6.24 3.41
N GLN I 94 -59.88 -5.61 4.16
CA GLN I 94 -58.46 -5.91 3.94
C GLN I 94 -57.96 -7.03 4.87
N PRO I 95 -57.35 -8.07 4.26
CA PRO I 95 -56.91 -9.24 5.03
C PRO I 95 -55.76 -8.98 5.99
N ILE I 96 -55.67 -9.80 7.04
CA ILE I 96 -54.63 -9.67 8.06
C ILE I 96 -53.41 -10.43 7.59
N PHE I 97 -52.23 -9.82 7.67
CA PHE I 97 -51.02 -10.49 7.25
C PHE I 97 -50.40 -11.33 8.35
N ALA I 98 -50.06 -12.58 8.02
CA ALA I 98 -49.41 -13.49 8.94
C ALA I 98 -48.04 -13.76 8.34
N ASN I 99 -47.05 -12.94 8.72
CA ASN I 99 -45.69 -13.06 8.22
C ASN I 99 -44.93 -14.12 9.00
N ILE I 100 -44.70 -15.25 8.35
CA ILE I 100 -44.02 -16.40 8.93
C ILE I 100 -42.54 -16.27 8.64
N THR I 101 -41.73 -16.25 9.69
CA THR I 101 -40.28 -16.07 9.55
C THR I 101 -39.50 -17.07 10.40
N LEU I 102 -38.20 -17.24 10.08
CA LEU I 102 -37.33 -18.05 10.90
C LEU I 102 -37.04 -17.23 12.14
N PRO I 103 -36.99 -17.89 13.30
CA PRO I 103 -36.48 -17.20 14.48
C PRO I 103 -34.95 -17.17 14.39
N VAL I 104 -34.34 -16.32 15.23
CA VAL I 104 -32.89 -16.33 15.33
C VAL I 104 -32.64 -17.46 16.30
N TYR I 105 -32.45 -18.68 15.77
CA TYR I 105 -32.23 -19.84 16.63
C TYR I 105 -30.93 -19.67 17.38
N THR I 106 -30.81 -20.31 18.56
CA THR I 106 -29.53 -20.33 19.27
C THR I 106 -28.58 -21.18 18.41
N LEU I 107 -27.27 -20.91 18.44
CA LEU I 107 -26.31 -21.69 17.67
C LEU I 107 -26.40 -23.19 18.05
N LYS I 108 -26.72 -23.47 19.33
CA LYS I 108 -26.92 -24.82 19.85
C LYS I 108 -28.11 -25.49 19.16
N GLU I 109 -29.27 -24.80 19.16
CA GLU I 109 -30.46 -25.34 18.50
C GLU I 109 -30.25 -25.53 17.02
N ARG I 110 -29.59 -24.57 16.37
CA ARG I 110 -29.30 -24.66 14.95
C ARG I 110 -28.39 -25.85 14.65
N CYS I 111 -27.40 -26.11 15.52
CA CYS I 111 -26.50 -27.25 15.38
C CYS I 111 -27.26 -28.54 15.55
N LEU I 112 -28.18 -28.58 16.54
CA LEU I 112 -29.01 -29.76 16.80
C LEU I 112 -29.83 -30.08 15.54
N GLN I 113 -30.40 -29.02 14.89
CA GLN I 113 -31.17 -29.16 13.67
C GLN I 113 -30.34 -29.80 12.56
N VAL I 114 -29.13 -29.29 12.33
CA VAL I 114 -28.26 -29.79 11.28
C VAL I 114 -27.86 -31.25 11.54
N VAL I 115 -27.50 -31.57 12.79
CA VAL I 115 -27.09 -32.93 13.14
C VAL I 115 -28.25 -33.90 12.95
N ARG I 116 -29.47 -33.53 13.42
CA ARG I 116 -30.66 -34.36 13.26
C ARG I 116 -30.96 -34.62 11.77
N SER I 117 -30.71 -33.62 10.91
CA SER I 117 -30.93 -33.74 9.46
C SER I 117 -29.92 -34.65 8.76
N LEU I 118 -28.76 -34.92 9.40
CA LEU I 118 -27.72 -35.74 8.81
C LEU I 118 -27.69 -37.15 9.33
N VAL I 119 -27.99 -37.35 10.62
CA VAL I 119 -27.93 -38.69 11.21
C VAL I 119 -29.33 -39.25 11.56
N LYS I 120 -29.55 -40.55 11.24
CA LYS I 120 -30.78 -41.27 11.54
C LYS I 120 -30.94 -41.38 13.06
N PRO I 121 -32.18 -41.29 13.58
CA PRO I 121 -32.35 -41.33 15.05
C PRO I 121 -31.82 -42.57 15.76
N GLU I 122 -31.67 -43.69 15.04
CA GLU I 122 -31.12 -44.91 15.63
C GLU I 122 -29.61 -44.78 15.85
N ASN I 123 -28.91 -43.94 15.05
CA ASN I 123 -27.47 -43.74 15.13
C ASN I 123 -27.04 -42.53 15.98
N TYR I 124 -27.98 -41.89 16.72
CA TYR I 124 -27.62 -40.76 17.61
C TYR I 124 -26.66 -41.24 18.71
N ARG I 125 -26.85 -42.48 19.18
CA ARG I 125 -26.01 -43.10 20.20
C ARG I 125 -24.58 -43.37 19.72
N ARG I 126 -24.38 -43.51 18.41
CA ARG I 126 -23.06 -43.74 17.84
C ARG I 126 -22.22 -42.45 17.67
N LEU I 127 -22.78 -41.28 17.99
CA LEU I 127 -22.05 -40.01 17.89
C LEU I 127 -21.16 -39.84 19.10
N ASP I 128 -19.91 -39.39 18.89
CA ASP I 128 -18.98 -39.19 19.99
C ASP I 128 -19.19 -37.83 20.67
N ILE I 129 -20.26 -37.71 21.45
CA ILE I 129 -20.61 -36.47 22.15
C ILE I 129 -21.03 -36.76 23.60
N VAL I 130 -21.09 -35.72 24.44
CA VAL I 130 -21.50 -35.83 25.83
C VAL I 130 -22.95 -36.35 25.94
N ARG I 131 -23.26 -37.08 27.02
CA ARG I 131 -24.59 -37.67 27.24
C ARG I 131 -25.74 -36.65 27.23
N SER I 132 -25.51 -35.43 27.74
CA SER I 132 -26.53 -34.38 27.73
C SER I 132 -26.89 -33.94 26.30
N LEU I 133 -25.92 -33.99 25.37
CA LEU I 133 -26.16 -33.64 23.97
C LEU I 133 -26.93 -34.72 23.23
N TYR I 134 -26.80 -36.00 23.64
CA TYR I 134 -27.56 -37.12 23.07
C TYR I 134 -29.04 -36.86 23.39
N GLU I 135 -29.34 -36.48 24.65
CA GLU I 135 -30.68 -36.19 25.12
C GLU I 135 -31.26 -34.97 24.40
N ASP I 136 -30.43 -33.96 24.16
CA ASP I 136 -30.83 -32.74 23.44
C ASP I 136 -31.20 -33.07 22.00
N LEU I 137 -30.45 -33.97 21.35
CA LEU I 137 -30.72 -34.41 19.99
C LEU I 137 -32.01 -35.19 19.93
N GLU I 138 -32.23 -36.09 20.90
CA GLU I 138 -33.43 -36.92 20.97
C GLU I 138 -34.68 -36.12 21.32
N ASP I 139 -34.53 -35.00 22.02
CA ASP I 139 -35.65 -34.13 22.36
C ASP I 139 -36.01 -33.26 21.12
N HIS I 140 -36.55 -33.93 20.07
CA HIS I 140 -36.97 -33.31 18.82
C HIS I 140 -38.02 -32.27 19.06
N PRO I 141 -38.06 -31.20 18.22
CA PRO I 141 -39.14 -30.22 18.37
C PRO I 141 -40.48 -30.89 18.16
N ASN I 142 -41.44 -30.55 19.02
CA ASN I 142 -42.74 -31.20 19.07
C ASN I 142 -43.79 -30.15 19.42
N VAL I 143 -44.86 -30.04 18.63
CA VAL I 143 -45.92 -29.05 18.87
C VAL I 143 -46.62 -29.25 20.21
N GLN I 144 -46.94 -30.50 20.57
CA GLN I 144 -47.62 -30.77 21.84
C GLN I 144 -46.82 -30.30 23.04
N LYS I 145 -45.50 -30.54 23.03
CA LYS I 145 -44.59 -30.10 24.08
C LYS I 145 -44.56 -28.57 24.17
N ASP I 146 -44.52 -27.88 23.02
CA ASP I 146 -44.52 -26.42 22.97
C ASP I 146 -45.83 -25.84 23.46
N LEU I 147 -46.95 -26.50 23.17
CA LEU I 147 -48.25 -26.05 23.63
C LEU I 147 -48.32 -26.15 25.15
N GLU I 148 -47.76 -27.23 25.73
CA GLU I 148 -47.68 -27.44 27.17
C GLU I 148 -46.84 -26.34 27.79
N ARG I 149 -45.68 -26.03 27.15
CA ARG I 149 -44.77 -24.99 27.60
C ARG I 149 -45.44 -23.62 27.58
N LEU I 150 -46.12 -23.27 26.47
CA LEU I 150 -46.82 -21.99 26.33
C LEU I 150 -47.94 -21.83 27.34
N THR I 151 -48.63 -22.93 27.67
CA THR I 151 -49.71 -22.88 28.65
C THR I 151 -49.14 -22.65 30.05
N GLN I 152 -48.00 -23.30 30.37
CA GLN I 152 -47.32 -23.13 31.65
C GLN I 152 -46.81 -21.70 31.83
N GLU I 153 -46.33 -21.08 30.74
CA GLU I 153 -45.83 -19.71 30.76
C GLU I 153 -46.93 -18.67 30.94
N ARG I 154 -48.17 -18.98 30.54
CA ARG I 154 -49.30 -18.07 30.70
C ARG I 154 -49.77 -18.00 32.17
N ILE I 155 -49.59 -19.09 32.93
CA ILE I 155 -49.97 -19.19 34.35
C ILE I 155 -49.07 -18.29 35.21
N ALA I 156 -47.76 -18.23 34.87
CA ALA I 156 -46.77 -17.39 35.56
C ALA I 156 -47.19 -15.90 35.54
N HIS I 157 -47.89 -15.47 34.47
CA HIS I 157 -48.39 -14.11 34.32
C HIS I 157 -49.61 -13.80 35.22
N GLN I 158 -49.95 -14.68 36.18
CA GLN I 158 -51.10 -14.47 37.05
C GLN I 158 -50.71 -14.24 38.52
N MET J 1 -23.81 39.92 2.49
CA MET J 1 -22.40 39.77 2.82
C MET J 1 -21.92 38.33 2.59
N ASP J 2 -20.86 38.10 1.81
CA ASP J 2 -20.37 36.75 1.59
C ASP J 2 -19.55 36.16 2.74
N VAL J 3 -19.75 34.86 2.99
CA VAL J 3 -19.01 34.06 3.96
C VAL J 3 -18.39 32.88 3.19
N PHE J 4 -17.15 32.51 3.54
CA PHE J 4 -16.43 31.48 2.82
C PHE J 4 -16.23 30.27 3.70
N LEU J 5 -16.64 29.11 3.21
CA LEU J 5 -16.69 27.90 4.02
C LEU J 5 -15.96 26.68 3.49
N MET J 6 -15.62 25.77 4.40
CA MET J 6 -15.08 24.46 4.14
C MET J 6 -16.07 23.51 4.78
N ILE J 7 -16.92 22.85 3.98
CA ILE J 7 -17.88 21.89 4.50
C ILE J 7 -17.15 20.55 4.51
N ARG J 8 -16.86 20.03 5.70
CA ARG J 8 -16.03 18.86 5.84
C ARG J 8 -16.66 17.64 6.50
N ARG J 9 -16.42 16.45 5.91
CA ARG J 9 -16.88 15.15 6.39
C ARG J 9 -15.85 14.11 6.01
N HIS J 10 -15.29 13.41 7.01
CA HIS J 10 -14.29 12.36 6.80
C HIS J 10 -13.09 12.91 5.99
N LYS J 11 -12.85 12.45 4.74
CA LYS J 11 -11.79 12.98 3.90
C LYS J 11 -12.34 13.83 2.75
N THR J 12 -13.53 14.43 2.93
CA THR J 12 -14.15 15.28 1.92
C THR J 12 -14.22 16.71 2.45
N THR J 13 -13.87 17.67 1.59
CA THR J 13 -13.92 19.09 1.95
C THR J 13 -14.48 19.87 0.78
N ILE J 14 -15.62 20.54 0.96
CA ILE J 14 -16.21 21.35 -0.09
C ILE J 14 -15.88 22.80 0.18
N PHE J 15 -15.28 23.48 -0.79
CA PHE J 15 -14.97 24.91 -0.68
C PHE J 15 -16.08 25.65 -1.39
N THR J 16 -16.91 26.36 -0.63
CA THR J 16 -17.99 27.15 -1.22
C THR J 16 -18.23 28.43 -0.42
N ASP J 17 -18.93 29.38 -1.03
CA ASP J 17 -19.31 30.61 -0.37
C ASP J 17 -20.82 30.69 -0.29
N ALA J 18 -21.32 31.51 0.63
CA ALA J 18 -22.74 31.70 0.84
C ALA J 18 -23.00 33.10 1.46
N LYS J 19 -24.25 33.57 1.46
CA LYS J 19 -24.57 34.83 2.09
C LYS J 19 -24.66 34.63 3.61
N GLU J 20 -24.35 35.66 4.38
CA GLU J 20 -24.47 35.63 5.82
C GLU J 20 -25.95 35.44 6.23
N SER J 21 -26.87 35.99 5.42
CA SER J 21 -28.31 35.91 5.60
C SER J 21 -28.91 34.59 5.11
N SER J 22 -28.15 33.78 4.36
CA SER J 22 -28.63 32.48 3.88
C SER J 22 -28.76 31.49 5.05
N THR J 23 -29.62 30.49 4.93
CA THR J 23 -29.89 29.55 6.02
C THR J 23 -29.06 28.27 5.96
N VAL J 24 -29.03 27.53 7.09
CA VAL J 24 -28.41 26.22 7.19
C VAL J 24 -29.09 25.26 6.20
N PHE J 25 -30.42 25.38 6.03
CA PHE J 25 -31.15 24.54 5.08
C PHE J 25 -30.69 24.83 3.67
N GLU J 26 -30.54 26.12 3.32
CA GLU J 26 -30.08 26.50 1.99
C GLU J 26 -28.67 25.96 1.69
N LEU J 27 -27.83 25.83 2.74
CA LEU J 27 -26.49 25.27 2.64
C LEU J 27 -26.56 23.75 2.41
N LYS J 28 -27.57 23.07 3.02
CA LYS J 28 -27.79 21.63 2.81
C LYS J 28 -28.23 21.35 1.36
N ARG J 29 -28.93 22.31 0.72
CA ARG J 29 -29.31 22.20 -0.70
C ARG J 29 -28.08 22.26 -1.60
N ILE J 30 -27.05 23.04 -1.20
CA ILE J 30 -25.79 23.15 -1.93
C ILE J 30 -25.02 21.84 -1.80
N VAL J 31 -24.98 21.26 -0.58
CA VAL J 31 -24.33 19.97 -0.34
C VAL J 31 -25.03 18.86 -1.14
N GLU J 32 -26.36 18.94 -1.27
CA GLU J 32 -27.16 17.97 -2.04
C GLU J 32 -26.77 18.01 -3.52
N GLY J 33 -26.62 19.21 -4.06
CA GLY J 33 -26.22 19.39 -5.44
C GLY J 33 -24.83 18.87 -5.76
N ILE J 34 -23.97 18.76 -4.73
CA ILE J 34 -22.61 18.26 -4.90
C ILE J 34 -22.47 16.77 -4.57
N LEU J 35 -22.81 16.38 -3.34
CA LEU J 35 -22.65 15.02 -2.86
C LEU J 35 -23.85 14.09 -3.08
N LYS J 36 -24.94 14.62 -3.69
CA LYS J 36 -26.16 13.89 -4.05
C LYS J 36 -26.86 13.18 -2.86
N ARG J 37 -26.97 13.88 -1.72
CA ARG J 37 -27.64 13.37 -0.53
C ARG J 37 -28.61 14.47 -0.08
N PRO J 38 -29.90 14.15 0.08
CA PRO J 38 -30.89 15.20 0.41
C PRO J 38 -30.73 15.81 1.80
N PRO J 39 -31.28 17.04 2.01
CA PRO J 39 -31.14 17.69 3.33
C PRO J 39 -31.55 16.86 4.56
N ASP J 40 -32.59 16.00 4.43
CA ASP J 40 -33.03 15.16 5.55
C ASP J 40 -31.98 14.10 5.94
N GLU J 41 -31.03 13.78 5.05
CA GLU J 41 -29.96 12.83 5.36
C GLU J 41 -28.65 13.53 5.76
N GLN J 42 -28.69 14.85 6.06
CA GLN J 42 -27.49 15.60 6.41
C GLN J 42 -27.63 16.28 7.72
N ARG J 43 -26.53 16.41 8.43
CA ARG J 43 -26.48 17.17 9.66
C ARG J 43 -25.30 18.14 9.51
N LEU J 44 -25.52 19.44 9.76
CA LEU J 44 -24.44 20.42 9.69
C LEU J 44 -24.05 20.89 11.06
N TYR J 45 -22.77 21.05 11.31
CA TYR J 45 -22.26 21.43 12.63
C TYR J 45 -21.33 22.62 12.61
N LYS J 46 -21.26 23.35 13.72
CA LYS J 46 -20.25 24.36 13.93
C LYS J 46 -19.56 23.83 15.15
N ASP J 47 -18.37 23.24 14.98
CA ASP J 47 -17.65 22.55 16.05
C ASP J 47 -18.52 21.32 16.46
N ASP J 48 -18.90 21.16 17.75
CA ASP J 48 -19.77 20.05 18.15
C ASP J 48 -21.27 20.41 18.12
N GLN J 49 -21.60 21.68 17.90
CA GLN J 49 -22.97 22.16 17.90
C GLN J 49 -23.74 21.86 16.62
N LEU J 50 -24.86 21.12 16.74
CA LEU J 50 -25.71 20.82 15.60
C LEU J 50 -26.47 22.10 15.20
N LEU J 51 -26.46 22.43 13.91
CA LEU J 51 -27.08 23.65 13.41
C LEU J 51 -28.53 23.44 12.96
N ASP J 52 -29.42 24.34 13.42
CA ASP J 52 -30.84 24.32 13.07
C ASP J 52 -31.05 24.84 11.67
N ASP J 53 -31.86 24.14 10.87
CA ASP J 53 -32.15 24.47 9.47
C ASP J 53 -32.61 25.91 9.21
N GLY J 54 -33.45 26.44 10.08
CA GLY J 54 -33.99 27.79 9.91
C GLY J 54 -33.06 28.93 10.30
N LYS J 55 -31.94 28.62 10.95
CA LYS J 55 -30.99 29.63 11.38
C LYS J 55 -30.11 30.12 10.24
N THR J 56 -29.81 31.44 10.21
CA THR J 56 -28.93 31.98 9.19
C THR J 56 -27.49 31.62 9.51
N LEU J 57 -26.60 31.68 8.51
CA LEU J 57 -25.18 31.42 8.74
C LEU J 57 -24.58 32.45 9.71
N GLY J 58 -25.05 33.69 9.65
CA GLY J 58 -24.63 34.74 10.55
C GLY J 58 -25.01 34.41 11.98
N GLU J 59 -26.23 33.90 12.19
CA GLU J 59 -26.73 33.47 13.49
C GLU J 59 -25.94 32.28 14.03
N CYS J 60 -25.44 31.43 13.14
CA CYS J 60 -24.60 30.28 13.51
C CYS J 60 -23.13 30.66 13.75
N GLY J 61 -22.77 31.95 13.72
CA GLY J 61 -21.41 32.37 13.97
C GLY J 61 -20.50 32.48 12.75
N PHE J 62 -21.07 32.30 11.55
CA PHE J 62 -20.30 32.42 10.33
C PHE J 62 -20.49 33.83 9.82
N THR J 63 -19.56 34.72 10.18
CA THR J 63 -19.55 36.12 9.75
C THR J 63 -18.42 36.33 8.74
N SER J 64 -18.49 37.38 7.91
CA SER J 64 -17.44 37.64 6.93
C SER J 64 -16.05 37.84 7.56
N GLN J 65 -15.99 38.23 8.83
CA GLN J 65 -14.72 38.43 9.57
C GLN J 65 -14.12 37.13 10.10
N THR J 66 -14.92 36.06 10.20
CA THR J 66 -14.47 34.75 10.65
C THR J 66 -14.44 33.72 9.52
N ALA J 67 -15.15 33.97 8.41
CA ALA J 67 -15.23 33.06 7.30
C ALA J 67 -14.67 33.77 6.08
N ARG J 68 -13.35 33.97 6.08
CA ARG J 68 -12.67 34.69 5.01
C ARG J 68 -12.28 33.78 3.84
N PRO J 69 -12.14 34.34 2.63
CA PRO J 69 -11.75 33.49 1.48
C PRO J 69 -10.41 32.77 1.69
N GLN J 70 -9.45 33.45 2.30
CA GLN J 70 -8.10 32.92 2.58
C GLN J 70 -8.00 32.09 3.87
N ALA J 71 -9.04 32.11 4.69
CA ALA J 71 -9.11 31.34 5.94
C ALA J 71 -10.58 31.01 6.18
N PRO J 72 -11.13 30.09 5.38
CA PRO J 72 -12.56 29.79 5.49
C PRO J 72 -12.96 29.10 6.78
N ALA J 73 -14.22 29.29 7.17
CA ALA J 73 -14.75 28.68 8.39
C ALA J 73 -15.17 27.25 8.11
N THR J 74 -14.96 26.36 9.08
CA THR J 74 -15.31 24.96 8.91
C THR J 74 -16.73 24.63 9.36
N VAL J 75 -17.49 23.96 8.49
CA VAL J 75 -18.83 23.47 8.78
C VAL J 75 -18.72 21.95 8.74
N GLY J 76 -19.05 21.29 9.84
CA GLY J 76 -19.01 19.83 9.89
C GLY J 76 -20.21 19.23 9.19
N LEU J 77 -20.05 18.04 8.61
CA LEU J 77 -21.13 17.36 7.92
C LEU J 77 -21.14 15.88 8.31
N ALA J 78 -22.35 15.34 8.56
CA ALA J 78 -22.57 13.94 8.89
C ALA J 78 -23.77 13.45 8.07
N PHE J 79 -23.68 12.23 7.52
CA PHE J 79 -24.76 11.66 6.72
C PHE J 79 -25.57 10.62 7.49
N ARG J 80 -26.83 10.41 7.07
CA ARG J 80 -27.67 9.40 7.69
C ARG J 80 -27.42 8.10 6.96
N ALA J 81 -26.76 7.17 7.67
CA ALA J 81 -26.37 5.86 7.17
C ALA J 81 -27.43 4.84 7.56
N ASP J 82 -28.42 4.57 6.68
CA ASP J 82 -29.51 3.62 6.91
C ASP J 82 -30.35 3.91 8.17
N ASP J 83 -31.08 5.04 8.13
CA ASP J 83 -32.00 5.52 9.17
C ASP J 83 -31.33 6.04 10.46
N THR J 84 -30.03 5.77 10.66
CA THR J 84 -29.33 6.25 11.84
C THR J 84 -28.14 7.16 11.42
N PHE J 85 -28.06 8.37 12.00
CA PHE J 85 -26.98 9.30 11.65
C PHE J 85 -25.65 8.85 12.22
N GLU J 86 -24.60 8.97 11.41
CA GLU J 86 -23.26 8.65 11.86
C GLU J 86 -22.74 9.78 12.78
N ALA J 87 -21.67 9.50 13.53
CA ALA J 87 -21.07 10.53 14.38
C ALA J 87 -20.29 11.50 13.49
N LEU J 88 -20.19 12.76 13.93
CA LEU J 88 -19.44 13.76 13.18
C LEU J 88 -17.96 13.40 13.25
N CYS J 89 -17.38 13.10 12.10
CA CYS J 89 -15.96 12.75 12.04
C CYS J 89 -15.30 13.53 10.92
N ILE J 90 -14.24 14.27 11.25
CA ILE J 90 -13.51 15.04 10.25
C ILE J 90 -12.05 14.61 10.33
N GLU J 91 -11.54 14.01 9.25
CA GLU J 91 -10.15 13.56 9.19
C GLU J 91 -9.26 14.77 9.12
N PRO J 92 -8.26 14.89 10.00
CA PRO J 92 -7.38 16.05 9.93
C PRO J 92 -6.48 16.00 8.71
N PHE J 93 -6.01 17.15 8.25
CA PHE J 93 -5.08 17.20 7.13
C PHE J 93 -3.70 16.67 7.60
N SER J 94 -2.84 16.29 6.66
CA SER J 94 -1.52 15.78 6.97
C SER J 94 -0.69 16.78 7.78
N SER J 95 0.29 16.29 8.54
CA SER J 95 1.12 17.16 9.35
C SER J 95 2.29 17.65 8.53
N PRO J 96 2.58 18.96 8.59
CA PRO J 96 3.76 19.47 7.87
C PRO J 96 5.02 18.95 8.57
N PRO J 97 6.10 18.70 7.79
CA PRO J 97 7.33 18.22 8.41
C PRO J 97 7.94 19.26 9.33
N GLU J 98 8.88 18.82 10.17
CA GLU J 98 9.56 19.74 11.08
C GLU J 98 10.29 20.84 10.31
N LEU J 99 10.14 22.08 10.78
CA LEU J 99 10.75 23.26 10.16
C LEU J 99 12.27 23.10 10.11
N PRO J 100 12.88 23.22 8.92
CA PRO J 100 14.35 23.07 8.84
C PRO J 100 15.08 24.07 9.73
N ASP J 101 16.33 23.76 10.08
CA ASP J 101 17.13 24.64 10.94
C ASP J 101 17.28 26.04 10.32
N VAL J 102 17.40 26.11 8.98
CA VAL J 102 17.52 27.34 8.19
C VAL J 102 16.27 28.27 8.28
N MET J 103 15.18 27.80 8.93
CA MET J 103 13.96 28.59 9.09
C MET J 103 13.62 28.87 10.56
N MET K 2 -20.87 22.09 -11.79
CA MET K 2 -20.02 23.28 -11.71
C MET K 2 -18.86 23.16 -10.72
N TYR K 3 -18.65 21.97 -10.16
CA TYR K 3 -17.57 21.73 -9.23
C TYR K 3 -16.61 20.67 -9.77
N VAL K 4 -15.39 20.67 -9.27
CA VAL K 4 -14.37 19.69 -9.65
C VAL K 4 -13.75 19.10 -8.37
N LYS K 5 -13.15 17.91 -8.47
CA LYS K 5 -12.54 17.28 -7.30
C LYS K 5 -11.03 17.21 -7.45
N LEU K 6 -10.31 17.67 -6.44
CA LEU K 6 -8.85 17.67 -6.44
C LEU K 6 -8.46 16.76 -5.31
N ILE K 7 -7.75 15.69 -5.60
CA ILE K 7 -7.38 14.71 -4.59
C ILE K 7 -5.92 14.81 -4.21
N SER K 8 -5.64 14.92 -2.92
CA SER K 8 -4.29 15.02 -2.40
C SER K 8 -3.57 13.66 -2.41
N SER K 9 -2.25 13.68 -2.22
CA SER K 9 -1.41 12.48 -2.17
C SER K 9 -1.86 11.53 -1.05
N ASP K 10 -2.35 12.08 0.07
CA ASP K 10 -2.84 11.32 1.21
C ASP K 10 -4.36 11.06 1.18
N GLY K 11 -4.99 11.16 0.02
CA GLY K 11 -6.38 10.82 -0.16
C GLY K 11 -7.49 11.82 0.13
N HIS K 12 -7.16 13.02 0.63
CA HIS K 12 -8.19 14.02 0.91
C HIS K 12 -8.79 14.53 -0.40
N GLU K 13 -10.11 14.58 -0.47
CA GLU K 13 -10.82 15.04 -1.64
C GLU K 13 -11.33 16.43 -1.42
N PHE K 14 -10.89 17.38 -2.24
CA PHE K 14 -11.29 18.78 -2.14
C PHE K 14 -12.18 19.11 -3.30
N ILE K 15 -13.42 19.50 -3.02
CA ILE K 15 -14.38 19.87 -4.04
C ILE K 15 -14.46 21.37 -4.13
N VAL K 16 -14.00 21.92 -5.24
CA VAL K 16 -13.96 23.37 -5.44
C VAL K 16 -14.74 23.75 -6.70
N LYS K 17 -15.20 25.01 -6.80
CA LYS K 17 -15.89 25.48 -8.00
C LYS K 17 -14.95 25.37 -9.21
N ARG K 18 -15.48 24.94 -10.37
CA ARG K 18 -14.67 24.77 -11.57
C ARG K 18 -13.93 26.05 -11.95
N GLU K 19 -14.63 27.21 -11.86
CA GLU K 19 -14.07 28.53 -12.16
C GLU K 19 -12.86 28.84 -11.26
N HIS K 20 -12.94 28.45 -9.99
CA HIS K 20 -11.86 28.67 -9.03
C HIS K 20 -10.65 27.80 -9.35
N ALA K 21 -10.87 26.53 -9.73
CA ALA K 21 -9.78 25.64 -10.09
C ALA K 21 -9.11 26.06 -11.41
N LEU K 22 -9.85 26.74 -12.31
CA LEU K 22 -9.29 27.23 -13.57
C LEU K 22 -8.23 28.32 -13.39
N THR K 23 -8.04 28.82 -12.15
CA THR K 23 -7.00 29.77 -11.77
C THR K 23 -5.63 29.13 -12.07
N SER K 24 -5.49 27.85 -11.75
CA SER K 24 -4.28 27.09 -12.03
C SER K 24 -4.33 26.69 -13.50
N GLY K 25 -3.30 27.06 -14.25
CA GLY K 25 -3.19 26.72 -15.66
C GLY K 25 -3.07 25.23 -15.87
N THR K 26 -2.35 24.55 -14.96
CA THR K 26 -2.16 23.10 -14.95
C THR K 26 -3.50 22.35 -14.82
N ILE K 27 -4.33 22.74 -13.84
CA ILE K 27 -5.64 22.15 -13.63
C ILE K 27 -6.55 22.45 -14.82
N LYS K 28 -6.49 23.67 -15.37
CA LYS K 28 -7.28 24.06 -16.54
C LYS K 28 -7.01 23.14 -17.75
N ALA K 29 -5.77 22.73 -17.89
CA ALA K 29 -5.37 21.85 -18.97
C ALA K 29 -5.80 20.40 -18.67
N MET K 30 -5.69 19.96 -17.40
CA MET K 30 -6.13 18.65 -16.95
C MET K 30 -7.66 18.47 -17.07
N LEU K 31 -8.44 19.58 -17.07
CA LEU K 31 -9.91 19.64 -17.16
C LEU K 31 -10.45 19.79 -18.59
N SER K 32 -9.61 20.17 -19.53
CA SER K 32 -10.00 20.27 -20.94
C SER K 32 -9.10 19.34 -21.76
N GLY K 33 -9.65 18.20 -22.19
CA GLY K 33 -8.92 17.22 -22.98
C GLY K 33 -7.89 16.42 -22.21
N THR K 42 -11.02 15.69 -16.99
CA THR K 42 -12.35 16.17 -16.59
C THR K 42 -12.76 15.62 -15.22
N ASN K 43 -13.56 16.43 -14.45
CA ASN K 43 -14.20 16.14 -13.17
C ASN K 43 -13.28 15.94 -11.96
N GLU K 44 -12.26 15.07 -12.06
CA GLU K 44 -11.38 14.74 -10.94
C GLU K 44 -9.92 14.81 -11.35
N VAL K 45 -9.06 15.28 -10.46
CA VAL K 45 -7.64 15.37 -10.71
C VAL K 45 -6.89 14.81 -9.50
N ASN K 46 -5.93 13.91 -9.72
CA ASN K 46 -5.15 13.34 -8.62
C ASN K 46 -3.78 13.97 -8.57
N PHE K 47 -3.37 14.41 -7.40
CA PHE K 47 -2.07 15.03 -7.21
C PHE K 47 -1.24 14.16 -6.30
N ARG K 48 -0.55 13.16 -6.87
CA ARG K 48 0.27 12.22 -6.08
C ARG K 48 1.43 12.85 -5.31
N GLU K 49 1.77 14.11 -5.61
CA GLU K 49 2.87 14.81 -4.94
C GLU K 49 2.44 15.91 -3.96
N ILE K 50 1.16 16.28 -3.96
CA ILE K 50 0.68 17.35 -3.09
C ILE K 50 -0.10 16.83 -1.90
N PRO K 51 0.44 16.93 -0.68
CA PRO K 51 -0.32 16.48 0.50
C PRO K 51 -1.49 17.39 0.84
N SER K 52 -2.40 16.93 1.71
CA SER K 52 -3.60 17.68 2.08
C SER K 52 -3.34 19.01 2.75
N HIS K 53 -2.33 19.10 3.62
CA HIS K 53 -1.99 20.36 4.26
C HIS K 53 -1.52 21.44 3.27
N VAL K 54 -1.13 21.02 2.04
CA VAL K 54 -0.72 21.93 1.00
C VAL K 54 -1.89 22.20 0.06
N LEU K 55 -2.58 21.14 -0.37
CA LEU K 55 -3.70 21.26 -1.30
C LEU K 55 -4.89 22.05 -0.73
N SER K 56 -5.10 21.98 0.59
CA SER K 56 -6.16 22.74 1.22
C SER K 56 -5.85 24.24 1.10
N LYS K 57 -4.57 24.61 1.32
CA LYS K 57 -4.11 25.98 1.18
C LYS K 57 -4.20 26.47 -0.25
N VAL K 58 -3.94 25.60 -1.22
CA VAL K 58 -4.05 25.94 -2.64
C VAL K 58 -5.50 26.30 -2.97
N CYS K 59 -6.45 25.55 -2.43
CA CYS K 59 -7.87 25.80 -2.64
C CYS K 59 -8.28 27.12 -2.00
N MET K 60 -7.73 27.43 -0.81
CA MET K 60 -7.99 28.70 -0.15
C MET K 60 -7.45 29.84 -1.01
N TYR K 61 -6.28 29.63 -1.65
CA TYR K 61 -5.71 30.63 -2.55
C TYR K 61 -6.64 30.89 -3.73
N PHE K 62 -7.25 29.83 -4.31
CA PHE K 62 -8.17 30.00 -5.43
C PHE K 62 -9.34 30.90 -5.06
N THR K 63 -9.89 30.70 -3.85
CA THR K 63 -11.00 31.48 -3.34
C THR K 63 -10.56 32.95 -3.20
N TYR K 64 -9.40 33.15 -2.59
CA TYR K 64 -8.78 34.44 -2.34
C TYR K 64 -8.57 35.20 -3.66
N LYS K 65 -7.97 34.52 -4.64
CA LYS K 65 -7.69 35.10 -5.95
C LYS K 65 -8.96 35.52 -6.66
N VAL K 66 -9.98 34.65 -6.72
CA VAL K 66 -11.23 34.97 -7.41
C VAL K 66 -11.99 36.10 -6.72
N ARG K 67 -11.93 36.15 -5.40
CA ARG K 67 -12.62 37.18 -4.64
C ARG K 67 -11.97 38.55 -4.80
N TYR K 68 -10.63 38.61 -4.72
CA TYR K 68 -9.93 39.89 -4.72
C TYR K 68 -9.36 40.39 -6.06
N THR K 69 -9.32 39.56 -7.12
CA THR K 69 -8.84 40.06 -8.42
C THR K 69 -9.94 40.94 -9.02
N ASN K 70 -9.55 42.09 -9.62
CA ASN K 70 -10.49 43.04 -10.21
C ASN K 70 -11.43 43.62 -9.14
N SER K 71 -10.86 44.01 -7.99
CA SER K 71 -11.67 44.56 -6.90
C SER K 71 -10.95 45.74 -6.27
N SER K 72 -11.70 46.83 -6.02
CA SER K 72 -11.20 48.04 -5.37
C SER K 72 -11.20 47.96 -3.82
N THR K 73 -11.93 46.97 -3.27
CA THR K 73 -11.98 46.73 -1.82
C THR K 73 -10.57 46.34 -1.33
N GLU K 74 -10.16 46.87 -0.17
CA GLU K 74 -8.83 46.61 0.40
C GLU K 74 -8.49 45.11 0.47
N ILE K 75 -7.42 44.73 -0.22
CA ILE K 75 -6.97 43.36 -0.28
C ILE K 75 -6.12 42.98 0.94
N PRO K 76 -6.51 41.90 1.65
CA PRO K 76 -5.72 41.46 2.79
C PRO K 76 -4.56 40.56 2.39
N GLU K 77 -3.62 40.33 3.30
CA GLU K 77 -2.48 39.46 3.04
C GLU K 77 -2.93 38.00 2.94
N PHE K 78 -2.34 37.22 2.02
CA PHE K 78 -2.65 35.79 1.95
C PHE K 78 -1.70 35.13 2.95
N PRO K 79 -2.24 34.49 4.01
CA PRO K 79 -1.35 33.95 5.04
C PRO K 79 -0.75 32.60 4.68
N ILE K 80 0.54 32.43 4.98
CA ILE K 80 1.22 31.16 4.74
C ILE K 80 2.03 30.82 5.98
N ALA K 81 1.69 29.70 6.64
CA ALA K 81 2.43 29.24 7.82
C ALA K 81 3.84 28.86 7.40
N PRO K 82 4.85 29.20 8.20
CA PRO K 82 6.24 28.87 7.81
C PRO K 82 6.47 27.40 7.48
N GLU K 83 5.80 26.50 8.23
CA GLU K 83 5.89 25.04 8.09
C GLU K 83 5.42 24.51 6.74
N ILE K 84 4.51 25.24 6.08
CA ILE K 84 3.92 24.87 4.79
C ILE K 84 4.55 25.60 3.60
N ALA K 85 5.27 26.70 3.85
CA ALA K 85 5.85 27.54 2.81
C ALA K 85 6.63 26.79 1.69
N LEU K 86 7.57 25.91 2.04
CA LEU K 86 8.37 25.20 1.03
C LEU K 86 7.53 24.30 0.13
N GLU K 87 6.68 23.46 0.71
CA GLU K 87 5.83 22.57 -0.08
C GLU K 87 4.81 23.34 -0.90
N LEU K 88 4.27 24.42 -0.33
CA LEU K 88 3.30 25.24 -1.03
C LEU K 88 3.95 25.93 -2.23
N LEU K 89 5.23 26.30 -2.14
CA LEU K 89 5.99 26.91 -3.22
C LEU K 89 6.11 25.91 -4.37
N MET K 90 6.47 24.66 -4.04
CA MET K 90 6.62 23.59 -5.03
C MET K 90 5.30 23.30 -5.72
N ALA K 91 4.21 23.27 -4.94
CA ALA K 91 2.88 23.03 -5.48
C ALA K 91 2.44 24.17 -6.40
N ALA K 92 2.66 25.42 -5.98
CA ALA K 92 2.31 26.59 -6.76
C ALA K 92 3.06 26.62 -8.08
N ASN K 93 4.34 26.20 -8.04
CA ASN K 93 5.19 26.14 -9.21
C ASN K 93 4.61 25.12 -10.21
N PHE K 94 4.21 23.94 -9.73
CA PHE K 94 3.62 22.92 -10.60
C PHE K 94 2.27 23.37 -11.17
N LEU K 95 1.46 24.00 -10.33
CA LEU K 95 0.13 24.42 -10.71
C LEU K 95 0.06 25.69 -11.54
N ASP K 96 1.17 26.45 -11.64
CA ASP K 96 1.20 27.70 -12.42
C ASP K 96 0.13 28.67 -11.93
N CYS K 97 0.21 29.01 -10.64
CA CYS K 97 -0.76 29.93 -10.04
C CYS K 97 -0.13 30.80 -8.96
N VAL L 11 13.34 56.61 -20.71
CA VAL L 11 11.92 56.75 -21.08
C VAL L 11 11.05 56.98 -19.84
N LEU L 12 11.12 56.06 -18.86
CA LEU L 12 10.35 56.17 -17.61
C LEU L 12 11.01 57.17 -16.68
N ARG L 13 10.59 58.44 -16.76
CA ARG L 13 11.14 59.50 -15.93
C ARG L 13 10.09 60.58 -15.68
N SER L 14 10.30 61.38 -14.62
CA SER L 14 9.38 62.47 -14.31
C SER L 14 9.59 63.60 -15.28
N VAL L 15 8.50 64.28 -15.60
CA VAL L 15 8.51 65.47 -16.45
C VAL L 15 8.74 66.65 -15.50
N ASN L 16 9.70 67.54 -15.79
CA ASN L 16 9.92 68.71 -14.92
C ASN L 16 8.92 69.81 -15.25
N SER L 17 7.66 69.60 -14.83
CA SER L 17 6.57 70.53 -15.10
C SER L 17 6.63 71.79 -14.26
N ARG L 18 7.19 71.68 -13.04
CA ARG L 18 7.23 72.77 -12.08
C ARG L 18 5.81 73.24 -11.65
N GLU L 19 4.78 72.39 -11.86
CA GLU L 19 3.39 72.65 -11.52
C GLU L 19 3.05 71.81 -10.34
N PRO L 20 2.95 72.40 -9.14
CA PRO L 20 2.64 71.60 -7.96
C PRO L 20 1.31 70.83 -8.07
N SER L 21 1.28 69.68 -7.41
CA SER L 21 0.14 68.79 -7.35
C SER L 21 0.17 68.13 -5.99
N GLN L 22 -0.85 68.39 -5.19
CA GLN L 22 -0.93 67.84 -3.86
C GLN L 22 -1.59 66.48 -3.94
N VAL L 23 -0.98 65.51 -3.25
CA VAL L 23 -1.41 64.12 -3.32
C VAL L 23 -1.61 63.54 -1.92
N ILE L 24 -2.53 62.58 -1.75
CA ILE L 24 -2.68 61.87 -0.49
C ILE L 24 -2.21 60.45 -0.73
N PHE L 25 -1.15 60.02 -0.05
CA PHE L 25 -0.65 58.66 -0.18
C PHE L 25 -1.38 57.85 0.89
N CYS L 26 -2.29 56.91 0.55
CA CYS L 26 -2.92 56.09 1.59
C CYS L 26 -2.53 54.66 1.50
N ASN L 27 -1.86 54.18 2.53
CA ASN L 27 -1.37 52.83 2.61
C ASN L 27 -2.48 51.92 3.07
N ARG L 28 -3.24 51.41 2.12
CA ARG L 28 -4.32 50.45 2.33
C ARG L 28 -3.77 49.02 2.17
N SER L 29 -2.62 48.77 2.79
CA SER L 29 -1.94 47.49 2.73
C SER L 29 -1.37 47.17 4.12
N PRO L 30 -1.05 45.90 4.38
CA PRO L 30 -0.44 45.57 5.68
C PRO L 30 1.10 45.71 5.69
N ARG L 31 1.69 46.26 4.61
CA ARG L 31 3.13 46.41 4.50
C ARG L 31 3.57 47.82 4.83
N VAL L 32 4.84 47.98 5.25
CA VAL L 32 5.42 49.30 5.41
C VAL L 32 5.74 49.71 3.98
N VAL L 33 5.18 50.82 3.52
CA VAL L 33 5.35 51.26 2.13
C VAL L 33 6.53 52.22 1.94
N LEU L 34 7.26 51.99 0.85
CA LEU L 34 8.35 52.84 0.44
C LEU L 34 7.91 53.53 -0.84
N PRO L 35 7.59 54.82 -0.76
CA PRO L 35 7.26 55.58 -1.97
C PRO L 35 8.55 55.84 -2.75
N VAL L 36 8.51 55.66 -4.06
CA VAL L 36 9.67 55.81 -4.91
C VAL L 36 9.34 56.79 -6.01
N TRP L 37 10.10 57.86 -6.09
CA TRP L 37 9.90 58.86 -7.13
C TRP L 37 10.92 58.66 -8.24
N LEU L 38 10.48 58.57 -9.49
CA LEU L 38 11.41 58.45 -10.61
C LEU L 38 11.89 59.85 -10.95
N ASN L 39 13.16 60.17 -10.68
CA ASN L 39 13.67 61.51 -10.92
C ASN L 39 13.75 61.87 -12.42
N PHE L 40 14.23 63.07 -12.74
CA PHE L 40 14.29 63.56 -14.12
C PHE L 40 15.23 62.74 -15.03
N ASP L 41 16.14 61.98 -14.43
CA ASP L 41 17.05 61.08 -15.15
C ASP L 41 16.55 59.62 -15.19
N GLY L 42 15.36 59.36 -14.62
CA GLY L 42 14.76 58.04 -14.55
C GLY L 42 15.18 57.23 -13.35
N GLU L 43 16.07 57.76 -12.50
CA GLU L 43 16.55 57.07 -11.30
C GLU L 43 15.53 57.04 -10.19
N PRO L 44 15.32 55.86 -9.59
CA PRO L 44 14.39 55.78 -8.47
C PRO L 44 14.94 56.43 -7.21
N GLN L 45 14.18 57.34 -6.63
CA GLN L 45 14.55 58.03 -5.41
C GLN L 45 13.61 57.62 -4.29
N PRO L 46 14.14 57.02 -3.23
CA PRO L 46 13.29 56.61 -2.12
C PRO L 46 12.86 57.77 -1.22
N TYR L 47 11.62 57.71 -0.76
CA TYR L 47 11.04 58.73 0.11
C TYR L 47 10.70 58.12 1.49
N PRO L 48 10.38 58.94 2.52
CA PRO L 48 10.08 58.37 3.85
C PRO L 48 8.99 57.31 3.83
N THR L 49 9.15 56.25 4.63
CA THR L 49 8.20 55.15 4.64
C THR L 49 6.87 55.46 5.33
N LEU L 50 5.82 54.76 4.91
CA LEU L 50 4.46 54.85 5.43
C LEU L 50 4.13 53.56 6.17
N PRO L 51 3.86 53.63 7.47
CA PRO L 51 3.46 52.41 8.19
C PRO L 51 2.10 51.91 7.68
N PRO L 52 1.80 50.62 7.88
CA PRO L 52 0.52 50.08 7.37
C PRO L 52 -0.71 50.79 7.94
N GLY L 53 -1.71 51.02 7.09
CA GLY L 53 -2.96 51.65 7.49
C GLY L 53 -2.88 53.13 7.79
N THR L 54 -1.88 53.81 7.22
CA THR L 54 -1.68 55.24 7.41
C THR L 54 -1.76 56.01 6.10
N GLY L 55 -2.12 57.29 6.19
CA GLY L 55 -2.25 58.22 5.09
C GLY L 55 -1.37 59.45 5.29
N ARG L 56 -1.02 60.13 4.20
CA ARG L 56 -0.14 61.30 4.29
C ARG L 56 -0.34 62.27 3.15
N ARG L 57 -0.39 63.58 3.47
CA ARG L 57 -0.52 64.61 2.45
C ARG L 57 0.91 64.92 1.97
N ILE L 58 1.11 64.85 0.65
CA ILE L 58 2.39 64.97 -0.06
C ILE L 58 2.37 66.12 -1.04
N HIS L 59 3.48 66.88 -1.12
CA HIS L 59 3.61 67.92 -2.12
C HIS L 59 4.45 67.35 -3.26
N SER L 60 3.84 67.15 -4.42
CA SER L 60 4.53 66.62 -5.60
C SER L 60 4.24 67.55 -6.82
N TYR L 61 4.43 67.09 -8.06
CA TYR L 61 4.21 67.92 -9.24
C TYR L 61 3.49 67.13 -10.34
N ARG L 62 2.84 67.84 -11.25
CA ARG L 62 2.14 67.22 -12.37
C ARG L 62 3.16 66.54 -13.28
N GLY L 63 2.82 65.35 -13.75
CA GLY L 63 3.71 64.61 -14.65
C GLY L 63 4.83 63.85 -13.98
N HIS L 64 4.92 63.89 -12.65
CA HIS L 64 5.93 63.14 -11.91
C HIS L 64 5.53 61.68 -11.82
N LEU L 65 6.50 60.77 -11.75
CA LEU L 65 6.21 59.34 -11.73
C LEU L 65 6.54 58.73 -10.39
N TRP L 66 5.58 57.98 -9.83
CA TRP L 66 5.73 57.33 -8.53
C TRP L 66 5.44 55.85 -8.61
N LEU L 67 6.10 55.11 -7.74
CA LEU L 67 5.88 53.68 -7.60
C LEU L 67 6.02 53.32 -6.13
N PHE L 68 5.35 52.25 -5.70
CA PHE L 68 5.32 51.90 -4.28
C PHE L 68 5.73 50.47 -4.05
N ARG L 69 6.62 50.27 -3.10
CA ARG L 69 7.16 48.95 -2.81
C ARG L 69 7.12 48.66 -1.32
N ASP L 70 7.27 47.39 -0.94
CA ASP L 70 7.39 47.04 0.48
C ASP L 70 8.79 47.55 0.89
N ALA L 71 8.86 48.36 1.95
CA ALA L 71 10.11 48.97 2.39
C ALA L 71 11.19 47.98 2.76
N GLY L 72 10.82 46.84 3.33
CA GLY L 72 11.80 45.84 3.75
C GLY L 72 12.21 44.82 2.71
N THR L 73 11.26 44.38 1.88
CA THR L 73 11.54 43.33 0.90
C THR L 73 11.55 43.77 -0.56
N HIS L 74 11.03 44.96 -0.84
CA HIS L 74 10.90 45.52 -2.18
C HIS L 74 9.83 44.84 -3.03
N ASP L 75 8.89 44.09 -2.40
CA ASP L 75 7.77 43.47 -3.09
C ASP L 75 6.93 44.55 -3.75
N GLY L 76 6.49 44.29 -4.97
CA GLY L 76 5.70 45.25 -5.72
C GLY L 76 4.34 45.51 -5.12
N LEU L 77 3.89 46.76 -5.19
CA LEU L 77 2.58 47.15 -4.71
C LEU L 77 1.84 47.91 -5.80
N LEU L 78 0.52 47.99 -5.71
CA LEU L 78 -0.27 48.72 -6.68
C LEU L 78 -0.67 50.08 -6.12
N VAL L 79 -0.84 51.05 -7.01
CA VAL L 79 -1.28 52.38 -6.64
C VAL L 79 -2.39 52.73 -7.60
N ASN L 80 -3.62 52.84 -7.08
CA ASN L 80 -4.82 53.04 -7.89
C ASN L 80 -4.97 51.94 -8.93
N GLN L 81 -4.71 50.69 -8.50
CA GLN L 81 -4.80 49.45 -9.27
C GLN L 81 -3.80 49.34 -10.44
N THR L 82 -2.75 50.16 -10.46
CA THR L 82 -1.73 50.11 -11.51
C THR L 82 -0.31 50.19 -10.89
N GLU L 83 0.75 50.06 -11.70
CA GLU L 83 2.12 50.08 -11.18
C GLU L 83 2.66 51.48 -10.92
N LEU L 84 2.30 52.42 -11.80
CA LEU L 84 2.78 53.80 -11.69
C LEU L 84 1.69 54.80 -11.32
N PHE L 85 2.08 55.82 -10.56
CA PHE L 85 1.18 56.91 -10.17
C PHE L 85 1.72 58.23 -10.70
N VAL L 86 0.89 58.93 -11.47
CA VAL L 86 1.27 60.21 -12.01
C VAL L 86 0.35 61.26 -11.46
N PRO L 87 0.85 62.16 -10.58
CA PRO L 87 0.00 63.22 -10.05
C PRO L 87 -0.56 64.08 -11.18
N SER L 88 -1.86 64.31 -11.13
CA SER L 88 -2.54 65.10 -12.14
C SER L 88 -2.91 66.52 -11.59
N LEU L 89 -3.59 67.33 -12.39
CA LEU L 89 -4.01 68.67 -12.00
C LEU L 89 -5.06 68.62 -10.87
N ASN L 90 -4.85 69.43 -9.82
CA ASN L 90 -5.79 69.50 -8.70
C ASN L 90 -6.95 70.40 -9.08
N VAL L 91 -8.12 69.81 -9.16
CA VAL L 91 -9.35 70.55 -9.47
C VAL L 91 -9.92 71.11 -8.17
N ASP L 92 -10.06 72.46 -8.06
CA ASP L 92 -10.55 73.12 -6.84
C ASP L 92 -9.64 72.86 -5.63
N GLY L 93 -8.34 72.75 -5.87
CA GLY L 93 -7.36 72.47 -4.83
C GLY L 93 -7.46 71.11 -4.16
N GLN L 94 -8.49 70.29 -4.54
CA GLN L 94 -8.72 68.93 -4.04
C GLN L 94 -7.53 68.03 -4.39
N PRO L 95 -6.91 67.42 -3.37
CA PRO L 95 -5.76 66.55 -3.64
C PRO L 95 -6.08 65.24 -4.38
N ILE L 96 -5.10 64.71 -5.12
CA ILE L 96 -5.27 63.47 -5.86
C ILE L 96 -5.03 62.32 -4.90
N PHE L 97 -5.87 61.28 -4.93
CA PHE L 97 -5.66 60.13 -4.04
C PHE L 97 -4.78 59.08 -4.66
N ALA L 98 -3.79 58.60 -3.91
CA ALA L 98 -2.90 57.54 -4.34
C ALA L 98 -3.14 56.38 -3.39
N ASN L 99 -4.09 55.51 -3.74
CA ASN L 99 -4.44 54.35 -2.93
C ASN L 99 -3.48 53.20 -3.18
N ILE L 100 -2.62 52.95 -2.19
CA ILE L 100 -1.59 51.91 -2.26
C ILE L 100 -2.12 50.62 -1.67
N THR L 101 -2.24 49.59 -2.49
CA THR L 101 -2.77 48.30 -2.05
C THR L 101 -1.85 47.15 -2.44
N LEU L 102 -2.03 46.00 -1.78
CA LEU L 102 -1.33 44.79 -2.16
C LEU L 102 -1.92 44.32 -3.47
N PRO L 103 -1.11 43.86 -4.42
CA PRO L 103 -1.71 43.20 -5.59
C PRO L 103 -2.11 41.78 -5.18
N VAL L 104 -2.83 41.09 -6.07
CA VAL L 104 -3.14 39.70 -5.80
C VAL L 104 -1.93 38.98 -6.33
N TYR L 105 -0.95 38.72 -5.46
CA TYR L 105 0.27 38.02 -5.88
C TYR L 105 -0.06 36.62 -6.33
N THR L 106 0.77 36.04 -7.21
CA THR L 106 0.61 34.63 -7.57
C THR L 106 0.97 33.83 -6.29
N LEU L 107 0.37 32.64 -6.10
CA LEU L 107 0.67 31.82 -4.94
C LEU L 107 2.19 31.50 -4.87
N LYS L 108 2.83 31.37 -6.05
CA LYS L 108 4.26 31.12 -6.19
C LYS L 108 5.04 32.30 -5.64
N GLU L 109 4.70 33.54 -6.09
CA GLU L 109 5.36 34.74 -5.62
C GLU L 109 5.16 34.94 -4.13
N ARG L 110 3.94 34.69 -3.65
CA ARG L 110 3.64 34.83 -2.24
C ARG L 110 4.47 33.82 -1.40
N CYS L 111 4.64 32.59 -1.91
CA CYS L 111 5.45 31.58 -1.26
C CYS L 111 6.89 31.98 -1.24
N LEU L 112 7.39 32.55 -2.36
CA LEU L 112 8.77 33.03 -2.45
C LEU L 112 9.01 34.11 -1.38
N GLN L 113 8.03 35.03 -1.20
CA GLN L 113 8.10 36.07 -0.19
C GLN L 113 8.25 35.48 1.21
N VAL L 114 7.39 34.51 1.55
CA VAL L 114 7.41 33.89 2.87
C VAL L 114 8.73 33.14 3.12
N VAL L 115 9.21 32.40 2.11
CA VAL L 115 10.47 31.67 2.26
C VAL L 115 11.66 32.63 2.45
N ARG L 116 11.73 33.71 1.64
CA ARG L 116 12.79 34.72 1.79
C ARG L 116 12.76 35.35 3.19
N SER L 117 11.56 35.54 3.76
CA SER L 117 11.40 36.12 5.10
C SER L 117 11.84 35.18 6.23
N LEU L 118 11.93 33.87 5.95
CA LEU L 118 12.31 32.88 6.95
C LEU L 118 13.76 32.44 6.86
N VAL L 119 14.32 32.36 5.64
CA VAL L 119 15.69 31.90 5.49
C VAL L 119 16.66 33.00 5.03
N LYS L 120 17.85 33.05 5.67
CA LYS L 120 18.91 34.01 5.35
C LYS L 120 19.43 33.70 3.94
N PRO L 121 19.78 34.73 3.16
CA PRO L 121 20.24 34.50 1.77
C PRO L 121 21.42 33.52 1.60
N GLU L 122 22.26 33.38 2.64
CA GLU L 122 23.38 32.45 2.60
C GLU L 122 22.92 30.99 2.70
N ASN L 123 21.77 30.75 3.35
CA ASN L 123 21.23 29.41 3.56
C ASN L 123 20.18 28.98 2.54
N TYR L 124 19.98 29.75 1.43
CA TYR L 124 19.04 29.37 0.38
C TYR L 124 19.47 28.04 -0.24
N ARG L 125 20.79 27.85 -0.44
CA ARG L 125 21.37 26.64 -1.02
C ARG L 125 21.13 25.38 -0.20
N ARG L 126 20.90 25.53 1.10
CA ARG L 126 20.64 24.38 1.98
C ARG L 126 19.17 23.92 1.96
N LEU L 127 18.29 24.59 1.20
CA LEU L 127 16.88 24.20 1.09
C LEU L 127 16.75 23.03 0.13
N ASP L 128 15.93 22.03 0.47
CA ASP L 128 15.72 20.87 -0.40
C ASP L 128 14.66 21.17 -1.48
N ILE L 129 15.05 21.96 -2.49
CA ILE L 129 14.16 22.35 -3.58
C ILE L 129 14.90 22.27 -4.92
N VAL L 130 14.14 22.26 -6.03
CA VAL L 130 14.70 22.23 -7.39
C VAL L 130 15.57 23.48 -7.65
N ARG L 131 16.61 23.35 -8.52
CA ARG L 131 17.52 24.44 -8.89
C ARG L 131 16.81 25.70 -9.40
N SER L 132 15.73 25.54 -10.18
CA SER L 132 15.00 26.70 -10.70
C SER L 132 14.36 27.52 -9.58
N LEU L 133 13.94 26.85 -8.48
CA LEU L 133 13.35 27.54 -7.33
C LEU L 133 14.39 28.27 -6.50
N TYR L 134 15.66 27.77 -6.48
CA TYR L 134 16.79 28.42 -5.80
C TYR L 134 17.00 29.78 -6.48
N GLU L 135 17.00 29.79 -7.82
CA GLU L 135 17.18 30.97 -8.64
C GLU L 135 16.03 31.94 -8.46
N ASP L 136 14.79 31.43 -8.32
CA ASP L 136 13.60 32.25 -8.11
C ASP L 136 13.69 32.94 -6.74
N LEU L 137 14.23 32.25 -5.72
CA LEU L 137 14.43 32.81 -4.37
C LEU L 137 15.48 33.91 -4.40
N GLU L 138 16.57 33.67 -5.12
CA GLU L 138 17.67 34.62 -5.23
C GLU L 138 17.32 35.83 -6.07
N ASP L 139 16.37 35.69 -7.01
CA ASP L 139 15.93 36.79 -7.86
C ASP L 139 14.92 37.65 -7.08
N HIS L 140 15.43 38.35 -6.04
CA HIS L 140 14.65 39.22 -5.16
C HIS L 140 13.97 40.30 -5.95
N PRO L 141 12.78 40.77 -5.51
CA PRO L 141 12.14 41.90 -6.20
C PRO L 141 13.07 43.11 -6.16
N ASN L 142 13.16 43.80 -7.28
CA ASN L 142 14.11 44.88 -7.45
C ASN L 142 13.49 45.97 -8.31
N VAL L 143 13.54 47.24 -7.85
CA VAL L 143 12.92 48.35 -8.59
C VAL L 143 13.54 48.56 -9.98
N GLN L 144 14.88 48.50 -10.06
CA GLN L 144 15.56 48.69 -11.35
C GLN L 144 15.13 47.67 -12.38
N LYS L 145 15.00 46.39 -11.97
CA LYS L 145 14.55 45.31 -12.84
C LYS L 145 13.12 45.57 -13.34
N ASP L 146 12.24 46.03 -12.44
CA ASP L 146 10.85 46.33 -12.78
C ASP L 146 10.76 47.52 -13.72
N LEU L 147 11.63 48.51 -13.55
CA LEU L 147 11.66 49.68 -14.44
C LEU L 147 12.08 49.24 -15.85
N GLU L 148 13.05 48.32 -15.94
CA GLU L 148 13.49 47.75 -17.22
C GLU L 148 12.35 46.98 -17.87
N ARG L 149 11.62 46.19 -17.07
CA ARG L 149 10.47 45.42 -17.54
C ARG L 149 9.36 46.34 -18.06
N LEU L 150 9.01 47.39 -17.30
CA LEU L 150 7.98 48.36 -17.67
C LEU L 150 8.35 49.13 -18.94
N THR L 151 9.66 49.40 -19.12
CA THR L 151 10.16 50.11 -20.30
C THR L 151 10.01 49.22 -21.55
N GLN L 152 10.30 47.92 -21.41
CA GLN L 152 10.17 46.92 -22.47
C GLN L 152 8.70 46.72 -22.88
N GLU L 153 7.80 46.75 -21.89
CA GLU L 153 6.36 46.59 -22.13
C GLU L 153 5.72 47.80 -22.83
N ARG L 154 6.34 49.00 -22.72
CA ARG L 154 5.85 50.19 -23.40
C ARG L 154 6.15 50.16 -24.91
N ILE L 155 7.24 49.48 -25.31
CA ILE L 155 7.65 49.32 -26.72
C ILE L 155 6.63 48.44 -27.48
N ALA L 156 6.10 47.41 -26.80
CA ALA L 156 5.10 46.50 -27.38
C ALA L 156 3.80 47.24 -27.74
#